data_8SL0
# 
_entry.id   8SL0 
# 
_audit_conform.dict_name       mmcif_pdbx.dic 
_audit_conform.dict_version    5.403 
_audit_conform.dict_location   http://mmcif.pdb.org/dictionaries/ascii/mmcif_pdbx.dic 
# 
loop_
_database_2.database_id 
_database_2.database_code 
_database_2.pdbx_database_accession 
_database_2.pdbx_DOI 
PDB   8SL0         pdb_00008sl0 10.2210/pdb8sl0/pdb 
WWPDB D_1000273983 ?            ?                   
EMDB  EMD-40570    ?            ?                   
# 
loop_
_pdbx_audit_revision_history.ordinal 
_pdbx_audit_revision_history.data_content_type 
_pdbx_audit_revision_history.major_revision 
_pdbx_audit_revision_history.minor_revision 
_pdbx_audit_revision_history.revision_date 
_pdbx_audit_revision_history.part_number 
1  'Structure model' 1 0 2023-05-17 ? 
2  'EM metadata'     1 0 2023-05-17 ? 
3  FSC               1 0 2023-05-17 ? 
4  'Half map'        1 0 2023-05-17 1 
5  'Half map'        1 0 2023-05-17 2 
6  Image             1 0 2023-05-17 ? 
7  'Primary map'     1 0 2023-05-17 ? 
8  'Structure model' 1 1 2023-05-24 ? 
9  FSC               1 0 2023-05-17 ? 
10 'Half map'        1 0 2023-05-17 1 
11 'Half map'        1 0 2023-05-17 2 
12 Image             1 0 2023-05-17 ? 
13 'Primary map'     1 0 2023-05-17 ? 
14 'Structure model' 1 2 2024-04-03 ? 
15 FSC               1 0 2023-05-17 ? 
16 'Half map'        1 0 2023-05-17 1 
17 'Half map'        1 0 2023-05-17 2 
18 Image             1 0 2023-05-17 ? 
19 'Primary map'     1 0 2023-05-17 ? 
20 'Structure model' 1 3 2024-05-01 ? 
21 FSC               1 0 2023-05-17 ? 
22 'Half map'        1 0 2023-05-17 1 
23 'Half map'        1 0 2023-05-17 2 
24 Image             1 0 2023-05-17 ? 
25 'Primary map'     1 0 2023-05-17 ? 
26 'Structure model' 1 4 2025-05-28 ? 
27 'EM metadata'     1 1 2025-05-28 ? 
# 
loop_
_pdbx_audit_revision_details.ordinal 
_pdbx_audit_revision_details.revision_ordinal 
_pdbx_audit_revision_details.data_content_type 
_pdbx_audit_revision_details.provider 
_pdbx_audit_revision_details.type 
_pdbx_audit_revision_details.description 
_pdbx_audit_revision_details.details 
1  1  'Structure model' repository 'Initial release' ? ? 
2  2  'EM metadata'     repository 'Initial release' ? ? 
3  3  FSC               repository 'Initial release' ? ? 
4  4  'Half map'        repository 'Initial release' ? ? 
5  5  'Half map'        repository 'Initial release' ? ? 
6  6  Image             repository 'Initial release' ? ? 
7  7  'Primary map'     repository 'Initial release' ? ? 
8  9  FSC               repository 'Initial release' ? ? 
9  10 'Half map'        repository 'Initial release' ? ? 
10 11 'Half map'        repository 'Initial release' ? ? 
11 12 Image             repository 'Initial release' ? ? 
12 13 'Primary map'     repository 'Initial release' ? ? 
13 15 FSC               repository 'Initial release' ? ? 
14 16 'Half map'        repository 'Initial release' ? ? 
15 17 'Half map'        repository 'Initial release' ? ? 
16 18 Image             repository 'Initial release' ? ? 
17 19 'Primary map'     repository 'Initial release' ? ? 
18 21 FSC               repository 'Initial release' ? ? 
19 22 'Half map'        repository 'Initial release' ? ? 
20 23 'Half map'        repository 'Initial release' ? ? 
21 24 Image             repository 'Initial release' ? ? 
22 25 'Primary map'     repository 'Initial release' ? ? 
# 
loop_
_pdbx_audit_revision_group.ordinal 
_pdbx_audit_revision_group.revision_ordinal 
_pdbx_audit_revision_group.data_content_type 
_pdbx_audit_revision_group.group 
1 8  'Structure model' 'Database references'  
2 14 'Structure model' 'Data collection'      
3 14 'Structure model' 'Database references'  
4 20 'Structure model' 'Database references'  
5 26 'Structure model' 'Data collection'      
6 26 'Structure model' 'Structure summary'    
7 27 'EM metadata'     'Data processing'      
8 27 'EM metadata'     'Experimental summary' 
# 
loop_
_pdbx_audit_revision_category.ordinal 
_pdbx_audit_revision_category.revision_ordinal 
_pdbx_audit_revision_category.data_content_type 
_pdbx_audit_revision_category.category 
1  8  'Structure model' citation           
2  14 'Structure model' chem_comp_atom     
3  14 'Structure model' chem_comp_bond     
4  14 'Structure model' citation           
5  14 'Structure model' citation_author    
6  20 'Structure model' citation           
7  20 'Structure model' citation_author    
8  26 'Structure model' em_admin           
9  26 'Structure model' em_software        
10 26 'Structure model' pdbx_entry_details 
11 27 'EM metadata'     em_admin           
12 27 'EM metadata'     em_software        
# 
loop_
_pdbx_audit_revision_item.ordinal 
_pdbx_audit_revision_item.revision_ordinal 
_pdbx_audit_revision_item.data_content_type 
_pdbx_audit_revision_item.item 
1  8  'Structure model' '_citation.journal_abbrev'          
2  8  'Structure model' '_citation.pdbx_database_id_DOI'    
3  8  'Structure model' '_citation.pdbx_database_id_PubMed' 
4  8  'Structure model' '_citation.title'                   
5  20 'Structure model' '_citation.journal_volume'          
6  20 'Structure model' '_citation.page_first'              
7  20 'Structure model' '_citation.page_last'               
8  20 'Structure model' '_citation_author.identifier_ORCID' 
9  26 'Structure model' '_em_admin.last_update'             
10 26 'Structure model' '_em_software.name'                 
11 27 'EM metadata'     '_em_admin.last_update'             
12 27 'EM metadata'     '_em_software.name'                 
# 
_pdbx_database_status.status_code                     REL 
_pdbx_database_status.status_code_sf                  ? 
_pdbx_database_status.status_code_mr                  ? 
_pdbx_database_status.entry_id                        8SL0 
_pdbx_database_status.recvd_initial_deposition_date   2023-04-20 
_pdbx_database_status.SG_entry                        N 
_pdbx_database_status.deposit_site                    RCSB 
_pdbx_database_status.process_site                    RCSB 
_pdbx_database_status.status_code_cs                  ? 
_pdbx_database_status.status_code_nmr_data            ? 
_pdbx_database_status.methods_development_category    CAPRI 
_pdbx_database_status.pdb_format_compatible           N 
# 
_pdbx_database_related.db_name        EMDB 
_pdbx_database_related.details        'Structure of a bacterial gasdermin slinky-like oligomer' 
_pdbx_database_related.db_id          EMD-40570 
_pdbx_database_related.content_type   'associated EM volume' 
# 
_pdbx_contact_author.id                 2 
_pdbx_contact_author.email              philipkranzusch@gmail.com 
_pdbx_contact_author.name_first         Philip 
_pdbx_contact_author.name_last          Kranzusch 
_pdbx_contact_author.name_mi            J 
_pdbx_contact_author.role               'principal investigator/group leader' 
_pdbx_contact_author.identifier_ORCID   0000-0002-4943-733X 
# 
loop_
_audit_author.name 
_audit_author.pdbx_ordinal 
_audit_author.identifier_ORCID 
'Johnson, A.G.'   1 0000-0002-4040-9797 
'Mayer, M.L.'     2 0000-0001-9738-786X 
'Kranzusch, P.J.' 3 0000-0002-4943-733X 
# 
loop_
_citation.abstract 
_citation.abstract_id_CAS 
_citation.book_id_ISBN 
_citation.book_publisher 
_citation.book_publisher_city 
_citation.book_title 
_citation.coordinate_linkage 
_citation.country 
_citation.database_id_Medline 
_citation.details 
_citation.id 
_citation.journal_abbrev 
_citation.journal_id_ASTM 
_citation.journal_id_CSD 
_citation.journal_id_ISSN 
_citation.journal_full 
_citation.journal_issue 
_citation.journal_volume 
_citation.language 
_citation.page_first 
_citation.page_last 
_citation.title 
_citation.year 
_citation.database_id_CSD 
_citation.pdbx_database_id_DOI 
_citation.pdbx_database_id_PubMed 
_citation.pdbx_database_id_patent 
_citation.unpublished_flag 
? ? ? ? ? ? ? UK ? ? primary Nature  NATUAS 0006 1476-4687 ? ? 628 ? 657 663 
'Structure and assembly of a bacterial gasdermin pore.' 2024 ? 10.1038/s41586-024-07216-3 38509367 ? ? 
? ? ? ? ? ? ? US ? ? 1       Biorxiv ?      ?    2692-8205 ? ? ?   ? ?   ?   
'Structure and assembly of a bacterial gasdermin pore.' 2023 ? 10.1101/2023.04.20.537723  37131678 ? ? 
# 
loop_
_citation_author.citation_id 
_citation_author.name 
_citation_author.ordinal 
_citation_author.identifier_ORCID 
primary 'Johnson, A.G.'            1  ?                   
primary 'Mayer, M.L.'              2  ?                   
primary 'Schaefer, S.L.'           3  ?                   
primary 'McNamara-Bordewick, N.K.' 4  ?                   
primary 'Hummer, G.'               5  ?                   
primary 'Kranzusch, P.J.'          6  ?                   
1       'Johnson, A.G.'            7  0000-0002-4040-9797 
1       'Mayer, M.L.'              8  0000-0001-9738-786X 
1       'Schaefer, S.L.'           9  0000-0001-7942-8701 
1       'McNamara-Bordewick, N.K.' 10 ?                   
1       'Hummer, G.'               11 0000-0001-7768-746X 
1       'Kranzusch, P.J.'          12 0000-0002-4943-733X 
# 
_entity.id                         1 
_entity.type                       polymer 
_entity.src_method                 man 
_entity.pdbx_description           'Gasdermin bGSDM' 
_entity.formula_weight             25566.246 
_entity.pdbx_number_of_molecules   1 
_entity.pdbx_ec                    ? 
_entity.pdbx_mutation              ? 
_entity.pdbx_fragment              ? 
_entity.details                    ? 
# 
_entity_name_com.entity_id   1 
_entity_name_com.name        'bGSDM,Bacterial gasdermin' 
# 
_entity_poly.entity_id                      1 
_entity_poly.type                           'polypeptide(L)' 
_entity_poly.nstd_linkage                   no 
_entity_poly.nstd_monomer                   no 
_entity_poly.pdbx_seq_one_letter_code       
;SGLCSDPAITYLKRLGYNVVRLPREGIQPLHLLGQQRGTVEYLGSLEKLITQPPSEPPAITRDQAAAGINGQKTENLSFS
IGINILKSVLAQFGAGAGIEAQYNQARKVRFEFSNVLADSVEPLAVGQFLKMAEVDADNPVLKQYVLGNGRLYVITQVIK
SNEFTVAAEKSGGGSIQLDVPEIQKVVGGKLKVEASVSSQSTVTYKGEKQLVFGFKCFEIGVKNGEITLFASQLVPR
;
_entity_poly.pdbx_seq_one_letter_code_can   
;SGLCSDPAITYLKRLGYNVVRLPREGIQPLHLLGQQRGTVEYLGSLEKLITQPPSEPPAITRDQAAAGINGQKTENLSFS
IGINILKSVLAQFGAGAGIEAQYNQARKVRFEFSNVLADSVEPLAVGQFLKMAEVDADNPVLKQYVLGNGRLYVITQVIK
SNEFTVAAEKSGGGSIQLDVPEIQKVVGGKLKVEASVSSQSTVTYKGEKQLVFGFKCFEIGVKNGEITLFASQLVPR
;
_entity_poly.pdbx_strand_id                 A 
_entity_poly.pdbx_target_identifier         ? 
# 
loop_
_entity_poly_seq.entity_id 
_entity_poly_seq.num 
_entity_poly_seq.mon_id 
_entity_poly_seq.hetero 
1 1   SER n 
1 2   GLY n 
1 3   LEU n 
1 4   CYS n 
1 5   SER n 
1 6   ASP n 
1 7   PRO n 
1 8   ALA n 
1 9   ILE n 
1 10  THR n 
1 11  TYR n 
1 12  LEU n 
1 13  LYS n 
1 14  ARG n 
1 15  LEU n 
1 16  GLY n 
1 17  TYR n 
1 18  ASN n 
1 19  VAL n 
1 20  VAL n 
1 21  ARG n 
1 22  LEU n 
1 23  PRO n 
1 24  ARG n 
1 25  GLU n 
1 26  GLY n 
1 27  ILE n 
1 28  GLN n 
1 29  PRO n 
1 30  LEU n 
1 31  HIS n 
1 32  LEU n 
1 33  LEU n 
1 34  GLY n 
1 35  GLN n 
1 36  GLN n 
1 37  ARG n 
1 38  GLY n 
1 39  THR n 
1 40  VAL n 
1 41  GLU n 
1 42  TYR n 
1 43  LEU n 
1 44  GLY n 
1 45  SER n 
1 46  LEU n 
1 47  GLU n 
1 48  LYS n 
1 49  LEU n 
1 50  ILE n 
1 51  THR n 
1 52  GLN n 
1 53  PRO n 
1 54  PRO n 
1 55  SER n 
1 56  GLU n 
1 57  PRO n 
1 58  PRO n 
1 59  ALA n 
1 60  ILE n 
1 61  THR n 
1 62  ARG n 
1 63  ASP n 
1 64  GLN n 
1 65  ALA n 
1 66  ALA n 
1 67  ALA n 
1 68  GLY n 
1 69  ILE n 
1 70  ASN n 
1 71  GLY n 
1 72  GLN n 
1 73  LYS n 
1 74  THR n 
1 75  GLU n 
1 76  ASN n 
1 77  LEU n 
1 78  SER n 
1 79  PHE n 
1 80  SER n 
1 81  ILE n 
1 82  GLY n 
1 83  ILE n 
1 84  ASN n 
1 85  ILE n 
1 86  LEU n 
1 87  LYS n 
1 88  SER n 
1 89  VAL n 
1 90  LEU n 
1 91  ALA n 
1 92  GLN n 
1 93  PHE n 
1 94  GLY n 
1 95  ALA n 
1 96  GLY n 
1 97  ALA n 
1 98  GLY n 
1 99  ILE n 
1 100 GLU n 
1 101 ALA n 
1 102 GLN n 
1 103 TYR n 
1 104 ASN n 
1 105 GLN n 
1 106 ALA n 
1 107 ARG n 
1 108 LYS n 
1 109 VAL n 
1 110 ARG n 
1 111 PHE n 
1 112 GLU n 
1 113 PHE n 
1 114 SER n 
1 115 ASN n 
1 116 VAL n 
1 117 LEU n 
1 118 ALA n 
1 119 ASP n 
1 120 SER n 
1 121 VAL n 
1 122 GLU n 
1 123 PRO n 
1 124 LEU n 
1 125 ALA n 
1 126 VAL n 
1 127 GLY n 
1 128 GLN n 
1 129 PHE n 
1 130 LEU n 
1 131 LYS n 
1 132 MET n 
1 133 ALA n 
1 134 GLU n 
1 135 VAL n 
1 136 ASP n 
1 137 ALA n 
1 138 ASP n 
1 139 ASN n 
1 140 PRO n 
1 141 VAL n 
1 142 LEU n 
1 143 LYS n 
1 144 GLN n 
1 145 TYR n 
1 146 VAL n 
1 147 LEU n 
1 148 GLY n 
1 149 ASN n 
1 150 GLY n 
1 151 ARG n 
1 152 LEU n 
1 153 TYR n 
1 154 VAL n 
1 155 ILE n 
1 156 THR n 
1 157 GLN n 
1 158 VAL n 
1 159 ILE n 
1 160 LYS n 
1 161 SER n 
1 162 ASN n 
1 163 GLU n 
1 164 PHE n 
1 165 THR n 
1 166 VAL n 
1 167 ALA n 
1 168 ALA n 
1 169 GLU n 
1 170 LYS n 
1 171 SER n 
1 172 GLY n 
1 173 GLY n 
1 174 GLY n 
1 175 SER n 
1 176 ILE n 
1 177 GLN n 
1 178 LEU n 
1 179 ASP n 
1 180 VAL n 
1 181 PRO n 
1 182 GLU n 
1 183 ILE n 
1 184 GLN n 
1 185 LYS n 
1 186 VAL n 
1 187 VAL n 
1 188 GLY n 
1 189 GLY n 
1 190 LYS n 
1 191 LEU n 
1 192 LYS n 
1 193 VAL n 
1 194 GLU n 
1 195 ALA n 
1 196 SER n 
1 197 VAL n 
1 198 SER n 
1 199 SER n 
1 200 GLN n 
1 201 SER n 
1 202 THR n 
1 203 VAL n 
1 204 THR n 
1 205 TYR n 
1 206 LYS n 
1 207 GLY n 
1 208 GLU n 
1 209 LYS n 
1 210 GLN n 
1 211 LEU n 
1 212 VAL n 
1 213 PHE n 
1 214 GLY n 
1 215 PHE n 
1 216 LYS n 
1 217 CYS n 
1 218 PHE n 
1 219 GLU n 
1 220 ILE n 
1 221 GLY n 
1 222 VAL n 
1 223 LYS n 
1 224 ASN n 
1 225 GLY n 
1 226 GLU n 
1 227 ILE n 
1 228 THR n 
1 229 LEU n 
1 230 PHE n 
1 231 ALA n 
1 232 SER n 
1 233 GLN n 
1 234 LEU n 
1 235 VAL n 
1 236 PRO n 
1 237 ARG n 
# 
_entity_src_gen.entity_id                          1 
_entity_src_gen.pdbx_src_id                        1 
_entity_src_gen.pdbx_alt_source_flag               sample 
_entity_src_gen.pdbx_seq_type                      'Biological sequence' 
_entity_src_gen.pdbx_beg_seq_num                   1 
_entity_src_gen.pdbx_end_seq_num                   237 
_entity_src_gen.gene_src_common_name               ? 
_entity_src_gen.gene_src_genus                     ? 
_entity_src_gen.pdbx_gene_src_gene                 'DAT35_31115, Ga0334635_1658' 
_entity_src_gen.gene_src_species                   ? 
_entity_src_gen.gene_src_strain                    ? 
_entity_src_gen.gene_src_tissue                    ? 
_entity_src_gen.gene_src_tissue_fraction           ? 
_entity_src_gen.gene_src_details                   ? 
_entity_src_gen.pdbx_gene_src_fragment             ? 
_entity_src_gen.pdbx_gene_src_scientific_name      'Vitiosangium sp. GDMCC 1.1324' 
_entity_src_gen.pdbx_gene_src_ncbi_taxonomy_id     2138576 
_entity_src_gen.pdbx_gene_src_variant              ? 
_entity_src_gen.pdbx_gene_src_cell_line            ? 
_entity_src_gen.pdbx_gene_src_atcc                 ? 
_entity_src_gen.pdbx_gene_src_organ                ? 
_entity_src_gen.pdbx_gene_src_organelle            ? 
_entity_src_gen.pdbx_gene_src_cell                 ? 
_entity_src_gen.pdbx_gene_src_cellular_location    ? 
_entity_src_gen.host_org_common_name               ? 
_entity_src_gen.pdbx_host_org_scientific_name      'Escherichia coli BL21(DE3)' 
_entity_src_gen.pdbx_host_org_ncbi_taxonomy_id     469008 
_entity_src_gen.host_org_genus                     ? 
_entity_src_gen.pdbx_host_org_gene                 ? 
_entity_src_gen.pdbx_host_org_organ                ? 
_entity_src_gen.host_org_species                   ? 
_entity_src_gen.pdbx_host_org_tissue               ? 
_entity_src_gen.pdbx_host_org_tissue_fraction      ? 
_entity_src_gen.pdbx_host_org_strain               ? 
_entity_src_gen.pdbx_host_org_variant              ? 
_entity_src_gen.pdbx_host_org_cell_line            ? 
_entity_src_gen.pdbx_host_org_atcc                 ? 
_entity_src_gen.pdbx_host_org_culture_collection   ? 
_entity_src_gen.pdbx_host_org_cell                 ? 
_entity_src_gen.pdbx_host_org_organelle            ? 
_entity_src_gen.pdbx_host_org_cellular_location    ? 
_entity_src_gen.pdbx_host_org_vector_type          ? 
_entity_src_gen.pdbx_host_org_vector               ? 
_entity_src_gen.host_org_details                   ? 
_entity_src_gen.expression_system_id               ? 
_entity_src_gen.plasmid_name                       ? 
_entity_src_gen.plasmid_details                    ? 
_entity_src_gen.pdbx_description                   ? 
# 
loop_
_chem_comp.id 
_chem_comp.type 
_chem_comp.mon_nstd_flag 
_chem_comp.name 
_chem_comp.pdbx_synonyms 
_chem_comp.formula 
_chem_comp.formula_weight 
ALA 'L-peptide linking' y ALANINE         ? 'C3 H7 N O2'     89.093  
ARG 'L-peptide linking' y ARGININE        ? 'C6 H15 N4 O2 1' 175.209 
ASN 'L-peptide linking' y ASPARAGINE      ? 'C4 H8 N2 O3'    132.118 
ASP 'L-peptide linking' y 'ASPARTIC ACID' ? 'C4 H7 N O4'     133.103 
CYS 'L-peptide linking' y CYSTEINE        ? 'C3 H7 N O2 S'   121.158 
GLN 'L-peptide linking' y GLUTAMINE       ? 'C5 H10 N2 O3'   146.144 
GLU 'L-peptide linking' y 'GLUTAMIC ACID' ? 'C5 H9 N O4'     147.129 
GLY 'peptide linking'   y GLYCINE         ? 'C2 H5 N O2'     75.067  
HIS 'L-peptide linking' y HISTIDINE       ? 'C6 H10 N3 O2 1' 156.162 
ILE 'L-peptide linking' y ISOLEUCINE      ? 'C6 H13 N O2'    131.173 
LEU 'L-peptide linking' y LEUCINE         ? 'C6 H13 N O2'    131.173 
LYS 'L-peptide linking' y LYSINE          ? 'C6 H15 N2 O2 1' 147.195 
MET 'L-peptide linking' y METHIONINE      ? 'C5 H11 N O2 S'  149.211 
PHE 'L-peptide linking' y PHENYLALANINE   ? 'C9 H11 N O2'    165.189 
PRO 'L-peptide linking' y PROLINE         ? 'C5 H9 N O2'     115.130 
SER 'L-peptide linking' y SERINE          ? 'C3 H7 N O3'     105.093 
THR 'L-peptide linking' y THREONINE       ? 'C4 H9 N O3'     119.119 
TYR 'L-peptide linking' y TYROSINE        ? 'C9 H11 N O3'    181.189 
VAL 'L-peptide linking' y VALINE          ? 'C5 H11 N O2'    117.146 
# 
loop_
_pdbx_poly_seq_scheme.asym_id 
_pdbx_poly_seq_scheme.entity_id 
_pdbx_poly_seq_scheme.seq_id 
_pdbx_poly_seq_scheme.mon_id 
_pdbx_poly_seq_scheme.ndb_seq_num 
_pdbx_poly_seq_scheme.pdb_seq_num 
_pdbx_poly_seq_scheme.auth_seq_num 
_pdbx_poly_seq_scheme.pdb_mon_id 
_pdbx_poly_seq_scheme.auth_mon_id 
_pdbx_poly_seq_scheme.pdb_strand_id 
_pdbx_poly_seq_scheme.pdb_ins_code 
_pdbx_poly_seq_scheme.hetero 
A 1 1   SER 1   1   ?   ?   ?   A . n 
A 1 2   GLY 2   2   ?   ?   ?   A . n 
A 1 3   LEU 3   3   ?   ?   ?   A . n 
A 1 4   CYS 4   4   ?   ?   ?   A . n 
A 1 5   SER 5   5   ?   ?   ?   A . n 
A 1 6   ASP 6   6   6   ASP ASP A . n 
A 1 7   PRO 7   7   7   PRO PRO A . n 
A 1 8   ALA 8   8   8   ALA ALA A . n 
A 1 9   ILE 9   9   9   ILE ILE A . n 
A 1 10  THR 10  10  10  THR THR A . n 
A 1 11  TYR 11  11  11  TYR TYR A . n 
A 1 12  LEU 12  12  12  LEU LEU A . n 
A 1 13  LYS 13  13  13  LYS LYS A . n 
A 1 14  ARG 14  14  14  ARG ARG A . n 
A 1 15  LEU 15  15  15  LEU LEU A . n 
A 1 16  GLY 16  16  16  GLY GLY A . n 
A 1 17  TYR 17  17  17  TYR TYR A . n 
A 1 18  ASN 18  18  18  ASN ASN A . n 
A 1 19  VAL 19  19  19  VAL VAL A . n 
A 1 20  VAL 20  20  20  VAL VAL A . n 
A 1 21  ARG 21  21  21  ARG ARG A . n 
A 1 22  LEU 22  22  22  LEU LEU A . n 
A 1 23  PRO 23  23  23  PRO PRO A . n 
A 1 24  ARG 24  24  24  ARG ARG A . n 
A 1 25  GLU 25  25  25  GLU GLU A . n 
A 1 26  GLY 26  26  26  GLY GLY A . n 
A 1 27  ILE 27  27  27  ILE ILE A . n 
A 1 28  GLN 28  28  28  GLN GLN A . n 
A 1 29  PRO 29  29  29  PRO PRO A . n 
A 1 30  LEU 30  30  30  LEU LEU A . n 
A 1 31  HIS 31  31  31  HIS HIS A . n 
A 1 32  LEU 32  32  32  LEU LEU A . n 
A 1 33  LEU 33  33  33  LEU LEU A . n 
A 1 34  GLY 34  34  34  GLY GLY A . n 
A 1 35  GLN 35  35  35  GLN GLN A . n 
A 1 36  GLN 36  36  36  GLN GLN A . n 
A 1 37  ARG 37  37  37  ARG ARG A . n 
A 1 38  GLY 38  38  38  GLY GLY A . n 
A 1 39  THR 39  39  39  THR THR A . n 
A 1 40  VAL 40  40  40  VAL VAL A . n 
A 1 41  GLU 41  41  41  GLU GLU A . n 
A 1 42  TYR 42  42  42  TYR TYR A . n 
A 1 43  LEU 43  43  43  LEU LEU A . n 
A 1 44  GLY 44  44  44  GLY GLY A . n 
A 1 45  SER 45  45  45  SER SER A . n 
A 1 46  LEU 46  46  46  LEU LEU A . n 
A 1 47  GLU 47  47  47  GLU GLU A . n 
A 1 48  LYS 48  48  48  LYS LYS A . n 
A 1 49  LEU 49  49  49  LEU LEU A . n 
A 1 50  ILE 50  50  50  ILE ILE A . n 
A 1 51  THR 51  51  51  THR THR A . n 
A 1 52  GLN 52  52  52  GLN GLN A . n 
A 1 53  PRO 53  53  53  PRO PRO A . n 
A 1 54  PRO 54  54  54  PRO PRO A . n 
A 1 55  SER 55  55  55  SER SER A . n 
A 1 56  GLU 56  56  56  GLU GLU A . n 
A 1 57  PRO 57  57  57  PRO PRO A . n 
A 1 58  PRO 58  58  58  PRO PRO A . n 
A 1 59  ALA 59  59  59  ALA ALA A . n 
A 1 60  ILE 60  60  60  ILE ILE A . n 
A 1 61  THR 61  61  61  THR THR A . n 
A 1 62  ARG 62  62  62  ARG ARG A . n 
A 1 63  ASP 63  63  63  ASP ASP A . n 
A 1 64  GLN 64  64  64  GLN GLN A . n 
A 1 65  ALA 65  65  65  ALA ALA A . n 
A 1 66  ALA 66  66  66  ALA ALA A . n 
A 1 67  ALA 67  67  67  ALA ALA A . n 
A 1 68  GLY 68  68  68  GLY GLY A . n 
A 1 69  ILE 69  69  69  ILE ILE A . n 
A 1 70  ASN 70  70  70  ASN ASN A . n 
A 1 71  GLY 71  71  71  GLY GLY A . n 
A 1 72  GLN 72  72  72  GLN GLN A . n 
A 1 73  LYS 73  73  73  LYS LYS A . n 
A 1 74  THR 74  74  74  THR THR A . n 
A 1 75  GLU 75  75  75  GLU GLU A . n 
A 1 76  ASN 76  76  76  ASN ASN A . n 
A 1 77  LEU 77  77  77  LEU LEU A . n 
A 1 78  SER 78  78  78  SER SER A . n 
A 1 79  PHE 79  79  79  PHE PHE A . n 
A 1 80  SER 80  80  80  SER SER A . n 
A 1 81  ILE 81  81  81  ILE ILE A . n 
A 1 82  GLY 82  82  82  GLY GLY A . n 
A 1 83  ILE 83  83  83  ILE ILE A . n 
A 1 84  ASN 84  84  84  ASN ASN A . n 
A 1 85  ILE 85  85  85  ILE ILE A . n 
A 1 86  LEU 86  86  86  LEU LEU A . n 
A 1 87  LYS 87  87  87  LYS LYS A . n 
A 1 88  SER 88  88  88  SER SER A . n 
A 1 89  VAL 89  89  89  VAL VAL A . n 
A 1 90  LEU 90  90  90  LEU LEU A . n 
A 1 91  ALA 91  91  91  ALA ALA A . n 
A 1 92  GLN 92  92  92  GLN GLN A . n 
A 1 93  PHE 93  93  93  PHE PHE A . n 
A 1 94  GLY 94  94  94  GLY GLY A . n 
A 1 95  ALA 95  95  95  ALA ALA A . n 
A 1 96  GLY 96  96  96  GLY GLY A . n 
A 1 97  ALA 97  97  97  ALA ALA A . n 
A 1 98  GLY 98  98  98  GLY GLY A . n 
A 1 99  ILE 99  99  99  ILE ILE A . n 
A 1 100 GLU 100 100 100 GLU GLU A . n 
A 1 101 ALA 101 101 101 ALA ALA A . n 
A 1 102 GLN 102 102 102 GLN GLN A . n 
A 1 103 TYR 103 103 103 TYR TYR A . n 
A 1 104 ASN 104 104 104 ASN ASN A . n 
A 1 105 GLN 105 105 105 GLN GLN A . n 
A 1 106 ALA 106 106 106 ALA ALA A . n 
A 1 107 ARG 107 107 107 ARG ARG A . n 
A 1 108 LYS 108 108 108 LYS LYS A . n 
A 1 109 VAL 109 109 109 VAL VAL A . n 
A 1 110 ARG 110 110 110 ARG ARG A . n 
A 1 111 PHE 111 111 111 PHE PHE A . n 
A 1 112 GLU 112 112 112 GLU GLU A . n 
A 1 113 PHE 113 113 113 PHE PHE A . n 
A 1 114 SER 114 114 114 SER SER A . n 
A 1 115 ASN 115 115 115 ASN ASN A . n 
A 1 116 VAL 116 116 116 VAL VAL A . n 
A 1 117 LEU 117 117 117 LEU LEU A . n 
A 1 118 ALA 118 118 118 ALA ALA A . n 
A 1 119 ASP 119 119 119 ASP ASP A . n 
A 1 120 SER 120 120 120 SER SER A . n 
A 1 121 VAL 121 121 121 VAL VAL A . n 
A 1 122 GLU 122 122 122 GLU GLU A . n 
A 1 123 PRO 123 123 123 PRO PRO A . n 
A 1 124 LEU 124 124 124 LEU LEU A . n 
A 1 125 ALA 125 125 125 ALA ALA A . n 
A 1 126 VAL 126 126 126 VAL VAL A . n 
A 1 127 GLY 127 127 127 GLY GLY A . n 
A 1 128 GLN 128 128 128 GLN GLN A . n 
A 1 129 PHE 129 129 129 PHE PHE A . n 
A 1 130 LEU 130 130 130 LEU LEU A . n 
A 1 131 LYS 131 131 131 LYS LYS A . n 
A 1 132 MET 132 132 132 MET MET A . n 
A 1 133 ALA 133 133 133 ALA ALA A . n 
A 1 134 GLU 134 134 134 GLU GLU A . n 
A 1 135 VAL 135 135 135 VAL VAL A . n 
A 1 136 ASP 136 136 136 ASP ASP A . n 
A 1 137 ALA 137 137 137 ALA ALA A . n 
A 1 138 ASP 138 138 138 ASP ASP A . n 
A 1 139 ASN 139 139 139 ASN ASN A . n 
A 1 140 PRO 140 140 140 PRO PRO A . n 
A 1 141 VAL 141 141 141 VAL VAL A . n 
A 1 142 LEU 142 142 142 LEU LEU A . n 
A 1 143 LYS 143 143 143 LYS LYS A . n 
A 1 144 GLN 144 144 144 GLN GLN A . n 
A 1 145 TYR 145 145 145 TYR TYR A . n 
A 1 146 VAL 146 146 146 VAL VAL A . n 
A 1 147 LEU 147 147 147 LEU LEU A . n 
A 1 148 GLY 148 148 148 GLY GLY A . n 
A 1 149 ASN 149 149 149 ASN ASN A . n 
A 1 150 GLY 150 150 150 GLY GLY A . n 
A 1 151 ARG 151 151 151 ARG ARG A . n 
A 1 152 LEU 152 152 152 LEU LEU A . n 
A 1 153 TYR 153 153 153 TYR TYR A . n 
A 1 154 VAL 154 154 154 VAL VAL A . n 
A 1 155 ILE 155 155 155 ILE ILE A . n 
A 1 156 THR 156 156 156 THR THR A . n 
A 1 157 GLN 157 157 157 GLN GLN A . n 
A 1 158 VAL 158 158 158 VAL VAL A . n 
A 1 159 ILE 159 159 159 ILE ILE A . n 
A 1 160 LYS 160 160 160 LYS LYS A . n 
A 1 161 SER 161 161 161 SER SER A . n 
A 1 162 ASN 162 162 162 ASN ASN A . n 
A 1 163 GLU 163 163 163 GLU GLU A . n 
A 1 164 PHE 164 164 164 PHE PHE A . n 
A 1 165 THR 165 165 165 THR THR A . n 
A 1 166 VAL 166 166 166 VAL VAL A . n 
A 1 167 ALA 167 167 167 ALA ALA A . n 
A 1 168 ALA 168 168 168 ALA ALA A . n 
A 1 169 GLU 169 169 169 GLU GLU A . n 
A 1 170 LYS 170 170 170 LYS LYS A . n 
A 1 171 SER 171 171 171 SER SER A . n 
A 1 172 GLY 172 172 172 GLY GLY A . n 
A 1 173 GLY 173 173 173 GLY GLY A . n 
A 1 174 GLY 174 174 174 GLY GLY A . n 
A 1 175 SER 175 175 175 SER SER A . n 
A 1 176 ILE 176 176 176 ILE ILE A . n 
A 1 177 GLN 177 177 177 GLN GLN A . n 
A 1 178 LEU 178 178 178 LEU LEU A . n 
A 1 179 ASP 179 179 179 ASP ASP A . n 
A 1 180 VAL 180 180 180 VAL VAL A . n 
A 1 181 PRO 181 181 181 PRO PRO A . n 
A 1 182 GLU 182 182 182 GLU GLU A . n 
A 1 183 ILE 183 183 183 ILE ILE A . n 
A 1 184 GLN 184 184 184 GLN GLN A . n 
A 1 185 LYS 185 185 185 LYS LYS A . n 
A 1 186 VAL 186 186 186 VAL VAL A . n 
A 1 187 VAL 187 187 187 VAL VAL A . n 
A 1 188 GLY 188 188 188 GLY GLY A . n 
A 1 189 GLY 189 189 189 GLY GLY A . n 
A 1 190 LYS 190 190 190 LYS LYS A . n 
A 1 191 LEU 191 191 191 LEU LEU A . n 
A 1 192 LYS 192 192 192 LYS LYS A . n 
A 1 193 VAL 193 193 193 VAL VAL A . n 
A 1 194 GLU 194 194 194 GLU GLU A . n 
A 1 195 ALA 195 195 195 ALA ALA A . n 
A 1 196 SER 196 196 196 SER SER A . n 
A 1 197 VAL 197 197 197 VAL VAL A . n 
A 1 198 SER 198 198 198 SER SER A . n 
A 1 199 SER 199 199 199 SER SER A . n 
A 1 200 GLN 200 200 200 GLN GLN A . n 
A 1 201 SER 201 201 201 SER SER A . n 
A 1 202 THR 202 202 202 THR THR A . n 
A 1 203 VAL 203 203 203 VAL VAL A . n 
A 1 204 THR 204 204 204 THR THR A . n 
A 1 205 TYR 205 205 205 TYR TYR A . n 
A 1 206 LYS 206 206 206 LYS LYS A . n 
A 1 207 GLY 207 207 207 GLY GLY A . n 
A 1 208 GLU 208 208 208 GLU GLU A . n 
A 1 209 LYS 209 209 209 LYS LYS A . n 
A 1 210 GLN 210 210 210 GLN GLN A . n 
A 1 211 LEU 211 211 211 LEU LEU A . n 
A 1 212 VAL 212 212 212 VAL VAL A . n 
A 1 213 PHE 213 213 213 PHE PHE A . n 
A 1 214 GLY 214 214 214 GLY GLY A . n 
A 1 215 PHE 215 215 215 PHE PHE A . n 
A 1 216 LYS 216 216 216 LYS LYS A . n 
A 1 217 CYS 217 217 217 CYS CYS A . n 
A 1 218 PHE 218 218 218 PHE PHE A . n 
A 1 219 GLU 219 219 219 GLU GLU A . n 
A 1 220 ILE 220 220 220 ILE ILE A . n 
A 1 221 GLY 221 221 221 GLY GLY A . n 
A 1 222 VAL 222 222 222 VAL VAL A . n 
A 1 223 LYS 223 223 223 LYS LYS A . n 
A 1 224 ASN 224 224 224 ASN ASN A . n 
A 1 225 GLY 225 225 225 GLY GLY A . n 
A 1 226 GLU 226 226 226 GLU GLU A . n 
A 1 227 ILE 227 227 227 ILE ILE A . n 
A 1 228 THR 228 228 228 THR THR A . n 
A 1 229 LEU 229 229 229 LEU LEU A . n 
A 1 230 PHE 230 230 230 PHE PHE A . n 
A 1 231 ALA 231 231 231 ALA ALA A . n 
A 1 232 SER 232 232 232 SER SER A . n 
A 1 233 GLN 233 233 233 GLN GLN A . n 
A 1 234 LEU 234 234 ?   ?   ?   A . n 
A 1 235 VAL 235 235 ?   ?   ?   A . n 
A 1 236 PRO 236 236 ?   ?   ?   A . n 
A 1 237 ARG 237 237 ?   ?   ?   A . n 
# 
_software.citation_id            ? 
_software.classification         refinement 
_software.compiler_name          ? 
_software.compiler_version       ? 
_software.contact_author         ? 
_software.contact_author_email   ? 
_software.date                   ? 
_software.description            ? 
_software.dependencies           ? 
_software.hardware               ? 
_software.language               ? 
_software.location               ? 
_software.mods                   ? 
_software.name                   PHENIX 
_software.os                     ? 
_software.os_version             ? 
_software.type                   ? 
_software.version                1.20.1_4487: 
_software.pdbx_ordinal           1 
# 
_cell.angle_alpha                  90.00 
_cell.angle_alpha_esd              ? 
_cell.angle_beta                   90.00 
_cell.angle_beta_esd               ? 
_cell.angle_gamma                  90.00 
_cell.angle_gamma_esd              ? 
_cell.entry_id                     8SL0 
_cell.details                      ? 
_cell.formula_units_Z              ? 
_cell.length_a                     1.00 
_cell.length_a_esd                 ? 
_cell.length_b                     1.00 
_cell.length_b_esd                 ? 
_cell.length_c                     1.00 
_cell.length_c_esd                 ? 
_cell.volume                       ? 
_cell.volume_esd                   ? 
_cell.Z_PDB                        ? 
_cell.reciprocal_angle_alpha       ? 
_cell.reciprocal_angle_beta        ? 
_cell.reciprocal_angle_gamma       ? 
_cell.reciprocal_angle_alpha_esd   ? 
_cell.reciprocal_angle_beta_esd    ? 
_cell.reciprocal_angle_gamma_esd   ? 
_cell.reciprocal_length_a          ? 
_cell.reciprocal_length_b          ? 
_cell.reciprocal_length_c          ? 
_cell.reciprocal_length_a_esd      ? 
_cell.reciprocal_length_b_esd      ? 
_cell.reciprocal_length_c_esd      ? 
_cell.pdbx_unique_axis             ? 
_cell.pdbx_esd_method              ? 
# 
_symmetry.entry_id                         8SL0 
_symmetry.cell_setting                     ? 
_symmetry.Int_Tables_number                1 
_symmetry.space_group_name_Hall            ? 
_symmetry.space_group_name_H-M             'P 1' 
_symmetry.pdbx_full_space_group_name_H-M   ? 
# 
_exptl.absorpt_coefficient_mu     ? 
_exptl.absorpt_correction_T_max   ? 
_exptl.absorpt_correction_T_min   ? 
_exptl.absorpt_correction_type    ? 
_exptl.absorpt_process_details    ? 
_exptl.entry_id                   8SL0 
_exptl.crystals_number            ? 
_exptl.details                    ? 
_exptl.method                     'ELECTRON MICROSCOPY' 
_exptl.method_details             ? 
# 
_refine.pdbx_refine_id                           'ELECTRON MICROSCOPY' 
_refine.entry_id                                 8SL0 
_refine.pdbx_diffrn_id                           ? 
_refine.pdbx_TLS_residual_ADP_flag               ? 
_refine.ls_number_reflns_obs                     ? 
_refine.ls_number_reflns_all                     ? 
_refine.pdbx_ls_sigma_I                          ? 
_refine.pdbx_ls_sigma_F                          ? 
_refine.pdbx_data_cutoff_high_absF               ? 
_refine.pdbx_data_cutoff_low_absF                ? 
_refine.pdbx_data_cutoff_high_rms_absF           ? 
_refine.ls_d_res_low                             ? 
_refine.ls_d_res_high                            . 
_refine.ls_percent_reflns_obs                    ? 
_refine.ls_R_factor_obs                          ? 
_refine.ls_R_factor_all                          ? 
_refine.ls_R_factor_R_work                       ? 
_refine.ls_R_factor_R_free                       ? 
_refine.ls_R_factor_R_free_error                 ? 
_refine.ls_R_factor_R_free_error_details         ? 
_refine.ls_percent_reflns_R_free                 ? 
_refine.ls_number_reflns_R_free                  ? 
_refine.ls_number_parameters                     ? 
_refine.ls_number_restraints                     ? 
_refine.occupancy_min                            ? 
_refine.occupancy_max                            ? 
_refine.correlation_coeff_Fo_to_Fc               ? 
_refine.correlation_coeff_Fo_to_Fc_free          ? 
_refine.B_iso_mean                               ? 
_refine.aniso_B[1][1]                            ? 
_refine.aniso_B[2][2]                            ? 
_refine.aniso_B[3][3]                            ? 
_refine.aniso_B[1][2]                            ? 
_refine.aniso_B[1][3]                            ? 
_refine.aniso_B[2][3]                            ? 
_refine.solvent_model_details                    ? 
_refine.solvent_model_param_ksol                 ? 
_refine.solvent_model_param_bsol                 ? 
_refine.pdbx_solvent_vdw_probe_radii             ? 
_refine.pdbx_solvent_ion_probe_radii             ? 
_refine.pdbx_solvent_shrinkage_radii             ? 
_refine.pdbx_ls_cross_valid_method               ? 
_refine.details                                  ? 
_refine.pdbx_starting_model                      ? 
_refine.pdbx_method_to_determine_struct          ? 
_refine.pdbx_isotropic_thermal_model             ? 
_refine.pdbx_stereochemistry_target_values       ? 
_refine.pdbx_stereochem_target_val_spec_case     ? 
_refine.pdbx_R_Free_selection_details            ? 
_refine.pdbx_overall_ESU_R                       ? 
_refine.pdbx_overall_ESU_R_Free                  ? 
_refine.overall_SU_ML                            ? 
_refine.pdbx_overall_phase_error                 ? 
_refine.overall_SU_B                             ? 
_refine.overall_SU_R_Cruickshank_DPI             ? 
_refine.pdbx_overall_SU_R_free_Cruickshank_DPI   ? 
_refine.pdbx_overall_SU_R_Blow_DPI               ? 
_refine.pdbx_overall_SU_R_free_Blow_DPI          ? 
# 
loop_
_refine_ls_restr.pdbx_refine_id 
_refine_ls_restr.criterion 
_refine_ls_restr.dev_ideal 
_refine_ls_restr.dev_ideal_target 
_refine_ls_restr.number 
_refine_ls_restr.rejects 
_refine_ls_restr.type 
_refine_ls_restr.weight 
_refine_ls_restr.pdbx_restraint_function 
'ELECTRON MICROSCOPY' ? 0.003 ? 1764 ? f_bond_d           ? ? 
'ELECTRON MICROSCOPY' ? 0.568 ? 2384 ? f_angle_d          ? ? 
'ELECTRON MICROSCOPY' ? 4.214 ? 242  ? f_dihedral_angle_d ? ? 
'ELECTRON MICROSCOPY' ? 0.046 ? 274  ? f_chiral_restr     ? ? 
'ELECTRON MICROSCOPY' ? 0.004 ? 312  ? f_plane_restr      ? ? 
# 
_struct.entry_id                     8SL0 
_struct.title                        'Structure of a bacterial gasdermin slinky-like oligomer' 
_struct.pdbx_model_details           ? 
_struct.pdbx_formula_weight          ? 
_struct.pdbx_formula_weight_method   ? 
_struct.pdbx_model_type_details      ? 
_struct.pdbx_CASP_flag               N 
# 
_struct_keywords.entry_id        8SL0 
_struct_keywords.text            
'viral mimicry, gasdermin, caspase, autoinhibition, pyroptosis, bats, immunity, cell death, IMMUNE SYSTEM' 
_struct_keywords.pdbx_keywords   'IMMUNE SYSTEM' 
# 
_struct_asym.id                            A 
_struct_asym.pdbx_blank_PDB_chainid_flag   N 
_struct_asym.pdbx_modified                 N 
_struct_asym.entity_id                     1 
_struct_asym.details                       ? 
# 
_struct_ref.id                         1 
_struct_ref.db_name                    UNP 
_struct_ref.db_code                    GSDM_VITXG 
_struct_ref.pdbx_db_accession          A0A2T4VDM4 
_struct_ref.pdbx_db_isoform            ? 
_struct_ref.entity_id                  1 
_struct_ref.pdbx_seq_one_letter_code   
;GLCSDPAITYLKRLGYNVVRLPREGIQPLHLLGQQRGTVEYLGSLEKLITQPPSEPPAITRDQAAAGINGQKTENLSFSI
GINILKSVLAQFGAGAGIEAQYNQARKVRFEFSNVLADSVEPLAVGQFLKMAEVDADNPVLKQYVLGNGRLYVITQVIKS
NEFTVAAEKSGGGSIQLDVPEIQKVVGGKLKVEASVSSQSTVTYKGEKQLVFGFKCFEIGVKNGEITLFASQ
;
_struct_ref.pdbx_align_begin           2 
# 
_struct_ref_seq.align_id                      1 
_struct_ref_seq.ref_id                        1 
_struct_ref_seq.pdbx_PDB_id_code              8SL0 
_struct_ref_seq.pdbx_strand_id                A 
_struct_ref_seq.seq_align_beg                 2 
_struct_ref_seq.pdbx_seq_align_beg_ins_code   ? 
_struct_ref_seq.seq_align_end                 233 
_struct_ref_seq.pdbx_seq_align_end_ins_code   ? 
_struct_ref_seq.pdbx_db_accession             A0A2T4VDM4 
_struct_ref_seq.db_align_beg                  2 
_struct_ref_seq.pdbx_db_align_beg_ins_code    ? 
_struct_ref_seq.db_align_end                  233 
_struct_ref_seq.pdbx_db_align_end_ins_code    ? 
_struct_ref_seq.pdbx_auth_seq_align_beg       2 
_struct_ref_seq.pdbx_auth_seq_align_end       233 
# 
loop_
_struct_ref_seq_dif.align_id 
_struct_ref_seq_dif.pdbx_pdb_id_code 
_struct_ref_seq_dif.mon_id 
_struct_ref_seq_dif.pdbx_pdb_strand_id 
_struct_ref_seq_dif.seq_num 
_struct_ref_seq_dif.pdbx_pdb_ins_code 
_struct_ref_seq_dif.pdbx_seq_db_name 
_struct_ref_seq_dif.pdbx_seq_db_accession_code 
_struct_ref_seq_dif.db_mon_id 
_struct_ref_seq_dif.pdbx_seq_db_seq_num 
_struct_ref_seq_dif.details 
_struct_ref_seq_dif.pdbx_auth_seq_num 
_struct_ref_seq_dif.pdbx_ordinal 
1 8SL0 SER A 1   ? UNP A0A2T4VDM4 ? ? 'expression tag' 1   1 
1 8SL0 LEU A 234 ? UNP A0A2T4VDM4 ? ? 'expression tag' 234 2 
1 8SL0 VAL A 235 ? UNP A0A2T4VDM4 ? ? 'expression tag' 235 3 
1 8SL0 PRO A 236 ? UNP A0A2T4VDM4 ? ? 'expression tag' 236 4 
1 8SL0 ARG A 237 ? UNP A0A2T4VDM4 ? ? 'expression tag' 237 5 
# 
_pdbx_struct_assembly.id                   1 
_pdbx_struct_assembly.details              author_defined_assembly 
_pdbx_struct_assembly.method_details       ? 
_pdbx_struct_assembly.oligomeric_details   monomeric 
_pdbx_struct_assembly.oligomeric_count     1 
# 
_pdbx_struct_assembly_gen.assembly_id       1 
_pdbx_struct_assembly_gen.oper_expression   1 
_pdbx_struct_assembly_gen.asym_id_list      A 
# 
_pdbx_struct_assembly_auth_evidence.id                     1 
_pdbx_struct_assembly_auth_evidence.assembly_id            1 
_pdbx_struct_assembly_auth_evidence.experimental_support   'electron microscopy' 
_pdbx_struct_assembly_auth_evidence.details                
;assembly is derived from a membrane pore sample which was visualized by EM on liposomes and was biochemically demonstrated to perforate membranes
;
# 
_pdbx_struct_oper_list.id                   1 
_pdbx_struct_oper_list.type                 'identity operation' 
_pdbx_struct_oper_list.name                 1_555 
_pdbx_struct_oper_list.symmetry_operation   ? 
_pdbx_struct_oper_list.matrix[1][1]         1.0000000000 
_pdbx_struct_oper_list.matrix[1][2]         0.0000000000 
_pdbx_struct_oper_list.matrix[1][3]         0.0000000000 
_pdbx_struct_oper_list.vector[1]            0.0000000000 
_pdbx_struct_oper_list.matrix[2][1]         0.0000000000 
_pdbx_struct_oper_list.matrix[2][2]         1.0000000000 
_pdbx_struct_oper_list.matrix[2][3]         0.0000000000 
_pdbx_struct_oper_list.vector[2]            0.0000000000 
_pdbx_struct_oper_list.matrix[3][1]         0.0000000000 
_pdbx_struct_oper_list.matrix[3][2]         0.0000000000 
_pdbx_struct_oper_list.matrix[3][3]         1.0000000000 
_pdbx_struct_oper_list.vector[3]            0.0000000000 
# 
loop_
_struct_conf.conf_type_id 
_struct_conf.id 
_struct_conf.pdbx_PDB_helix_id 
_struct_conf.beg_label_comp_id 
_struct_conf.beg_label_asym_id 
_struct_conf.beg_label_seq_id 
_struct_conf.pdbx_beg_PDB_ins_code 
_struct_conf.end_label_comp_id 
_struct_conf.end_label_asym_id 
_struct_conf.end_label_seq_id 
_struct_conf.pdbx_end_PDB_ins_code 
_struct_conf.beg_auth_comp_id 
_struct_conf.beg_auth_asym_id 
_struct_conf.beg_auth_seq_id 
_struct_conf.end_auth_comp_id 
_struct_conf.end_auth_asym_id 
_struct_conf.end_auth_seq_id 
_struct_conf.pdbx_PDB_helix_class 
_struct_conf.details 
_struct_conf.pdbx_PDB_helix_length 
HELX_P HELX_P1 AA1 ASP A 6   ? TYR A 11  ? ASP A 6   TYR A 11  1 ? 6  
HELX_P HELX_P2 AA2 SER A 45  ? LEU A 49  ? SER A 45  LEU A 49  5 ? 5  
HELX_P HELX_P3 AA3 GLU A 122 ? LYS A 131 ? GLU A 122 LYS A 131 1 ? 10 
HELX_P HELX_P4 AA4 ASN A 139 ? LEU A 147 ? ASN A 139 LEU A 147 1 ? 9  
# 
_struct_conf_type.id          HELX_P 
_struct_conf_type.criteria    ? 
_struct_conf_type.reference   ? 
# 
_struct_sheet.id               AA1 
_struct_sheet.type             ? 
_struct_sheet.number_strands   10 
_struct_sheet.details          ? 
# 
loop_
_struct_sheet_order.sheet_id 
_struct_sheet_order.range_id_1 
_struct_sheet_order.range_id_2 
_struct_sheet_order.offset 
_struct_sheet_order.sense 
AA1 1 9  ? anti-parallel 
AA1 2 3  ? anti-parallel 
AA1 2 7  ? anti-parallel 
AA1 4 6  ? anti-parallel 
AA1 5 6  ? anti-parallel 
AA1 6 7  ? anti-parallel 
AA1 7 8  ? anti-parallel 
AA1 7 9  ? anti-parallel 
AA1 9 10 ? anti-parallel 
# 
loop_
_struct_sheet_range.sheet_id 
_struct_sheet_range.id 
_struct_sheet_range.beg_label_comp_id 
_struct_sheet_range.beg_label_asym_id 
_struct_sheet_range.beg_label_seq_id 
_struct_sheet_range.pdbx_beg_PDB_ins_code 
_struct_sheet_range.end_label_comp_id 
_struct_sheet_range.end_label_asym_id 
_struct_sheet_range.end_label_seq_id 
_struct_sheet_range.pdbx_end_PDB_ins_code 
_struct_sheet_range.beg_auth_comp_id 
_struct_sheet_range.beg_auth_asym_id 
_struct_sheet_range.beg_auth_seq_id 
_struct_sheet_range.end_auth_comp_id 
_struct_sheet_range.end_auth_asym_id 
_struct_sheet_range.end_auth_seq_id 
AA1 1  ASN A 18  ? ARG A 24  ? ASN A 18  ARG A 24  
AA1 2  LEU A 33  ? GLN A 36  ? LEU A 33  GLN A 36  
AA1 3  THR A 39  ? TYR A 42  ? THR A 39  TYR A 42  
AA1 4  THR A 61  ? ALA A 65  ? THR A 61  ALA A 65  
AA1 5  ILE A 69  ? ILE A 85  ? ILE A 69  ILE A 85  
AA1 6  ALA A 97  ? SER A 120 ? ALA A 97  SER A 120 
AA1 7  ARG A 151 ? VAL A 180 ? ARG A 151 VAL A 180 
AA1 8  GLY A 189 ? TYR A 205 ? GLY A 189 TYR A 205 
AA1 9  LEU A 211 ? GLY A 221 ? LEU A 211 GLY A 221 
AA1 10 THR A 228 ? ALA A 231 ? THR A 228 ALA A 231 
# 
loop_
_pdbx_struct_sheet_hbond.sheet_id 
_pdbx_struct_sheet_hbond.range_id_1 
_pdbx_struct_sheet_hbond.range_id_2 
_pdbx_struct_sheet_hbond.range_1_label_atom_id 
_pdbx_struct_sheet_hbond.range_1_label_comp_id 
_pdbx_struct_sheet_hbond.range_1_label_asym_id 
_pdbx_struct_sheet_hbond.range_1_label_seq_id 
_pdbx_struct_sheet_hbond.range_1_PDB_ins_code 
_pdbx_struct_sheet_hbond.range_1_auth_atom_id 
_pdbx_struct_sheet_hbond.range_1_auth_comp_id 
_pdbx_struct_sheet_hbond.range_1_auth_asym_id 
_pdbx_struct_sheet_hbond.range_1_auth_seq_id 
_pdbx_struct_sheet_hbond.range_2_label_atom_id 
_pdbx_struct_sheet_hbond.range_2_label_comp_id 
_pdbx_struct_sheet_hbond.range_2_label_asym_id 
_pdbx_struct_sheet_hbond.range_2_label_seq_id 
_pdbx_struct_sheet_hbond.range_2_PDB_ins_code 
_pdbx_struct_sheet_hbond.range_2_auth_atom_id 
_pdbx_struct_sheet_hbond.range_2_auth_comp_id 
_pdbx_struct_sheet_hbond.range_2_auth_asym_id 
_pdbx_struct_sheet_hbond.range_2_auth_seq_id 
AA1 1 9  N ARG A 24  ? N ARG A 24  O VAL A 212 ? O VAL A 212 
AA1 2 3  N GLY A 34  ? N GLY A 34  O GLU A 41  ? O GLU A 41  
AA1 2 7  N LEU A 33  ? N LEU A 33  O TYR A 153 ? O TYR A 153 
AA1 4 6  N GLN A 64  ? N GLN A 64  O ALA A 118 ? O ALA A 118 
AA1 5 6  N ILE A 69  ? N ILE A 69  O PHE A 113 ? O PHE A 113 
AA1 6 7  N LEU A 117 ? N LEU A 117 O LYS A 160 ? O LYS A 160 
AA1 7 8  N ALA A 168 ? N ALA A 168 O SER A 201 ? O SER A 201 
AA1 7 9  N VAL A 154 ? N VAL A 154 O PHE A 218 ? O PHE A 218 
AA1 9 10 N GLU A 219 ? N GLU A 219 O PHE A 230 ? O PHE A 230 
# 
_pdbx_entry_details.entry_id                   8SL0 
_pdbx_entry_details.compound_details           ? 
_pdbx_entry_details.source_details             ? 
_pdbx_entry_details.nonpolymer_details         ? 
_pdbx_entry_details.sequence_details           ? 
_pdbx_entry_details.has_ligand_of_interest     ? 
_pdbx_entry_details.has_protein_modification   N 
# 
loop_
_pdbx_validate_torsion.id 
_pdbx_validate_torsion.PDB_model_num 
_pdbx_validate_torsion.auth_comp_id 
_pdbx_validate_torsion.auth_asym_id 
_pdbx_validate_torsion.auth_seq_id 
_pdbx_validate_torsion.PDB_ins_code 
_pdbx_validate_torsion.label_alt_id 
_pdbx_validate_torsion.phi 
_pdbx_validate_torsion.psi 
1 1 LEU A 22  ? ? 52.01 72.38   
2 1 SER A 55  ? ? 58.59 -114.67 
3 1 LEU A 90  ? ? 51.28 19.65   
4 1 GLN A 92  ? ? 54.99 -141.77 
5 1 LYS A 131 ? ? 44.10 -119.98 
6 1 GLU A 182 ? ? 65.58 -113.29 
7 1 ILE A 183 ? ? 69.36 157.55  
# 
_em_3d_fitting.id                1 
_em_3d_fitting.entry_id          8SL0 
_em_3d_fitting.method            ? 
_em_3d_fitting.target_criteria   ? 
_em_3d_fitting.details           ? 
_em_3d_fitting.overall_b_value   ? 
_em_3d_fitting.ref_space         ? 
_em_3d_fitting.ref_protocol      ? 
# 
_em_3d_reconstruction.entry_id                    8SL0 
_em_3d_reconstruction.id                          1 
_em_3d_reconstruction.method                      ? 
_em_3d_reconstruction.algorithm                   ? 
_em_3d_reconstruction.citation_id                 ? 
_em_3d_reconstruction.details                     ? 
_em_3d_reconstruction.resolution                  3.3 
_em_3d_reconstruction.resolution_method           'FSC 0.143 CUT-OFF' 
_em_3d_reconstruction.magnification_calibration   ? 
_em_3d_reconstruction.nominal_pixel_size          ? 
_em_3d_reconstruction.actual_pixel_size           ? 
_em_3d_reconstruction.num_particles               132403 
_em_3d_reconstruction.euler_angles_details        ? 
_em_3d_reconstruction.num_class_averages          ? 
_em_3d_reconstruction.refinement_type             ? 
_em_3d_reconstruction.image_processing_id         1 
_em_3d_reconstruction.symmetry_type               POINT 
# 
_em_buffer.id            1 
_em_buffer.specimen_id   1 
_em_buffer.name          ? 
_em_buffer.details       '150 mM NaCl, 20 mM HEPES-HOH (pH 7.5), 5.15 mM DDMAB' 
_em_buffer.pH            7.5 
# 
_em_entity_assembly.id                   1 
_em_entity_assembly.parent_id            0 
_em_entity_assembly.source               RECOMBINANT 
_em_entity_assembly.type                 COMPLEX 
_em_entity_assembly.name                 'Vitiosangium bGSDM in an active slinky-like oligomeric conformation' 
_em_entity_assembly.details              ? 
_em_entity_assembly.synonym              ? 
_em_entity_assembly.oligomeric_details   ? 
_em_entity_assembly.entity_id_list       1 
# 
_em_imaging.entry_id                        8SL0 
_em_imaging.id                              1 
_em_imaging.astigmatism                     ? 
_em_imaging.electron_beam_tilt_params       ? 
_em_imaging.residual_tilt                   ? 
_em_imaging.microscope_model                'FEI TITAN KRIOS' 
_em_imaging.specimen_holder_type            ? 
_em_imaging.specimen_holder_model           ? 
_em_imaging.details                         ? 
_em_imaging.date                            ? 
_em_imaging.accelerating_voltage            300 
_em_imaging.illumination_mode               'FLOOD BEAM' 
_em_imaging.mode                            'BRIGHT FIELD' 
_em_imaging.nominal_cs                      ? 
_em_imaging.nominal_defocus_min             700 
_em_imaging.nominal_defocus_max             2000 
_em_imaging.calibrated_defocus_min          ? 
_em_imaging.calibrated_defocus_max          ? 
_em_imaging.tilt_angle_min                  ? 
_em_imaging.tilt_angle_max                  ? 
_em_imaging.nominal_magnification           ? 
_em_imaging.calibrated_magnification        ? 
_em_imaging.electron_source                 'FIELD EMISSION GUN' 
_em_imaging.citation_id                     ? 
_em_imaging.temperature                     ? 
_em_imaging.detector_distance               ? 
_em_imaging.recording_temperature_minimum   ? 
_em_imaging.recording_temperature_maximum   ? 
_em_imaging.alignment_procedure             ? 
_em_imaging.c2_aperture_diameter            ? 
_em_imaging.specimen_id                     1 
_em_imaging.cryogen                         ? 
# 
_em_sample_support.id               1 
_em_sample_support.film_material    ? 
_em_sample_support.method           ? 
_em_sample_support.grid_material    COPPER 
_em_sample_support.grid_mesh_size   200 
_em_sample_support.grid_type        Quantifoil 
_em_sample_support.details          ? 
_em_sample_support.specimen_id      1 
_em_sample_support.citation_id      ? 
# 
_em_vitrification.entry_id              8SL0 
_em_vitrification.id                    1 
_em_vitrification.specimen_id           1 
_em_vitrification.cryogen_name          ETHANE 
_em_vitrification.humidity              100 
_em_vitrification.temp                  ? 
_em_vitrification.chamber_temperature   277.15 
_em_vitrification.instrument            'FEI VITROBOT MARK IV' 
_em_vitrification.method                ? 
_em_vitrification.time_resolved_state   ? 
_em_vitrification.citation_id           ? 
_em_vitrification.details               ? 
# 
_em_experiment.entry_id                8SL0 
_em_experiment.id                      1 
_em_experiment.reconstruction_method   'SINGLE PARTICLE' 
_em_experiment.aggregation_state       FILAMENT 
_em_experiment.entity_assembly_id      1 
# 
loop_
_pdbx_unobs_or_zero_occ_residues.id 
_pdbx_unobs_or_zero_occ_residues.PDB_model_num 
_pdbx_unobs_or_zero_occ_residues.polymer_flag 
_pdbx_unobs_or_zero_occ_residues.occupancy_flag 
_pdbx_unobs_or_zero_occ_residues.auth_asym_id 
_pdbx_unobs_or_zero_occ_residues.auth_comp_id 
_pdbx_unobs_or_zero_occ_residues.auth_seq_id 
_pdbx_unobs_or_zero_occ_residues.PDB_ins_code 
_pdbx_unobs_or_zero_occ_residues.label_asym_id 
_pdbx_unobs_or_zero_occ_residues.label_comp_id 
_pdbx_unobs_or_zero_occ_residues.label_seq_id 
1 1 Y 1 A SER 1   ? A SER 1   
2 1 Y 1 A GLY 2   ? A GLY 2   
3 1 Y 1 A LEU 3   ? A LEU 3   
4 1 Y 1 A CYS 4   ? A CYS 4   
5 1 Y 1 A SER 5   ? A SER 5   
6 1 Y 1 A LEU 234 ? A LEU 234 
7 1 Y 1 A VAL 235 ? A VAL 235 
8 1 Y 1 A PRO 236 ? A PRO 236 
9 1 Y 1 A ARG 237 ? A ARG 237 
# 
loop_
_chem_comp_atom.comp_id 
_chem_comp_atom.atom_id 
_chem_comp_atom.type_symbol 
_chem_comp_atom.pdbx_aromatic_flag 
_chem_comp_atom.pdbx_stereo_config 
_chem_comp_atom.pdbx_ordinal 
ALA N    N N N 1   
ALA CA   C N S 2   
ALA C    C N N 3   
ALA O    O N N 4   
ALA CB   C N N 5   
ALA OXT  O N N 6   
ALA H    H N N 7   
ALA H2   H N N 8   
ALA HA   H N N 9   
ALA HB1  H N N 10  
ALA HB2  H N N 11  
ALA HB3  H N N 12  
ALA HXT  H N N 13  
ARG N    N N N 14  
ARG CA   C N S 15  
ARG C    C N N 16  
ARG O    O N N 17  
ARG CB   C N N 18  
ARG CG   C N N 19  
ARG CD   C N N 20  
ARG NE   N N N 21  
ARG CZ   C N N 22  
ARG NH1  N N N 23  
ARG NH2  N N N 24  
ARG OXT  O N N 25  
ARG H    H N N 26  
ARG H2   H N N 27  
ARG HA   H N N 28  
ARG HB2  H N N 29  
ARG HB3  H N N 30  
ARG HG2  H N N 31  
ARG HG3  H N N 32  
ARG HD2  H N N 33  
ARG HD3  H N N 34  
ARG HE   H N N 35  
ARG HH11 H N N 36  
ARG HH12 H N N 37  
ARG HH21 H N N 38  
ARG HH22 H N N 39  
ARG HXT  H N N 40  
ASN N    N N N 41  
ASN CA   C N S 42  
ASN C    C N N 43  
ASN O    O N N 44  
ASN CB   C N N 45  
ASN CG   C N N 46  
ASN OD1  O N N 47  
ASN ND2  N N N 48  
ASN OXT  O N N 49  
ASN H    H N N 50  
ASN H2   H N N 51  
ASN HA   H N N 52  
ASN HB2  H N N 53  
ASN HB3  H N N 54  
ASN HD21 H N N 55  
ASN HD22 H N N 56  
ASN HXT  H N N 57  
ASP N    N N N 58  
ASP CA   C N S 59  
ASP C    C N N 60  
ASP O    O N N 61  
ASP CB   C N N 62  
ASP CG   C N N 63  
ASP OD1  O N N 64  
ASP OD2  O N N 65  
ASP OXT  O N N 66  
ASP H    H N N 67  
ASP H2   H N N 68  
ASP HA   H N N 69  
ASP HB2  H N N 70  
ASP HB3  H N N 71  
ASP HD2  H N N 72  
ASP HXT  H N N 73  
CYS N    N N N 74  
CYS CA   C N R 75  
CYS C    C N N 76  
CYS O    O N N 77  
CYS CB   C N N 78  
CYS SG   S N N 79  
CYS OXT  O N N 80  
CYS H    H N N 81  
CYS H2   H N N 82  
CYS HA   H N N 83  
CYS HB2  H N N 84  
CYS HB3  H N N 85  
CYS HG   H N N 86  
CYS HXT  H N N 87  
GLN N    N N N 88  
GLN CA   C N S 89  
GLN C    C N N 90  
GLN O    O N N 91  
GLN CB   C N N 92  
GLN CG   C N N 93  
GLN CD   C N N 94  
GLN OE1  O N N 95  
GLN NE2  N N N 96  
GLN OXT  O N N 97  
GLN H    H N N 98  
GLN H2   H N N 99  
GLN HA   H N N 100 
GLN HB2  H N N 101 
GLN HB3  H N N 102 
GLN HG2  H N N 103 
GLN HG3  H N N 104 
GLN HE21 H N N 105 
GLN HE22 H N N 106 
GLN HXT  H N N 107 
GLU N    N N N 108 
GLU CA   C N S 109 
GLU C    C N N 110 
GLU O    O N N 111 
GLU CB   C N N 112 
GLU CG   C N N 113 
GLU CD   C N N 114 
GLU OE1  O N N 115 
GLU OE2  O N N 116 
GLU OXT  O N N 117 
GLU H    H N N 118 
GLU H2   H N N 119 
GLU HA   H N N 120 
GLU HB2  H N N 121 
GLU HB3  H N N 122 
GLU HG2  H N N 123 
GLU HG3  H N N 124 
GLU HE2  H N N 125 
GLU HXT  H N N 126 
GLY N    N N N 127 
GLY CA   C N N 128 
GLY C    C N N 129 
GLY O    O N N 130 
GLY OXT  O N N 131 
GLY H    H N N 132 
GLY H2   H N N 133 
GLY HA2  H N N 134 
GLY HA3  H N N 135 
GLY HXT  H N N 136 
HIS N    N N N 137 
HIS CA   C N S 138 
HIS C    C N N 139 
HIS O    O N N 140 
HIS CB   C N N 141 
HIS CG   C Y N 142 
HIS ND1  N Y N 143 
HIS CD2  C Y N 144 
HIS CE1  C Y N 145 
HIS NE2  N Y N 146 
HIS OXT  O N N 147 
HIS H    H N N 148 
HIS H2   H N N 149 
HIS HA   H N N 150 
HIS HB2  H N N 151 
HIS HB3  H N N 152 
HIS HD1  H N N 153 
HIS HD2  H N N 154 
HIS HE1  H N N 155 
HIS HE2  H N N 156 
HIS HXT  H N N 157 
ILE N    N N N 158 
ILE CA   C N S 159 
ILE C    C N N 160 
ILE O    O N N 161 
ILE CB   C N S 162 
ILE CG1  C N N 163 
ILE CG2  C N N 164 
ILE CD1  C N N 165 
ILE OXT  O N N 166 
ILE H    H N N 167 
ILE H2   H N N 168 
ILE HA   H N N 169 
ILE HB   H N N 170 
ILE HG12 H N N 171 
ILE HG13 H N N 172 
ILE HG21 H N N 173 
ILE HG22 H N N 174 
ILE HG23 H N N 175 
ILE HD11 H N N 176 
ILE HD12 H N N 177 
ILE HD13 H N N 178 
ILE HXT  H N N 179 
LEU N    N N N 180 
LEU CA   C N S 181 
LEU C    C N N 182 
LEU O    O N N 183 
LEU CB   C N N 184 
LEU CG   C N N 185 
LEU CD1  C N N 186 
LEU CD2  C N N 187 
LEU OXT  O N N 188 
LEU H    H N N 189 
LEU H2   H N N 190 
LEU HA   H N N 191 
LEU HB2  H N N 192 
LEU HB3  H N N 193 
LEU HG   H N N 194 
LEU HD11 H N N 195 
LEU HD12 H N N 196 
LEU HD13 H N N 197 
LEU HD21 H N N 198 
LEU HD22 H N N 199 
LEU HD23 H N N 200 
LEU HXT  H N N 201 
LYS N    N N N 202 
LYS CA   C N S 203 
LYS C    C N N 204 
LYS O    O N N 205 
LYS CB   C N N 206 
LYS CG   C N N 207 
LYS CD   C N N 208 
LYS CE   C N N 209 
LYS NZ   N N N 210 
LYS OXT  O N N 211 
LYS H    H N N 212 
LYS H2   H N N 213 
LYS HA   H N N 214 
LYS HB2  H N N 215 
LYS HB3  H N N 216 
LYS HG2  H N N 217 
LYS HG3  H N N 218 
LYS HD2  H N N 219 
LYS HD3  H N N 220 
LYS HE2  H N N 221 
LYS HE3  H N N 222 
LYS HZ1  H N N 223 
LYS HZ2  H N N 224 
LYS HZ3  H N N 225 
LYS HXT  H N N 226 
MET N    N N N 227 
MET CA   C N S 228 
MET C    C N N 229 
MET O    O N N 230 
MET CB   C N N 231 
MET CG   C N N 232 
MET SD   S N N 233 
MET CE   C N N 234 
MET OXT  O N N 235 
MET H    H N N 236 
MET H2   H N N 237 
MET HA   H N N 238 
MET HB2  H N N 239 
MET HB3  H N N 240 
MET HG2  H N N 241 
MET HG3  H N N 242 
MET HE1  H N N 243 
MET HE2  H N N 244 
MET HE3  H N N 245 
MET HXT  H N N 246 
PHE N    N N N 247 
PHE CA   C N S 248 
PHE C    C N N 249 
PHE O    O N N 250 
PHE CB   C N N 251 
PHE CG   C Y N 252 
PHE CD1  C Y N 253 
PHE CD2  C Y N 254 
PHE CE1  C Y N 255 
PHE CE2  C Y N 256 
PHE CZ   C Y N 257 
PHE OXT  O N N 258 
PHE H    H N N 259 
PHE H2   H N N 260 
PHE HA   H N N 261 
PHE HB2  H N N 262 
PHE HB3  H N N 263 
PHE HD1  H N N 264 
PHE HD2  H N N 265 
PHE HE1  H N N 266 
PHE HE2  H N N 267 
PHE HZ   H N N 268 
PHE HXT  H N N 269 
PRO N    N N N 270 
PRO CA   C N S 271 
PRO C    C N N 272 
PRO O    O N N 273 
PRO CB   C N N 274 
PRO CG   C N N 275 
PRO CD   C N N 276 
PRO OXT  O N N 277 
PRO H    H N N 278 
PRO HA   H N N 279 
PRO HB2  H N N 280 
PRO HB3  H N N 281 
PRO HG2  H N N 282 
PRO HG3  H N N 283 
PRO HD2  H N N 284 
PRO HD3  H N N 285 
PRO HXT  H N N 286 
SER N    N N N 287 
SER CA   C N S 288 
SER C    C N N 289 
SER O    O N N 290 
SER CB   C N N 291 
SER OG   O N N 292 
SER OXT  O N N 293 
SER H    H N N 294 
SER H2   H N N 295 
SER HA   H N N 296 
SER HB2  H N N 297 
SER HB3  H N N 298 
SER HG   H N N 299 
SER HXT  H N N 300 
THR N    N N N 301 
THR CA   C N S 302 
THR C    C N N 303 
THR O    O N N 304 
THR CB   C N R 305 
THR OG1  O N N 306 
THR CG2  C N N 307 
THR OXT  O N N 308 
THR H    H N N 309 
THR H2   H N N 310 
THR HA   H N N 311 
THR HB   H N N 312 
THR HG1  H N N 313 
THR HG21 H N N 314 
THR HG22 H N N 315 
THR HG23 H N N 316 
THR HXT  H N N 317 
TYR N    N N N 318 
TYR CA   C N S 319 
TYR C    C N N 320 
TYR O    O N N 321 
TYR CB   C N N 322 
TYR CG   C Y N 323 
TYR CD1  C Y N 324 
TYR CD2  C Y N 325 
TYR CE1  C Y N 326 
TYR CE2  C Y N 327 
TYR CZ   C Y N 328 
TYR OH   O N N 329 
TYR OXT  O N N 330 
TYR H    H N N 331 
TYR H2   H N N 332 
TYR HA   H N N 333 
TYR HB2  H N N 334 
TYR HB3  H N N 335 
TYR HD1  H N N 336 
TYR HD2  H N N 337 
TYR HE1  H N N 338 
TYR HE2  H N N 339 
TYR HH   H N N 340 
TYR HXT  H N N 341 
VAL N    N N N 342 
VAL CA   C N S 343 
VAL C    C N N 344 
VAL O    O N N 345 
VAL CB   C N N 346 
VAL CG1  C N N 347 
VAL CG2  C N N 348 
VAL OXT  O N N 349 
VAL H    H N N 350 
VAL H2   H N N 351 
VAL HA   H N N 352 
VAL HB   H N N 353 
VAL HG11 H N N 354 
VAL HG12 H N N 355 
VAL HG13 H N N 356 
VAL HG21 H N N 357 
VAL HG22 H N N 358 
VAL HG23 H N N 359 
VAL HXT  H N N 360 
# 
loop_
_chem_comp_bond.comp_id 
_chem_comp_bond.atom_id_1 
_chem_comp_bond.atom_id_2 
_chem_comp_bond.value_order 
_chem_comp_bond.pdbx_aromatic_flag 
_chem_comp_bond.pdbx_stereo_config 
_chem_comp_bond.pdbx_ordinal 
ALA N   CA   sing N N 1   
ALA N   H    sing N N 2   
ALA N   H2   sing N N 3   
ALA CA  C    sing N N 4   
ALA CA  CB   sing N N 5   
ALA CA  HA   sing N N 6   
ALA C   O    doub N N 7   
ALA C   OXT  sing N N 8   
ALA CB  HB1  sing N N 9   
ALA CB  HB2  sing N N 10  
ALA CB  HB3  sing N N 11  
ALA OXT HXT  sing N N 12  
ARG N   CA   sing N N 13  
ARG N   H    sing N N 14  
ARG N   H2   sing N N 15  
ARG CA  C    sing N N 16  
ARG CA  CB   sing N N 17  
ARG CA  HA   sing N N 18  
ARG C   O    doub N N 19  
ARG C   OXT  sing N N 20  
ARG CB  CG   sing N N 21  
ARG CB  HB2  sing N N 22  
ARG CB  HB3  sing N N 23  
ARG CG  CD   sing N N 24  
ARG CG  HG2  sing N N 25  
ARG CG  HG3  sing N N 26  
ARG CD  NE   sing N N 27  
ARG CD  HD2  sing N N 28  
ARG CD  HD3  sing N N 29  
ARG NE  CZ   sing N N 30  
ARG NE  HE   sing N N 31  
ARG CZ  NH1  sing N N 32  
ARG CZ  NH2  doub N N 33  
ARG NH1 HH11 sing N N 34  
ARG NH1 HH12 sing N N 35  
ARG NH2 HH21 sing N N 36  
ARG NH2 HH22 sing N N 37  
ARG OXT HXT  sing N N 38  
ASN N   CA   sing N N 39  
ASN N   H    sing N N 40  
ASN N   H2   sing N N 41  
ASN CA  C    sing N N 42  
ASN CA  CB   sing N N 43  
ASN CA  HA   sing N N 44  
ASN C   O    doub N N 45  
ASN C   OXT  sing N N 46  
ASN CB  CG   sing N N 47  
ASN CB  HB2  sing N N 48  
ASN CB  HB3  sing N N 49  
ASN CG  OD1  doub N N 50  
ASN CG  ND2  sing N N 51  
ASN ND2 HD21 sing N N 52  
ASN ND2 HD22 sing N N 53  
ASN OXT HXT  sing N N 54  
ASP N   CA   sing N N 55  
ASP N   H    sing N N 56  
ASP N   H2   sing N N 57  
ASP CA  C    sing N N 58  
ASP CA  CB   sing N N 59  
ASP CA  HA   sing N N 60  
ASP C   O    doub N N 61  
ASP C   OXT  sing N N 62  
ASP CB  CG   sing N N 63  
ASP CB  HB2  sing N N 64  
ASP CB  HB3  sing N N 65  
ASP CG  OD1  doub N N 66  
ASP CG  OD2  sing N N 67  
ASP OD2 HD2  sing N N 68  
ASP OXT HXT  sing N N 69  
CYS N   CA   sing N N 70  
CYS N   H    sing N N 71  
CYS N   H2   sing N N 72  
CYS CA  C    sing N N 73  
CYS CA  CB   sing N N 74  
CYS CA  HA   sing N N 75  
CYS C   O    doub N N 76  
CYS C   OXT  sing N N 77  
CYS CB  SG   sing N N 78  
CYS CB  HB2  sing N N 79  
CYS CB  HB3  sing N N 80  
CYS SG  HG   sing N N 81  
CYS OXT HXT  sing N N 82  
GLN N   CA   sing N N 83  
GLN N   H    sing N N 84  
GLN N   H2   sing N N 85  
GLN CA  C    sing N N 86  
GLN CA  CB   sing N N 87  
GLN CA  HA   sing N N 88  
GLN C   O    doub N N 89  
GLN C   OXT  sing N N 90  
GLN CB  CG   sing N N 91  
GLN CB  HB2  sing N N 92  
GLN CB  HB3  sing N N 93  
GLN CG  CD   sing N N 94  
GLN CG  HG2  sing N N 95  
GLN CG  HG3  sing N N 96  
GLN CD  OE1  doub N N 97  
GLN CD  NE2  sing N N 98  
GLN NE2 HE21 sing N N 99  
GLN NE2 HE22 sing N N 100 
GLN OXT HXT  sing N N 101 
GLU N   CA   sing N N 102 
GLU N   H    sing N N 103 
GLU N   H2   sing N N 104 
GLU CA  C    sing N N 105 
GLU CA  CB   sing N N 106 
GLU CA  HA   sing N N 107 
GLU C   O    doub N N 108 
GLU C   OXT  sing N N 109 
GLU CB  CG   sing N N 110 
GLU CB  HB2  sing N N 111 
GLU CB  HB3  sing N N 112 
GLU CG  CD   sing N N 113 
GLU CG  HG2  sing N N 114 
GLU CG  HG3  sing N N 115 
GLU CD  OE1  doub N N 116 
GLU CD  OE2  sing N N 117 
GLU OE2 HE2  sing N N 118 
GLU OXT HXT  sing N N 119 
GLY N   CA   sing N N 120 
GLY N   H    sing N N 121 
GLY N   H2   sing N N 122 
GLY CA  C    sing N N 123 
GLY CA  HA2  sing N N 124 
GLY CA  HA3  sing N N 125 
GLY C   O    doub N N 126 
GLY C   OXT  sing N N 127 
GLY OXT HXT  sing N N 128 
HIS N   CA   sing N N 129 
HIS N   H    sing N N 130 
HIS N   H2   sing N N 131 
HIS CA  C    sing N N 132 
HIS CA  CB   sing N N 133 
HIS CA  HA   sing N N 134 
HIS C   O    doub N N 135 
HIS C   OXT  sing N N 136 
HIS CB  CG   sing N N 137 
HIS CB  HB2  sing N N 138 
HIS CB  HB3  sing N N 139 
HIS CG  ND1  sing Y N 140 
HIS CG  CD2  doub Y N 141 
HIS ND1 CE1  doub Y N 142 
HIS ND1 HD1  sing N N 143 
HIS CD2 NE2  sing Y N 144 
HIS CD2 HD2  sing N N 145 
HIS CE1 NE2  sing Y N 146 
HIS CE1 HE1  sing N N 147 
HIS NE2 HE2  sing N N 148 
HIS OXT HXT  sing N N 149 
ILE N   CA   sing N N 150 
ILE N   H    sing N N 151 
ILE N   H2   sing N N 152 
ILE CA  C    sing N N 153 
ILE CA  CB   sing N N 154 
ILE CA  HA   sing N N 155 
ILE C   O    doub N N 156 
ILE C   OXT  sing N N 157 
ILE CB  CG1  sing N N 158 
ILE CB  CG2  sing N N 159 
ILE CB  HB   sing N N 160 
ILE CG1 CD1  sing N N 161 
ILE CG1 HG12 sing N N 162 
ILE CG1 HG13 sing N N 163 
ILE CG2 HG21 sing N N 164 
ILE CG2 HG22 sing N N 165 
ILE CG2 HG23 sing N N 166 
ILE CD1 HD11 sing N N 167 
ILE CD1 HD12 sing N N 168 
ILE CD1 HD13 sing N N 169 
ILE OXT HXT  sing N N 170 
LEU N   CA   sing N N 171 
LEU N   H    sing N N 172 
LEU N   H2   sing N N 173 
LEU CA  C    sing N N 174 
LEU CA  CB   sing N N 175 
LEU CA  HA   sing N N 176 
LEU C   O    doub N N 177 
LEU C   OXT  sing N N 178 
LEU CB  CG   sing N N 179 
LEU CB  HB2  sing N N 180 
LEU CB  HB3  sing N N 181 
LEU CG  CD1  sing N N 182 
LEU CG  CD2  sing N N 183 
LEU CG  HG   sing N N 184 
LEU CD1 HD11 sing N N 185 
LEU CD1 HD12 sing N N 186 
LEU CD1 HD13 sing N N 187 
LEU CD2 HD21 sing N N 188 
LEU CD2 HD22 sing N N 189 
LEU CD2 HD23 sing N N 190 
LEU OXT HXT  sing N N 191 
LYS N   CA   sing N N 192 
LYS N   H    sing N N 193 
LYS N   H2   sing N N 194 
LYS CA  C    sing N N 195 
LYS CA  CB   sing N N 196 
LYS CA  HA   sing N N 197 
LYS C   O    doub N N 198 
LYS C   OXT  sing N N 199 
LYS CB  CG   sing N N 200 
LYS CB  HB2  sing N N 201 
LYS CB  HB3  sing N N 202 
LYS CG  CD   sing N N 203 
LYS CG  HG2  sing N N 204 
LYS CG  HG3  sing N N 205 
LYS CD  CE   sing N N 206 
LYS CD  HD2  sing N N 207 
LYS CD  HD3  sing N N 208 
LYS CE  NZ   sing N N 209 
LYS CE  HE2  sing N N 210 
LYS CE  HE3  sing N N 211 
LYS NZ  HZ1  sing N N 212 
LYS NZ  HZ2  sing N N 213 
LYS NZ  HZ3  sing N N 214 
LYS OXT HXT  sing N N 215 
MET N   CA   sing N N 216 
MET N   H    sing N N 217 
MET N   H2   sing N N 218 
MET CA  C    sing N N 219 
MET CA  CB   sing N N 220 
MET CA  HA   sing N N 221 
MET C   O    doub N N 222 
MET C   OXT  sing N N 223 
MET CB  CG   sing N N 224 
MET CB  HB2  sing N N 225 
MET CB  HB3  sing N N 226 
MET CG  SD   sing N N 227 
MET CG  HG2  sing N N 228 
MET CG  HG3  sing N N 229 
MET SD  CE   sing N N 230 
MET CE  HE1  sing N N 231 
MET CE  HE2  sing N N 232 
MET CE  HE3  sing N N 233 
MET OXT HXT  sing N N 234 
PHE N   CA   sing N N 235 
PHE N   H    sing N N 236 
PHE N   H2   sing N N 237 
PHE CA  C    sing N N 238 
PHE CA  CB   sing N N 239 
PHE CA  HA   sing N N 240 
PHE C   O    doub N N 241 
PHE C   OXT  sing N N 242 
PHE CB  CG   sing N N 243 
PHE CB  HB2  sing N N 244 
PHE CB  HB3  sing N N 245 
PHE CG  CD1  doub Y N 246 
PHE CG  CD2  sing Y N 247 
PHE CD1 CE1  sing Y N 248 
PHE CD1 HD1  sing N N 249 
PHE CD2 CE2  doub Y N 250 
PHE CD2 HD2  sing N N 251 
PHE CE1 CZ   doub Y N 252 
PHE CE1 HE1  sing N N 253 
PHE CE2 CZ   sing Y N 254 
PHE CE2 HE2  sing N N 255 
PHE CZ  HZ   sing N N 256 
PHE OXT HXT  sing N N 257 
PRO N   CA   sing N N 258 
PRO N   CD   sing N N 259 
PRO N   H    sing N N 260 
PRO CA  C    sing N N 261 
PRO CA  CB   sing N N 262 
PRO CA  HA   sing N N 263 
PRO C   O    doub N N 264 
PRO C   OXT  sing N N 265 
PRO CB  CG   sing N N 266 
PRO CB  HB2  sing N N 267 
PRO CB  HB3  sing N N 268 
PRO CG  CD   sing N N 269 
PRO CG  HG2  sing N N 270 
PRO CG  HG3  sing N N 271 
PRO CD  HD2  sing N N 272 
PRO CD  HD3  sing N N 273 
PRO OXT HXT  sing N N 274 
SER N   CA   sing N N 275 
SER N   H    sing N N 276 
SER N   H2   sing N N 277 
SER CA  C    sing N N 278 
SER CA  CB   sing N N 279 
SER CA  HA   sing N N 280 
SER C   O    doub N N 281 
SER C   OXT  sing N N 282 
SER CB  OG   sing N N 283 
SER CB  HB2  sing N N 284 
SER CB  HB3  sing N N 285 
SER OG  HG   sing N N 286 
SER OXT HXT  sing N N 287 
THR N   CA   sing N N 288 
THR N   H    sing N N 289 
THR N   H2   sing N N 290 
THR CA  C    sing N N 291 
THR CA  CB   sing N N 292 
THR CA  HA   sing N N 293 
THR C   O    doub N N 294 
THR C   OXT  sing N N 295 
THR CB  OG1  sing N N 296 
THR CB  CG2  sing N N 297 
THR CB  HB   sing N N 298 
THR OG1 HG1  sing N N 299 
THR CG2 HG21 sing N N 300 
THR CG2 HG22 sing N N 301 
THR CG2 HG23 sing N N 302 
THR OXT HXT  sing N N 303 
TYR N   CA   sing N N 304 
TYR N   H    sing N N 305 
TYR N   H2   sing N N 306 
TYR CA  C    sing N N 307 
TYR CA  CB   sing N N 308 
TYR CA  HA   sing N N 309 
TYR C   O    doub N N 310 
TYR C   OXT  sing N N 311 
TYR CB  CG   sing N N 312 
TYR CB  HB2  sing N N 313 
TYR CB  HB3  sing N N 314 
TYR CG  CD1  doub Y N 315 
TYR CG  CD2  sing Y N 316 
TYR CD1 CE1  sing Y N 317 
TYR CD1 HD1  sing N N 318 
TYR CD2 CE2  doub Y N 319 
TYR CD2 HD2  sing N N 320 
TYR CE1 CZ   doub Y N 321 
TYR CE1 HE1  sing N N 322 
TYR CE2 CZ   sing Y N 323 
TYR CE2 HE2  sing N N 324 
TYR CZ  OH   sing N N 325 
TYR OH  HH   sing N N 326 
TYR OXT HXT  sing N N 327 
VAL N   CA   sing N N 328 
VAL N   H    sing N N 329 
VAL N   H2   sing N N 330 
VAL CA  C    sing N N 331 
VAL CA  CB   sing N N 332 
VAL CA  HA   sing N N 333 
VAL C   O    doub N N 334 
VAL C   OXT  sing N N 335 
VAL CB  CG1  sing N N 336 
VAL CB  CG2  sing N N 337 
VAL CB  HB   sing N N 338 
VAL CG1 HG11 sing N N 339 
VAL CG1 HG12 sing N N 340 
VAL CG1 HG13 sing N N 341 
VAL CG2 HG21 sing N N 342 
VAL CG2 HG22 sing N N 343 
VAL CG2 HG23 sing N N 344 
VAL OXT HXT  sing N N 345 
# 
_em_admin.current_status     REL 
_em_admin.deposition_date    2023-04-20 
_em_admin.deposition_site    RCSB 
_em_admin.entry_id           8SL0 
_em_admin.last_update        2025-05-28 
_em_admin.map_release_date   2023-05-17 
_em_admin.title              'Structure of a bacterial gasdermin slinky-like oligomer' 
# 
loop_
_em_buffer_component.buffer_id 
_em_buffer_component.concentration 
_em_buffer_component.concentration_units 
_em_buffer_component.formula 
_em_buffer_component.id 
_em_buffer_component.name 
1 150  mM NaCl 1 'sodium chloride'                         
1 20   mM ?    2 'HEPES-KOH buffer (pH 7.5)'               
1 5.16 mM ?    3 'N-Dodecyl-N,N-(dimethylammonio)butyrate' 
# 
_em_ctf_correction.details                  ? 
_em_ctf_correction.em_image_processing_id   1 
_em_ctf_correction.id                       1 
_em_ctf_correction.type                     NONE 
# 
_em_entity_assembly_molwt.entity_assembly_id   1 
_em_entity_assembly_molwt.experimental_flag    NO 
_em_entity_assembly_molwt.id                   1 
_em_entity_assembly_molwt.units                ? 
_em_entity_assembly_molwt.value                ? 
# 
_em_entity_assembly_naturalsource.cell                 ? 
_em_entity_assembly_naturalsource.cellular_location    ? 
_em_entity_assembly_naturalsource.entity_assembly_id   1 
_em_entity_assembly_naturalsource.id                   2 
_em_entity_assembly_naturalsource.ncbi_tax_id          2138576 
_em_entity_assembly_naturalsource.organism             'Vitiosangium sp. GDMCC 1.1324' 
_em_entity_assembly_naturalsource.organelle            ? 
_em_entity_assembly_naturalsource.organ                ? 
_em_entity_assembly_naturalsource.strain               ? 
_em_entity_assembly_naturalsource.tissue               ? 
# 
_em_entity_assembly_recombinant.cell                 ? 
_em_entity_assembly_recombinant.entity_assembly_id   1 
_em_entity_assembly_recombinant.id                   2 
_em_entity_assembly_recombinant.ncbi_tax_id          469008 
_em_entity_assembly_recombinant.organism             'Escherichia coli BL21(DE3)' 
_em_entity_assembly_recombinant.plasmid              pET 
_em_entity_assembly_recombinant.strain               ? 
# 
_em_image_processing.details              ? 
_em_image_processing.id                   1 
_em_image_processing.image_recording_id   1 
# 
_em_image_recording.average_exposure_time               ? 
_em_image_recording.avg_electron_dose_per_subtomogram   ? 
_em_image_recording.avg_electron_dose_per_image         51.8 
_em_image_recording.details                             ? 
_em_image_recording.detector_mode                       ? 
_em_image_recording.film_or_detector_model              'GATAN K3 (6k x 4k)' 
_em_image_recording.id                                  1 
_em_image_recording.imaging_id                          1 
_em_image_recording.num_diffraction_images              ? 
_em_image_recording.num_grids_imaged                    ? 
_em_image_recording.num_real_images                     8156 
# 
loop_
_em_software.category 
_em_software.details 
_em_software.id 
_em_software.image_processing_id 
_em_software.fitting_id 
_em_software.imaging_id 
_em_software.name 
_em_software.version 
'PARTICLE SELECTION'       ? 1  1 ? ? ?        ?     
'IMAGE ACQUISITION'        ? 2  ? ? 1 SerialEM 3.8.6 
MASKING                    ? 3  ? ? ? ?        ?     
'CTF CORRECTION'           ? 4  1 ? ? ?        ?     
'LAYERLINE INDEXING'       ? 5  ? ? ? ?        ?     
'DIFFRACTION INDEXING'     ? 6  ? ? ? ?        ?     
'MODEL FITTING'            ? 7  ? ? ? ?        ?     
'MODEL REFINEMENT'         ? 8  ? ? ? PHENIX   ?     
OTHER                      ? 9  ? ? ? ?        ?     
'INITIAL EULER ASSIGNMENT' ? 10 1 ? ? ?        ?     
'FINAL EULER ASSIGNMENT'   ? 11 1 ? ? ?        ?     
CLASSIFICATION             ? 12 1 ? ? ?        ?     
RECONSTRUCTION             ? 13 1 ? ? ?        ?     
# 
_em_specimen.concentration           1 
_em_specimen.details                 'The sample was monodisperse' 
_em_specimen.embedding_applied       NO 
_em_specimen.experiment_id           1 
_em_specimen.id                      1 
_em_specimen.shadowing_applied       NO 
_em_specimen.staining_applied        NO 
_em_specimen.vitrification_applied   YES 
# 
_pdbx_audit_support.funding_organization   
'National Institutes of Health/National Institute of General Medical Sciences (NIH/NIGMS)' 
_pdbx_audit_support.country                'United States' 
_pdbx_audit_support.grant_number           1DP2GM146250-01 
_pdbx_audit_support.ordinal                1 
# 
_atom_sites.entry_id                    8SL0 
_atom_sites.Cartn_transf_matrix[1][1]   ? 
_atom_sites.Cartn_transf_matrix[1][2]   ? 
_atom_sites.Cartn_transf_matrix[1][3]   ? 
_atom_sites.Cartn_transf_matrix[2][1]   ? 
_atom_sites.Cartn_transf_matrix[2][2]   ? 
_atom_sites.Cartn_transf_matrix[2][3]   ? 
_atom_sites.Cartn_transf_matrix[3][1]   ? 
_atom_sites.Cartn_transf_matrix[3][2]   ? 
_atom_sites.Cartn_transf_matrix[3][3]   ? 
_atom_sites.Cartn_transf_vector[1]      ? 
_atom_sites.Cartn_transf_vector[2]      ? 
_atom_sites.Cartn_transf_vector[3]      ? 
_atom_sites.fract_transf_matrix[1][1]   1.000000 
_atom_sites.fract_transf_matrix[1][2]   0.000000 
_atom_sites.fract_transf_matrix[1][3]   0.000000 
_atom_sites.fract_transf_matrix[2][1]   0.000000 
_atom_sites.fract_transf_matrix[2][2]   1.000000 
_atom_sites.fract_transf_matrix[2][3]   0.000000 
_atom_sites.fract_transf_matrix[3][1]   0.000000 
_atom_sites.fract_transf_matrix[3][2]   0.000000 
_atom_sites.fract_transf_matrix[3][3]   1.000000 
_atom_sites.fract_transf_vector[1]      0.00000 
_atom_sites.fract_transf_vector[2]      0.00000 
_atom_sites.fract_transf_vector[3]      0.00000 
_atom_sites.solution_primary            ? 
_atom_sites.solution_secondary          ? 
_atom_sites.solution_hydrogens          ? 
_atom_sites.special_details             ? 
# 
loop_
_atom_type.symbol 
C 
N 
O 
S 
# 
loop_
_atom_site.group_PDB 
_atom_site.id 
_atom_site.type_symbol 
_atom_site.label_atom_id 
_atom_site.label_alt_id 
_atom_site.label_comp_id 
_atom_site.label_asym_id 
_atom_site.label_entity_id 
_atom_site.label_seq_id 
_atom_site.pdbx_PDB_ins_code 
_atom_site.Cartn_x 
_atom_site.Cartn_y 
_atom_site.Cartn_z 
_atom_site.occupancy 
_atom_site.B_iso_or_equiv 
_atom_site.pdbx_formal_charge 
_atom_site.auth_seq_id 
_atom_site.auth_comp_id 
_atom_site.auth_asym_id 
_atom_site.auth_atom_id 
_atom_site.pdbx_PDB_model_num 
ATOM 1    N N   . ASP A 1 6   ? -3.260  6.420   1.225   1.00 135.16 ? 6   ASP A N   1 
ATOM 2    C CA  . ASP A 1 6   ? -3.369  5.986   -0.164  1.00 139.48 ? 6   ASP A CA  1 
ATOM 3    C C   . ASP A 1 6   ? -2.229  6.528   -1.044  1.00 142.84 ? 6   ASP A C   1 
ATOM 4    O O   . ASP A 1 6   ? -1.560  5.742   -1.712  1.00 145.62 ? 6   ASP A O   1 
ATOM 5    C CB  . ASP A 1 6   ? -4.734  6.380   -0.745  1.00 140.74 ? 6   ASP A CB  1 
ATOM 6    C CG  . ASP A 1 6   ? -5.101  5.570   -1.969  1.00 142.12 ? 6   ASP A CG  1 
ATOM 7    O OD1 . ASP A 1 6   ? -4.386  4.593   -2.273  1.00 144.92 ? 6   ASP A OD1 1 
ATOM 8    O OD2 . ASP A 1 6   ? -6.107  5.910   -2.630  1.00 136.29 ? 6   ASP A OD2 1 
ATOM 9    N N   . PRO A 1 7   ? -2.000  7.849   -1.064  1.00 140.28 ? 7   PRO A N   1 
ATOM 10   C CA  . PRO A 1 7   ? -0.867  8.350   -1.858  1.00 139.51 ? 7   PRO A CA  1 
ATOM 11   C C   . PRO A 1 7   ? 0.479   7.893   -1.327  1.00 139.78 ? 7   PRO A C   1 
ATOM 12   O O   . PRO A 1 7   ? 1.429   7.769   -2.110  1.00 139.34 ? 7   PRO A O   1 
ATOM 13   C CB  . PRO A 1 7   ? -1.022  9.872   -1.768  1.00 137.70 ? 7   PRO A CB  1 
ATOM 14   C CG  . PRO A 1 7   ? -1.693  10.088  -0.478  1.00 137.43 ? 7   PRO A CG  1 
ATOM 15   C CD  . PRO A 1 7   ? -2.665  8.954   -0.345  1.00 138.52 ? 7   PRO A CD  1 
ATOM 16   N N   . ALA A 1 8   ? 0.587   7.635   -0.023  1.00 125.56 ? 8   ALA A N   1 
ATOM 17   C CA  . ALA A 1 8   ? 1.855   7.237   0.575   1.00 122.60 ? 8   ALA A CA  1 
ATOM 18   C C   . ALA A 1 8   ? 2.327   5.867   0.114   1.00 123.17 ? 8   ALA A C   1 
ATOM 19   O O   . ALA A 1 8   ? 3.497   5.533   0.326   1.00 126.02 ? 8   ALA A O   1 
ATOM 20   C CB  . ALA A 1 8   ? 1.743   7.256   2.099   1.00 121.79 ? 8   ALA A CB  1 
ATOM 21   N N   . ILE A 1 9   ? 1.457   5.069   -0.499  1.00 120.77 ? 9   ILE A N   1 
ATOM 22   C CA  . ILE A 1 9   ? 1.834   3.749   -0.991  1.00 120.36 ? 9   ILE A CA  1 
ATOM 23   C C   . ILE A 1 9   ? 1.706   3.624   -2.498  1.00 119.72 ? 9   ILE A C   1 
ATOM 24   O O   . ILE A 1 9   ? 2.067   2.570   -3.046  1.00 123.15 ? 9   ILE A O   1 
ATOM 25   C CB  . ILE A 1 9   ? 1.015   2.636   -0.306  1.00 121.58 ? 9   ILE A CB  1 
ATOM 26   C CG1 . ILE A 1 9   ? -0.434  3.087   -0.118  1.00 125.99 ? 9   ILE A CG1 1 
ATOM 27   C CG2 . ILE A 1 9   ? 1.638   2.264   1.025   1.00 119.24 ? 9   ILE A CG2 1 
ATOM 28   C CD1 . ILE A 1 9   ? -1.301  2.075   0.594   1.00 125.43 ? 9   ILE A CD1 1 
ATOM 29   N N   . THR A 1 10  ? 1.205   4.651   -3.188  1.00 127.04 ? 10  THR A N   1 
ATOM 30   C CA  . THR A 1 10  ? 0.970   4.564   -4.623  1.00 131.02 ? 10  THR A CA  1 
ATOM 31   C C   . THR A 1 10  ? 1.586   5.730   -5.386  1.00 129.15 ? 10  THR A C   1 
ATOM 32   O O   . THR A 1 10  ? 1.249   5.939   -6.554  1.00 128.25 ? 10  THR A O   1 
ATOM 33   C CB  . THR A 1 10  ? -0.529  4.488   -4.921  1.00 135.10 ? 10  THR A CB  1 
ATOM 34   O OG1 . THR A 1 10  ? -1.193  5.603   -4.315  1.00 136.49 ? 10  THR A OG1 1 
ATOM 35   C CG2 . THR A 1 10  ? -1.118  3.198   -4.378  1.00 136.23 ? 10  THR A CG2 1 
ATOM 36   N N   . TYR A 1 11  ? 2.481   6.496   -4.761  1.00 118.42 ? 11  TYR A N   1 
ATOM 37   C CA  . TYR A 1 11  ? 3.090   7.608   -5.479  1.00 121.52 ? 11  TYR A CA  1 
ATOM 38   C C   . TYR A 1 11  ? 4.030   7.147   -6.583  1.00 121.46 ? 11  TYR A C   1 
ATOM 39   O O   . TYR A 1 11  ? 4.393   7.959   -7.439  1.00 123.66 ? 11  TYR A O   1 
ATOM 40   C CB  . TYR A 1 11  ? 3.831   8.531   -4.513  1.00 123.23 ? 11  TYR A CB  1 
ATOM 41   C CG  . TYR A 1 11  ? 4.922   7.866   -3.712  1.00 116.37 ? 11  TYR A CG  1 
ATOM 42   C CD1 . TYR A 1 11  ? 6.211   7.760   -4.212  1.00 115.71 ? 11  TYR A CD1 1 
ATOM 43   C CD2 . TYR A 1 11  ? 4.668   7.364   -2.448  1.00 117.87 ? 11  TYR A CD2 1 
ATOM 44   C CE1 . TYR A 1 11  ? 7.210   7.160   -3.480  1.00 120.52 ? 11  TYR A CE1 1 
ATOM 45   C CE2 . TYR A 1 11  ? 5.661   6.766   -1.707  1.00 120.22 ? 11  TYR A CE2 1 
ATOM 46   C CZ  . TYR A 1 11  ? 6.930   6.664   -2.228  1.00 121.34 ? 11  TYR A CZ  1 
ATOM 47   O OH  . TYR A 1 11  ? 7.923   6.065   -1.492  1.00 121.83 ? 11  TYR A OH  1 
ATOM 48   N N   . LEU A 1 12  ? 4.432   5.878   -6.585  1.00 118.98 ? 12  LEU A N   1 
ATOM 49   C CA  . LEU A 1 12  ? 5.203   5.300   -7.676  1.00 120.48 ? 12  LEU A CA  1 
ATOM 50   C C   . LEU A 1 12  ? 4.347   4.383   -8.541  1.00 122.06 ? 12  LEU A C   1 
ATOM 51   O O   . LEU A 1 12  ? 4.811   3.334   -8.990  1.00 123.76 ? 12  LEU A O   1 
ATOM 52   C CB  . LEU A 1 12  ? 6.418   4.543   -7.147  1.00 115.08 ? 12  LEU A CB  1 
ATOM 53   C CG  . LEU A 1 12  ? 7.629   5.383   -6.749  1.00 113.00 ? 12  LEU A CG  1 
ATOM 54   C CD1 . LEU A 1 12  ? 8.895   4.556   -6.857  1.00 116.06 ? 12  LEU A CD1 1 
ATOM 55   C CD2 . LEU A 1 12  ? 7.725   6.624   -7.614  1.00 119.89 ? 12  LEU A CD2 1 
ATOM 56   N N   . LYS A 1 13  ? 3.089   4.753   -8.761  1.00 124.29 ? 13  LYS A N   1 
ATOM 57   C CA  . LYS A 1 13  ? 2.224   3.970   -9.631  1.00 124.73 ? 13  LYS A CA  1 
ATOM 58   C C   . LYS A 1 13  ? 2.207   4.491   -11.057 1.00 122.46 ? 13  LYS A C   1 
ATOM 59   O O   . LYS A 1 13  ? 1.978   3.713   -11.988 1.00 126.67 ? 13  LYS A O   1 
ATOM 60   C CB  . LYS A 1 13  ? 0.798   3.941   -9.078  1.00 128.30 ? 13  LYS A CB  1 
ATOM 61   C CG  . LYS A 1 13  ? -0.080  2.872   -9.701  1.00 129.44 ? 13  LYS A CG  1 
ATOM 62   C CD  . LYS A 1 13  ? 0.643   1.538   -9.769  1.00 128.87 ? 13  LYS A CD  1 
ATOM 63   C CE  . LYS A 1 13  ? 0.041   0.532   -8.805  1.00 126.75 ? 13  LYS A CE  1 
ATOM 64   N NZ  . LYS A 1 13  ? 0.709   -0.795  -8.899  1.00 125.12 ? 13  LYS A NZ  1 
ATOM 65   N N   . ARG A 1 14  ? 2.437   5.793   -11.250 1.00 132.57 ? 14  ARG A N   1 
ATOM 66   C CA  . ARG A 1 14  ? 2.520   6.340   -12.599 1.00 139.53 ? 14  ARG A CA  1 
ATOM 67   C C   . ARG A 1 14  ? 3.606   5.633   -13.396 1.00 141.47 ? 14  ARG A C   1 
ATOM 68   O O   . ARG A 1 14  ? 3.335   5.006   -14.426 1.00 140.23 ? 14  ARG A O   1 
ATOM 69   C CB  . ARG A 1 14  ? 2.774   7.846   -12.537 1.00 140.10 ? 14  ARG A CB  1 
ATOM 70   C CG  . ARG A 1 14  ? 2.453   8.579   -13.829 1.00 141.62 ? 14  ARG A CG  1 
ATOM 71   C CD  . ARG A 1 14  ? 1.041   8.275   -14.310 1.00 143.53 ? 14  ARG A CD  1 
ATOM 72   N NE  . ARG A 1 14  ? 0.056   8.369   -13.238 1.00 148.69 ? 14  ARG A NE  1 
ATOM 73   C CZ  . ARG A 1 14  ? -1.249  8.197   -13.402 1.00 147.58 ? 14  ARG A CZ  1 
ATOM 74   N NH1 . ARG A 1 14  ? -1.765  7.919   -14.589 1.00 144.13 ? 14  ARG A NH1 1 
ATOM 75   N NH2 . ARG A 1 14  ? -2.055  8.307   -12.351 1.00 143.15 ? 14  ARG A NH2 1 
ATOM 76   N N   . LEU A 1 15  ? 4.846   5.720   -12.931 1.00 125.94 ? 15  LEU A N   1 
ATOM 77   C CA  . LEU A 1 15  ? 5.882   4.817   -13.405 1.00 125.69 ? 15  LEU A CA  1 
ATOM 78   C C   . LEU A 1 15  ? 5.603   3.439   -12.826 1.00 126.92 ? 15  LEU A C   1 
ATOM 79   O O   . LEU A 1 15  ? 5.528   3.287   -11.603 1.00 128.24 ? 15  LEU A O   1 
ATOM 80   C CB  . LEU A 1 15  ? 7.260   5.310   -12.978 1.00 125.49 ? 15  LEU A CB  1 
ATOM 81   C CG  . LEU A 1 15  ? 7.574   6.789   -13.205 1.00 124.82 ? 15  LEU A CG  1 
ATOM 82   C CD1 . LEU A 1 15  ? 7.267   7.605   -11.960 1.00 121.87 ? 15  LEU A CD1 1 
ATOM 83   C CD2 . LEU A 1 15  ? 9.025   6.963   -13.613 1.00 128.39 ? 15  LEU A CD2 1 
ATOM 84   N N   . GLY A 1 16  ? 5.430   2.441   -13.690 1.00 120.79 ? 16  GLY A N   1 
ATOM 85   C CA  . GLY A 1 16  ? 4.987   1.147   -13.212 1.00 120.29 ? 16  GLY A CA  1 
ATOM 86   C C   . GLY A 1 16  ? 5.921   0.548   -12.183 1.00 121.23 ? 16  GLY A C   1 
ATOM 87   O O   . GLY A 1 16  ? 6.986   0.028   -12.526 1.00 124.50 ? 16  GLY A O   1 
ATOM 88   N N   . TYR A 1 17  ? 5.505   0.593   -10.921 1.00 119.26 ? 17  TYR A N   1 
ATOM 89   C CA  . TYR A 1 17  ? 6.324   0.170   -9.791  1.00 120.49 ? 17  TYR A CA  1 
ATOM 90   C C   . TYR A 1 17  ? 5.425   0.082   -8.567  1.00 122.33 ? 17  TYR A C   1 
ATOM 91   O O   . TYR A 1 17  ? 4.292   0.566   -8.568  1.00 125.58 ? 17  TYR A O   1 
ATOM 92   C CB  . TYR A 1 17  ? 7.482   1.136   -9.530  1.00 121.61 ? 17  TYR A CB  1 
ATOM 93   C CG  . TYR A 1 17  ? 8.688   0.897   -10.401 1.00 123.70 ? 17  TYR A CG  1 
ATOM 94   C CD1 . TYR A 1 17  ? 9.323   -0.332  -10.416 1.00 125.06 ? 17  TYR A CD1 1 
ATOM 95   C CD2 . TYR A 1 17  ? 9.181   1.899   -11.221 1.00 124.50 ? 17  TYR A CD2 1 
ATOM 96   C CE1 . TYR A 1 17  ? 10.418  -0.555  -11.217 1.00 123.99 ? 17  TYR A CE1 1 
ATOM 97   C CE2 . TYR A 1 17  ? 10.276  1.685   -12.023 1.00 124.41 ? 17  TYR A CE2 1 
ATOM 98   C CZ  . TYR A 1 17  ? 10.890  0.456   -12.019 1.00 123.60 ? 17  TYR A CZ  1 
ATOM 99   O OH  . TYR A 1 17  ? 11.984  0.238   -12.819 1.00 130.03 ? 17  TYR A OH  1 
ATOM 100  N N   . ASN A 1 18  ? 5.952   -0.541  -7.517  1.00 113.94 ? 18  ASN A N   1 
ATOM 101  C CA  . ASN A 1 18  ? 5.281   -0.618  -6.229  1.00 108.07 ? 18  ASN A CA  1 
ATOM 102  C C   . ASN A 1 18  ? 6.152   0.046   -5.175  1.00 109.05 ? 18  ASN A C   1 
ATOM 103  O O   . ASN A 1 18  ? 7.363   -0.190  -5.117  1.00 115.03 ? 18  ASN A O   1 
ATOM 104  C CB  . ASN A 1 18  ? 4.993   -2.066  -5.834  1.00 111.25 ? 18  ASN A CB  1 
ATOM 105  C CG  . ASN A 1 18  ? 3.956   -2.716  -6.723  1.00 114.79 ? 18  ASN A CG  1 
ATOM 106  O OD1 . ASN A 1 18  ? 3.837   -2.386  -7.902  1.00 111.87 ? 18  ASN A OD1 1 
ATOM 107  N ND2 . ASN A 1 18  ? 3.199   -3.650  -6.162  1.00 118.51 ? 18  ASN A ND2 1 
ATOM 108  N N   . VAL A 1 19  ? 5.535   0.879   -4.347  1.00 109.45 ? 19  VAL A N   1 
ATOM 109  C CA  . VAL A 1 19  ? 6.264   1.629   -3.332  1.00 112.55 ? 19  VAL A CA  1 
ATOM 110  C C   . VAL A 1 19  ? 6.696   0.683   -2.221  1.00 109.31 ? 19  VAL A C   1 
ATOM 111  O O   . VAL A 1 19  ? 5.905   -0.138  -1.745  1.00 113.09 ? 19  VAL A O   1 
ATOM 112  C CB  . VAL A 1 19  ? 5.403   2.772   -2.777  1.00 115.55 ? 19  VAL A CB  1 
ATOM 113  C CG1 . VAL A 1 19  ? 6.027   3.339   -1.520  1.00 112.59 ? 19  VAL A CG1 1 
ATOM 114  C CG2 . VAL A 1 19  ? 5.229   3.857   -3.821  1.00 116.49 ? 19  VAL A CG2 1 
ATOM 115  N N   . VAL A 1 20  ? 7.953   0.792   -1.807  1.00 102.55 ? 20  VAL A N   1 
ATOM 116  C CA  . VAL A 1 20  ? 8.460   0.054   -0.658  1.00 107.13 ? 20  VAL A CA  1 
ATOM 117  C C   . VAL A 1 20  ? 8.424   0.989   0.543   1.00 110.67 ? 20  VAL A C   1 
ATOM 118  O O   . VAL A 1 20  ? 9.146   1.989   0.584   1.00 113.42 ? 20  VAL A O   1 
ATOM 119  C CB  . VAL A 1 20  ? 9.876   -0.477  -0.903  1.00 104.37 ? 20  VAL A CB  1 
ATOM 120  C CG1 . VAL A 1 20  ? 10.539  -0.841  0.414   1.00 102.22 ? 20  VAL A CG1 1 
ATOM 121  C CG2 . VAL A 1 20  ? 9.834   -1.675  -1.819  1.00 106.48 ? 20  VAL A CG2 1 
ATOM 122  N N   . ARG A 1 21  ? 7.574   0.678   1.515   1.00 121.78 ? 21  ARG A N   1 
ATOM 123  C CA  . ARG A 1 21  ? 7.561   1.442   2.752   1.00 120.72 ? 21  ARG A CA  1 
ATOM 124  C C   . ARG A 1 21  ? 8.836   1.170   3.536   1.00 126.47 ? 21  ARG A C   1 
ATOM 125  O O   . ARG A 1 21  ? 9.276   0.023   3.652   1.00 128.66 ? 21  ARG A O   1 
ATOM 126  C CB  . ARG A 1 21  ? 6.334   1.084   3.587   1.00 119.96 ? 21  ARG A CB  1 
ATOM 127  C CG  . ARG A 1 21  ? 5.023   1.483   2.941   1.00 122.38 ? 21  ARG A CG  1 
ATOM 128  C CD  . ARG A 1 21  ? 3.846   0.904   3.695   1.00 123.88 ? 21  ARG A CD  1 
ATOM 129  N NE  . ARG A 1 21  ? 3.839   -0.553  3.645   1.00 125.85 ? 21  ARG A NE  1 
ATOM 130  C CZ  . ARG A 1 21  ? 2.913   -1.315  4.208   1.00 127.87 ? 21  ARG A CZ  1 
ATOM 131  N NH1 . ARG A 1 21  ? 1.897   -0.790  4.872   1.00 126.02 ? 21  ARG A NH1 1 
ATOM 132  N NH2 . ARG A 1 21  ? 3.009   -2.637  4.103   1.00 127.81 ? 21  ARG A NH2 1 
ATOM 133  N N   . LEU A 1 22  ? 9.423   2.236   4.082   1.00 115.76 ? 22  LEU A N   1 
ATOM 134  C CA  . LEU A 1 22  ? 10.731  2.170   4.720   1.00 114.12 ? 22  LEU A CA  1 
ATOM 135  C C   . LEU A 1 22  ? 11.723  1.518   3.766   1.00 110.37 ? 22  LEU A C   1 
ATOM 136  O O   . LEU A 1 22  ? 12.097  0.353   3.955   1.00 107.58 ? 22  LEU A O   1 
ATOM 137  C CB  . LEU A 1 22  ? 10.667  1.404   6.042   1.00 111.21 ? 22  LEU A CB  1 
ATOM 138  C CG  . LEU A 1 22  ? 11.946  1.422   6.880   1.00 109.23 ? 22  LEU A CG  1 
ATOM 139  C CD1 . LEU A 1 22  ? 12.103  2.757   7.585   1.00 112.67 ? 22  LEU A CD1 1 
ATOM 140  C CD2 . LEU A 1 22  ? 11.940  0.279   7.878   1.00 112.76 ? 22  LEU A CD2 1 
ATOM 141  N N   . PRO A 1 23  ? 12.131  2.216   2.710   1.00 107.83 ? 23  PRO A N   1 
ATOM 142  C CA  . PRO A 1 23  ? 13.086  1.631   1.764   1.00 105.30 ? 23  PRO A CA  1 
ATOM 143  C C   . PRO A 1 23  ? 14.371  1.224   2.465   1.00 114.64 ? 23  PRO A C   1 
ATOM 144  O O   . PRO A 1 23  ? 14.899  1.951   3.307   1.00 118.24 ? 23  PRO A O   1 
ATOM 145  C CB  . PRO A 1 23  ? 13.325  2.764   0.759   1.00 105.86 ? 23  PRO A CB  1 
ATOM 146  C CG  . PRO A 1 23  ? 12.928  3.998   1.473   1.00 109.36 ? 23  PRO A CG  1 
ATOM 147  C CD  . PRO A 1 23  ? 11.804  3.609   2.368   1.00 112.37 ? 23  PRO A CD  1 
ATOM 148  N N   . ARG A 1 24  ? 14.874  0.049   2.102   1.00 122.54 ? 24  ARG A N   1 
ATOM 149  C CA  . ARG A 1 24  ? 16.015  -0.544  2.782   1.00 117.36 ? 24  ARG A CA  1 
ATOM 150  C C   . ARG A 1 24  ? 16.963  -1.105  1.734   1.00 115.46 ? 24  ARG A C   1 
ATOM 151  O O   . ARG A 1 24  ? 16.794  -0.887  0.530   1.00 119.48 ? 24  ARG A O   1 
ATOM 152  C CB  . ARG A 1 24  ? 15.556  -1.624  3.768   1.00 110.50 ? 24  ARG A CB  1 
ATOM 153  C CG  . ARG A 1 24  ? 14.703  -2.694  3.122   1.00 113.75 ? 24  ARG A CG  1 
ATOM 154  C CD  . ARG A 1 24  ? 14.283  -3.750  4.122   1.00 114.29 ? 24  ARG A CD  1 
ATOM 155  N NE  . ARG A 1 24  ? 13.375  -4.717  3.519   1.00 118.51 ? 24  ARG A NE  1 
ATOM 156  C CZ  . ARG A 1 24  ? 12.804  -5.720  4.172   1.00 121.83 ? 24  ARG A CZ  1 
ATOM 157  N NH1 . ARG A 1 24  ? 13.033  -5.925  5.459   1.00 118.38 ? 24  ARG A NH1 1 
ATOM 158  N NH2 . ARG A 1 24  ? 11.984  -6.536  3.518   1.00 121.57 ? 24  ARG A NH2 1 
ATOM 159  N N   . GLU A 1 25  ? 17.964  -1.841  2.200   1.00 123.49 ? 25  GLU A N   1 
ATOM 160  C CA  . GLU A 1 25  ? 18.979  -2.437  1.351   1.00 126.52 ? 25  GLU A CA  1 
ATOM 161  C C   . GLU A 1 25  ? 18.902  -3.951  1.458   1.00 128.87 ? 25  GLU A C   1 
ATOM 162  O O   . GLU A 1 25  ? 18.663  -4.494  2.541   1.00 129.15 ? 25  GLU A O   1 
ATOM 163  C CB  . GLU A 1 25  ? 20.375  -1.953  1.748   1.00 128.59 ? 25  GLU A CB  1 
ATOM 164  C CG  . GLU A 1 25  ? 21.512  -2.662  1.038   1.00 132.20 ? 25  GLU A CG  1 
ATOM 165  C CD  . GLU A 1 25  ? 22.802  -2.613  1.829   1.00 134.98 ? 25  GLU A CD  1 
ATOM 166  O OE1 . GLU A 1 25  ? 22.742  -2.301  3.037   1.00 131.79 ? 25  GLU A OE1 1 
ATOM 167  O OE2 . GLU A 1 25  ? 23.872  -2.886  1.248   1.00 135.89 ? 25  GLU A OE2 1 
ATOM 168  N N   . GLY A 1 26  ? 19.096  -4.629  0.333   1.00 124.82 ? 26  GLY A N   1 
ATOM 169  C CA  . GLY A 1 26  ? 19.131  -6.075  0.336   1.00 126.80 ? 26  GLY A CA  1 
ATOM 170  C C   . GLY A 1 26  ? 17.815  -6.712  -0.051  1.00 126.32 ? 26  GLY A C   1 
ATOM 171  O O   . GLY A 1 26  ? 17.387  -7.691  0.565   1.00 125.47 ? 26  GLY A O   1 
ATOM 172  N N   . ILE A 1 27  ? 17.158  -6.158  -1.067  1.00 116.87 ? 27  ILE A N   1 
ATOM 173  C CA  . ILE A 1 27  ? 15.949  -6.744  -1.640  1.00 116.80 ? 27  ILE A CA  1 
ATOM 174  C C   . ILE A 1 27  ? 16.233  -6.923  -3.128  1.00 118.71 ? 27  ILE A C   1 
ATOM 175  O O   . ILE A 1 27  ? 15.978  -6.028  -3.939  1.00 122.41 ? 27  ILE A O   1 
ATOM 176  C CB  . ILE A 1 27  ? 14.704  -5.883  -1.410  1.00 113.44 ? 27  ILE A CB  1 
ATOM 177  C CG1 . ILE A 1 27  ? 14.563  -5.540  0.072   1.00 116.59 ? 27  ILE A CG1 1 
ATOM 178  C CG2 . ILE A 1 27  ? 13.463  -6.602  -1.903  1.00 112.53 ? 27  ILE A CG2 1 
ATOM 179  C CD1 . ILE A 1 27  ? 14.230  -6.731  0.941   1.00 116.90 ? 27  ILE A CD1 1 
ATOM 180  N N   . GLN A 1 28  ? 16.764  -8.082  -3.492  1.00 127.80 ? 28  GLN A N   1 
ATOM 181  C CA  . GLN A 1 28  ? 17.095  -8.377  -4.874  1.00 127.10 ? 28  GLN A CA  1 
ATOM 182  C C   . GLN A 1 28  ? 15.866  -8.915  -5.592  1.00 127.94 ? 28  GLN A C   1 
ATOM 183  O O   . GLN A 1 28  ? 14.844  -9.203  -4.969  1.00 133.91 ? 28  GLN A O   1 
ATOM 184  C CB  . GLN A 1 28  ? 18.248  -9.377  -4.919  1.00 129.39 ? 28  GLN A CB  1 
ATOM 185  C CG  . GLN A 1 28  ? 19.571  -8.815  -4.443  1.00 128.85 ? 28  GLN A CG  1 
ATOM 186  C CD  . GLN A 1 28  ? 20.124  -9.574  -3.257  1.00 135.81 ? 28  GLN A CD  1 
ATOM 187  O OE1 . GLN A 1 28  ? 19.586  -10.607 -2.864  1.00 137.71 ? 28  GLN A OE1 1 
ATOM 188  N NE2 . GLN A 1 28  ? 21.205  -9.065  -2.679  1.00 136.58 ? 28  GLN A NE2 1 
ATOM 189  N N   . PRO A 1 29  ? 15.924  -9.052  -6.919  1.00 111.50 ? 29  PRO A N   1 
ATOM 190  C CA  . PRO A 1 29  ? 14.832  -9.731  -7.627  1.00 111.30 ? 29  PRO A CA  1 
ATOM 191  C C   . PRO A 1 29  ? 14.687  -11.183 -7.203  1.00 118.28 ? 29  PRO A C   1 
ATOM 192  O O   . PRO A 1 29  ? 15.482  -11.681 -6.401  1.00 119.62 ? 29  PRO A O   1 
ATOM 193  C CB  . PRO A 1 29  ? 15.240  -9.612  -9.099  1.00 113.77 ? 29  PRO A CB  1 
ATOM 194  C CG  . PRO A 1 29  ? 16.104  -8.411  -9.145  1.00 116.34 ? 29  PRO A CG  1 
ATOM 195  C CD  . PRO A 1 29  ? 16.858  -8.402  -7.855  1.00 117.21 ? 29  PRO A CD  1 
ATOM 196  N N   . LEU A 1 30  ? 13.668  -11.862 -7.736  1.00 125.97 ? 30  LEU A N   1 
ATOM 197  C CA  . LEU A 1 30  ? 13.306  -13.234 -7.354  1.00 125.68 ? 30  LEU A CA  1 
ATOM 198  C C   . LEU A 1 30  ? 13.277  -13.416 -5.837  1.00 123.50 ? 30  LEU A C   1 
ATOM 199  O O   . LEU A 1 30  ? 13.568  -14.493 -5.316  1.00 122.21 ? 30  LEU A O   1 
ATOM 200  C CB  . LEU A 1 30  ? 14.212  -14.275 -8.026  1.00 122.29 ? 30  LEU A CB  1 
ATOM 201  C CG  . LEU A 1 30  ? 15.742  -14.215 -8.078  1.00 122.85 ? 30  LEU A CG  1 
ATOM 202  C CD1 . LEU A 1 30  ? 16.370  -14.717 -6.788  1.00 122.66 ? 30  LEU A CD1 1 
ATOM 203  C CD2 . LEU A 1 30  ? 16.258  -15.003 -9.267  1.00 123.33 ? 30  LEU A CD2 1 
ATOM 204  N N   . HIS A 1 31  ? 12.912  -12.354 -5.120  1.00 124.92 ? 31  HIS A N   1 
ATOM 205  C CA  . HIS A 1 31  ? 12.671  -12.411 -3.681  1.00 124.09 ? 31  HIS A CA  1 
ATOM 206  C C   . HIS A 1 31  ? 11.161  -12.475 -3.486  1.00 126.13 ? 31  HIS A C   1 
ATOM 207  O O   . HIS A 1 31  ? 10.499  -11.470 -3.232  1.00 129.87 ? 31  HIS A O   1 
ATOM 208  C CB  . HIS A 1 31  ? 13.270  -11.196 -2.985  1.00 124.89 ? 31  HIS A CB  1 
ATOM 209  C CG  . HIS A 1 31  ? 14.750  -11.269 -2.794  1.00 125.52 ? 31  HIS A CG  1 
ATOM 210  N ND1 . HIS A 1 31  ? 15.412  -10.530 -1.837  1.00 123.75 ? 31  HIS A ND1 1 
ATOM 211  C CD2 . HIS A 1 31  ? 15.699  -11.993 -3.431  1.00 127.50 ? 31  HIS A CD2 1 
ATOM 212  C CE1 . HIS A 1 31  ? 16.704  -10.791 -1.898  1.00 126.16 ? 31  HIS A CE1 1 
ATOM 213  N NE2 . HIS A 1 31  ? 16.905  -11.678 -2.856  1.00 130.18 ? 31  HIS A NE2 1 
ATOM 214  N N   . LEU A 1 32  ? 10.608  -13.679 -3.617  1.00 130.03 ? 32  LEU A N   1 
ATOM 215  C CA  . LEU A 1 32  ? 9.160   -13.812 -3.617  1.00 128.55 ? 32  LEU A CA  1 
ATOM 216  C C   . LEU A 1 32  ? 8.580   -13.358 -2.283  1.00 127.18 ? 32  LEU A C   1 
ATOM 217  O O   . LEU A 1 32  ? 9.171   -13.553 -1.219  1.00 127.19 ? 32  LEU A O   1 
ATOM 218  C CB  . LEU A 1 32  ? 8.739   -15.251 -3.917  1.00 127.79 ? 32  LEU A CB  1 
ATOM 219  C CG  . LEU A 1 32  ? 8.604   -16.247 -2.766  1.00 125.80 ? 32  LEU A CG  1 
ATOM 220  C CD1 . LEU A 1 32  ? 7.944   -17.516 -3.258  1.00 126.35 ? 32  LEU A CD1 1 
ATOM 221  C CD2 . LEU A 1 32  ? 9.958   -16.560 -2.175  1.00 126.31 ? 32  LEU A CD2 1 
ATOM 222  N N   . LEU A 1 33  ? 7.418   -12.717 -2.359  1.00 119.04 ? 33  LEU A N   1 
ATOM 223  C CA  . LEU A 1 33  ? 6.773   -12.129 -1.197  1.00 118.63 ? 33  LEU A CA  1 
ATOM 224  C C   . LEU A 1 33  ? 5.272   -12.354 -1.299  1.00 118.90 ? 33  LEU A C   1 
ATOM 225  O O   . LEU A 1 33  ? 4.702   -12.358 -2.391  1.00 117.67 ? 33  LEU A O   1 
ATOM 226  C CB  . LEU A 1 33  ? 7.100   -10.633 -1.072  1.00 118.05 ? 33  LEU A CB  1 
ATOM 227  C CG  . LEU A 1 33  ? 6.464   -9.584  -1.989  1.00 114.52 ? 33  LEU A CG  1 
ATOM 228  C CD1 . LEU A 1 33  ? 7.085   -8.231  -1.711  1.00 115.76 ? 33  LEU A CD1 1 
ATOM 229  C CD2 . LEU A 1 33  ? 6.617   -9.924  -3.456  1.00 117.64 ? 33  LEU A CD2 1 
ATOM 230  N N   . GLY A 1 34  ? 4.642   -12.543 -0.147  1.00 140.71 ? 34  GLY A N   1 
ATOM 231  C CA  . GLY A 1 34  ? 3.246   -12.948 -0.075  1.00 141.11 ? 34  GLY A CA  1 
ATOM 232  C C   . GLY A 1 34  ? 2.349   -11.791 0.329   1.00 139.18 ? 34  GLY A C   1 
ATOM 233  O O   . GLY A 1 34  ? 2.704   -10.995 1.201   1.00 142.41 ? 34  GLY A O   1 
ATOM 234  N N   . GLN A 1 35  ? 1.186   -11.714 -0.303  1.00 143.69 ? 35  GLN A N   1 
ATOM 235  C CA  . GLN A 1 35  ? 0.180   -10.702 0.003   1.00 144.56 ? 35  GLN A CA  1 
ATOM 236  C C   . GLN A 1 35  ? -1.070  -11.428 0.488   1.00 144.27 ? 35  GLN A C   1 
ATOM 237  O O   . GLN A 1 35  ? -1.883  -11.898 -0.309  1.00 146.49 ? 35  GLN A O   1 
ATOM 238  C CB  . GLN A 1 35  ? -0.112  -9.829  -1.210  1.00 149.91 ? 35  GLN A CB  1 
ATOM 239  C CG  . GLN A 1 35  ? -1.107  -8.715  -0.945  1.00 151.11 ? 35  GLN A CG  1 
ATOM 240  C CD  . GLN A 1 35  ? -2.520  -9.091  -1.340  1.00 151.02 ? 35  GLN A CD  1 
ATOM 241  O OE1 . GLN A 1 35  ? -2.857  -9.125  -2.523  1.00 146.43 ? 35  GLN A OE1 1 
ATOM 242  N NE2 . GLN A 1 35  ? -3.354  -9.378  -0.349  1.00 151.71 ? 35  GLN A NE2 1 
ATOM 243  N N   . GLN A 1 36  ? -1.213  -11.524 1.805   1.00 151.58 ? 36  GLN A N   1 
ATOM 244  C CA  . GLN A 1 36  ? -2.395  -12.104 2.420   1.00 155.00 ? 36  GLN A CA  1 
ATOM 245  C C   . GLN A 1 36  ? -2.772  -11.281 3.641   1.00 157.45 ? 36  GLN A C   1 
ATOM 246  O O   . GLN A 1 36  ? -1.932  -10.591 4.226   1.00 159.64 ? 36  GLN A O   1 
ATOM 247  C CB  . GLN A 1 36  ? -2.170  -13.569 2.814   1.00 153.89 ? 36  GLN A CB  1 
ATOM 248  C CG  . GLN A 1 36  ? -1.752  -13.779 4.255   1.00 153.34 ? 36  GLN A CG  1 
ATOM 249  C CD  . GLN A 1 36  ? -1.070  -15.113 4.468   1.00 154.80 ? 36  GLN A CD  1 
ATOM 250  O OE1 . GLN A 1 36  ? -0.094  -15.438 3.794   1.00 158.02 ? 36  GLN A OE1 1 
ATOM 251  N NE2 . GLN A 1 36  ? -1.585  -15.897 5.406   1.00 153.55 ? 36  GLN A NE2 1 
ATOM 252  N N   . ARG A 1 37  ? -4.053  -11.347 4.007   1.00 156.88 ? 37  ARG A N   1 
ATOM 253  C CA  . ARG A 1 37  ? -4.592  -10.600 5.143   1.00 155.81 ? 37  ARG A CA  1 
ATOM 254  C C   . ARG A 1 37  ? -4.349  -9.102  4.995   1.00 156.26 ? 37  ARG A C   1 
ATOM 255  O O   . ARG A 1 37  ? -4.159  -8.392  5.986   1.00 155.59 ? 37  ARG A O   1 
ATOM 256  C CB  . ARG A 1 37  ? -4.012  -11.109 6.465   1.00 155.76 ? 37  ARG A CB  1 
ATOM 257  C CG  . ARG A 1 37  ? -4.400  -12.538 6.804   1.00 155.27 ? 37  ARG A CG  1 
ATOM 258  C CD  . ARG A 1 37  ? -3.430  -13.149 7.803   1.00 156.09 ? 37  ARG A CD  1 
ATOM 259  N NE  . ARG A 1 37  ? -3.380  -12.406 9.056   1.00 156.19 ? 37  ARG A NE  1 
ATOM 260  C CZ  . ARG A 1 37  ? -4.212  -12.592 10.072  1.00 155.56 ? 37  ARG A CZ  1 
ATOM 261  N NH1 . ARG A 1 37  ? -5.175  -13.497 10.018  1.00 155.31 ? 37  ARG A NH1 1 
ATOM 262  N NH2 . ARG A 1 37  ? -4.072  -11.853 11.168  1.00 153.41 ? 37  ARG A NH2 1 
ATOM 263  N N   . GLY A 1 38  ? -4.344  -8.614  3.761   1.00 144.40 ? 38  GLY A N   1 
ATOM 264  C CA  . GLY A 1 38  ? -4.143  -7.204  3.466   1.00 143.28 ? 38  GLY A CA  1 
ATOM 265  C C   . GLY A 1 38  ? -2.700  -6.745  3.431   1.00 145.28 ? 38  GLY A C   1 
ATOM 266  O O   . GLY A 1 38  ? -2.375  -5.774  2.745   1.00 142.84 ? 38  GLY A O   1 
ATOM 267  N N   . THR A 1 39  ? -1.824  -7.428  4.159   1.00 161.24 ? 39  THR A N   1 
ATOM 268  C CA  . THR A 1 39  ? -0.437  -7.007  4.260   1.00 159.53 ? 39  THR A CA  1 
ATOM 269  C C   . THR A 1 39  ? 0.429   -7.708  3.216   1.00 159.47 ? 39  THR A C   1 
ATOM 270  O O   . THR A 1 39  ? 0.044   -8.719  2.623   1.00 159.49 ? 39  THR A O   1 
ATOM 271  C CB  . THR A 1 39  ? 0.106   -7.293  5.658   1.00 158.29 ? 39  THR A CB  1 
ATOM 272  O OG1 . THR A 1 39  ? -0.242  -8.629  6.039   1.00 160.63 ? 39  THR A OG1 1 
ATOM 273  C CG2 . THR A 1 39  ? -0.483  -6.318  6.664   1.00 157.18 ? 39  THR A CG2 1 
ATOM 274  N N   . VAL A 1 40  ? 1.617   -7.149  2.998   1.00 142.97 ? 40  VAL A N   1 
ATOM 275  C CA  . VAL A 1 40  ? 2.617   -7.708  2.097   1.00 138.86 ? 40  VAL A CA  1 
ATOM 276  C C   . VAL A 1 40  ? 3.861   -8.018  2.916   1.00 140.55 ? 40  VAL A C   1 
ATOM 277  O O   . VAL A 1 40  ? 4.372   -7.146  3.628   1.00 139.19 ? 40  VAL A O   1 
ATOM 278  C CB  . VAL A 1 40  ? 2.944   -6.744  0.944   1.00 133.40 ? 40  VAL A CB  1 
ATOM 279  C CG1 . VAL A 1 40  ? 4.299   -7.072  0.347   1.00 137.38 ? 40  VAL A CG1 1 
ATOM 280  C CG2 . VAL A 1 40  ? 1.863   -6.804  -0.116  1.00 134.11 ? 40  VAL A CG2 1 
ATOM 281  N N   . GLU A 1 41  ? 4.344   -9.255  2.823   1.00 155.84 ? 41  GLU A N   1 
ATOM 282  C CA  . GLU A 1 41  ? 5.430   -9.726  3.667   1.00 153.35 ? 41  GLU A CA  1 
ATOM 283  C C   . GLU A 1 41  ? 6.486   -10.443 2.841   1.00 150.26 ? 41  GLU A C   1 
ATOM 284  O O   . GLU A 1 41  ? 6.164   -11.253 1.968   1.00 150.94 ? 41  GLU A O   1 
ATOM 285  C CB  . GLU A 1 41  ? 4.908   -10.662 4.761   1.00 157.05 ? 41  GLU A CB  1 
ATOM 286  C CG  . GLU A 1 41  ? 3.852   -10.042 5.660   1.00 160.14 ? 41  GLU A CG  1 
ATOM 287  C CD  . GLU A 1 41  ? 2.439   -10.303 5.171   1.00 162.10 ? 41  GLU A CD  1 
ATOM 288  O OE1 . GLU A 1 41  ? 2.239   -10.397 3.944   1.00 165.03 ? 41  GLU A OE1 1 
ATOM 289  O OE2 . GLU A 1 41  ? 1.528   -10.414 6.019   1.00 161.36 ? 41  GLU A OE2 1 
ATOM 290  N N   . TYR A 1 42  ? 7.747   -10.148 3.142   1.00 123.03 ? 42  TYR A N   1 
ATOM 291  C CA  . TYR A 1 42  ? 8.866   -10.839 2.517   1.00 124.03 ? 42  TYR A CA  1 
ATOM 292  C C   . TYR A 1 42  ? 8.832   -12.322 2.864   1.00 127.88 ? 42  TYR A C   1 
ATOM 293  O O   . TYR A 1 42  ? 8.473   -12.704 3.980   1.00 131.49 ? 42  TYR A O   1 
ATOM 294  C CB  . TYR A 1 42  ? 10.175  -10.214 2.990   1.00 126.54 ? 42  TYR A CB  1 
ATOM 295  C CG  . TYR A 1 42  ? 11.397  -10.630 2.214   1.00 128.21 ? 42  TYR A CG  1 
ATOM 296  C CD1 . TYR A 1 42  ? 11.710  -10.031 1.004   1.00 127.08 ? 42  TYR A CD1 1 
ATOM 297  C CD2 . TYR A 1 42  ? 12.249  -11.605 2.704   1.00 127.19 ? 42  TYR A CD2 1 
ATOM 298  C CE1 . TYR A 1 42  ? 12.832  -10.402 0.300   1.00 124.79 ? 42  TYR A CE1 1 
ATOM 299  C CE2 . TYR A 1 42  ? 13.371  -11.980 2.008   1.00 125.83 ? 42  TYR A CE2 1 
ATOM 300  C CZ  . TYR A 1 42  ? 13.657  -11.379 0.806   1.00 126.81 ? 42  TYR A CZ  1 
ATOM 301  O OH  . TYR A 1 42  ? 14.779  -11.759 0.114   1.00 127.90 ? 42  TYR A OH  1 
ATOM 302  N N   . LEU A 1 43  ? 9.207   -13.164 1.903   1.00 129.46 ? 43  LEU A N   1 
ATOM 303  C CA  . LEU A 1 43  ? 9.127   -14.609 2.091   1.00 129.09 ? 43  LEU A CA  1 
ATOM 304  C C   . LEU A 1 43  ? 10.383  -15.300 1.580   1.00 130.03 ? 43  LEU A C   1 
ATOM 305  O O   . LEU A 1 43  ? 10.327  -16.417 1.055   1.00 129.82 ? 43  LEU A O   1 
ATOM 306  C CB  . LEU A 1 43  ? 7.890   -15.188 1.407   1.00 129.88 ? 43  LEU A CB  1 
ATOM 307  C CG  . LEU A 1 43  ? 6.552   -14.864 2.066   1.00 129.96 ? 43  LEU A CG  1 
ATOM 308  C CD1 . LEU A 1 43  ? 5.414   -15.500 1.295   1.00 129.16 ? 43  LEU A CD1 1 
ATOM 309  C CD2 . LEU A 1 43  ? 6.547   -15.328 3.507   1.00 130.87 ? 43  LEU A CD2 1 
ATOM 310  N N   . GLY A 1 44  ? 11.531  -14.655 1.730   1.00 133.40 ? 44  GLY A N   1 
ATOM 311  C CA  . GLY A 1 44  ? 12.779  -15.300 1.378   1.00 131.81 ? 44  GLY A CA  1 
ATOM 312  C C   . GLY A 1 44  ? 13.000  -15.405 -0.122  1.00 132.16 ? 44  GLY A C   1 
ATOM 313  O O   . GLY A 1 44  ? 12.311  -14.796 -0.939  1.00 131.62 ? 44  GLY A O   1 
ATOM 314  N N   . SER A 1 45  ? 14.004  -16.203 -0.472  1.00 136.47 ? 45  SER A N   1 
ATOM 315  C CA  . SER A 1 45  ? 14.375  -16.391 -1.863  1.00 139.44 ? 45  SER A CA  1 
ATOM 316  C C   . SER A 1 45  ? 13.380  -17.301 -2.574  1.00 139.48 ? 45  SER A C   1 
ATOM 317  O O   . SER A 1 45  ? 12.694  -18.120 -1.959  1.00 141.24 ? 45  SER A O   1 
ATOM 318  C CB  . SER A 1 45  ? 15.783  -16.974 -1.973  1.00 138.85 ? 45  SER A CB  1 
ATOM 319  O OG  . SER A 1 45  ? 15.949  -17.655 -3.204  1.00 140.80 ? 45  SER A OG  1 
ATOM 320  N N   . LEU A 1 46  ? 13.320  -17.152 -3.898  1.00 126.64 ? 46  LEU A N   1 
ATOM 321  C CA  . LEU A 1 46  ? 12.363  -17.912 -4.695  1.00 122.22 ? 46  LEU A CA  1 
ATOM 322  C C   . LEU A 1 46  ? 12.676  -19.402 -4.674  1.00 126.22 ? 46  LEU A C   1 
ATOM 323  O O   . LEU A 1 46  ? 11.760  -20.234 -4.672  1.00 125.88 ? 46  LEU A O   1 
ATOM 324  C CB  . LEU A 1 46  ? 12.350  -17.389 -6.130  1.00 121.08 ? 46  LEU A CB  1 
ATOM 325  C CG  . LEU A 1 46  ? 11.789  -18.325 -7.200  1.00 123.10 ? 46  LEU A CG  1 
ATOM 326  C CD1 . LEU A 1 46  ? 10.285  -18.456 -7.050  1.00 127.81 ? 46  LEU A CD1 1 
ATOM 327  C CD2 . LEU A 1 46  ? 12.149  -17.827 -8.587  1.00 123.73 ? 46  LEU A CD2 1 
ATOM 328  N N   . GLU A 1 47  ? 13.962  -19.760 -4.647  1.00 145.06 ? 47  GLU A N   1 
ATOM 329  C CA  . GLU A 1 47  ? 14.356  -21.158 -4.774  1.00 144.32 ? 47  GLU A CA  1 
ATOM 330  C C   . GLU A 1 47  ? 13.791  -22.035 -3.665  1.00 144.09 ? 47  GLU A C   1 
ATOM 331  O O   . GLU A 1 47  ? 13.706  -23.255 -3.842  1.00 145.72 ? 47  GLU A O   1 
ATOM 332  C CB  . GLU A 1 47  ? 15.880  -21.268 -4.802  1.00 144.70 ? 47  GLU A CB  1 
ATOM 333  C CG  . GLU A 1 47  ? 16.556  -20.789 -3.533  1.00 146.06 ? 47  GLU A CG  1 
ATOM 334  C CD  . GLU A 1 47  ? 16.930  -21.929 -2.610  1.00 148.62 ? 47  GLU A CD  1 
ATOM 335  O OE1 . GLU A 1 47  ? 16.566  -23.084 -2.912  1.00 149.02 ? 47  GLU A OE1 1 
ATOM 336  O OE2 . GLU A 1 47  ? 17.588  -21.668 -1.581  1.00 149.13 ? 47  GLU A OE2 1 
ATOM 337  N N   . LYS A 1 48  ? 13.407  -21.452 -2.528  1.00 135.27 ? 48  LYS A N   1 
ATOM 338  C CA  . LYS A 1 48  ? 12.794  -22.247 -1.469  1.00 133.68 ? 48  LYS A CA  1 
ATOM 339  C C   . LYS A 1 48  ? 11.438  -22.794 -1.890  1.00 135.56 ? 48  LYS A C   1 
ATOM 340  O O   . LYS A 1 48  ? 11.030  -23.862 -1.422  1.00 137.60 ? 48  LYS A O   1 
ATOM 341  C CB  . LYS A 1 48  ? 12.653  -21.416 -0.196  1.00 131.76 ? 48  LYS A CB  1 
ATOM 342  C CG  . LYS A 1 48  ? 13.833  -20.511 0.089   1.00 135.11 ? 48  LYS A CG  1 
ATOM 343  C CD  . LYS A 1 48  ? 14.629  -21.006 1.281   1.00 135.21 ? 48  LYS A CD  1 
ATOM 344  C CE  . LYS A 1 48  ? 15.696  -20.002 1.678   1.00 136.55 ? 48  LYS A CE  1 
ATOM 345  N NZ  . LYS A 1 48  ? 16.922  -20.146 0.849   1.00 137.12 ? 48  LYS A NZ  1 
ATOM 346  N N   . LEU A 1 49  ? 10.724  -22.077 -2.759  1.00 143.92 ? 49  LEU A N   1 
ATOM 347  C CA  . LEU A 1 49  ? 9.397   -22.519 -3.175  1.00 143.46 ? 49  LEU A CA  1 
ATOM 348  C C   . LEU A 1 49  ? 9.462   -23.833 -3.943  1.00 145.85 ? 49  LEU A C   1 
ATOM 349  O O   . LEU A 1 49  ? 8.640   -24.730 -3.725  1.00 147.16 ? 49  LEU A O   1 
ATOM 350  C CB  . LEU A 1 49  ? 8.730   -21.432 -4.017  1.00 144.34 ? 49  LEU A CB  1 
ATOM 351  C CG  . LEU A 1 49  ? 7.440   -21.780 -4.760  1.00 145.95 ? 49  LEU A CG  1 
ATOM 352  C CD1 . LEU A 1 49  ? 6.464   -20.624 -4.670  1.00 147.86 ? 49  LEU A CD1 1 
ATOM 353  C CD2 . LEU A 1 49  ? 7.726   -22.105 -6.215  1.00 146.58 ? 49  LEU A CD2 1 
ATOM 354  N N   . ILE A 1 50  ? 10.427  -23.964 -4.846  1.00 156.96 ? 50  ILE A N   1 
ATOM 355  C CA  . ILE A 1 50  ? 10.541  -25.157 -5.676  1.00 157.10 ? 50  ILE A CA  1 
ATOM 356  C C   . ILE A 1 50  ? 11.246  -26.249 -4.884  1.00 159.16 ? 50  ILE A C   1 
ATOM 357  O O   . ILE A 1 50  ? 12.257  -25.996 -4.218  1.00 159.00 ? 50  ILE A O   1 
ATOM 358  C CB  . ILE A 1 50  ? 11.291  -24.840 -6.978  1.00 156.61 ? 50  ILE A CB  1 
ATOM 359  C CG1 . ILE A 1 50  ? 10.403  -24.023 -7.916  1.00 157.52 ? 50  ILE A CG1 1 
ATOM 360  C CG2 . ILE A 1 50  ? 11.734  -26.114 -7.669  1.00 156.28 ? 50  ILE A CG2 1 
ATOM 361  C CD1 . ILE A 1 50  ? 11.166  -23.334 -9.019  1.00 157.53 ? 50  ILE A CD1 1 
ATOM 362  N N   . THR A 1 51  ? 10.707  -27.469 -4.949  1.00 162.42 ? 51  THR A N   1 
ATOM 363  C CA  . THR A 1 51  ? 11.317  -28.587 -4.237  1.00 161.09 ? 51  THR A CA  1 
ATOM 364  C C   . THR A 1 51  ? 12.729  -28.858 -4.735  1.00 162.42 ? 51  THR A C   1 
ATOM 365  O O   . THR A 1 51  ? 13.639  -29.110 -3.937  1.00 161.85 ? 51  THR A O   1 
ATOM 366  C CB  . THR A 1 51  ? 10.459  -29.840 -4.390  1.00 159.20 ? 51  THR A CB  1 
ATOM 367  O OG1 . THR A 1 51  ? 10.426  -30.230 -5.769  1.00 159.48 ? 51  THR A OG1 1 
ATOM 368  C CG2 . THR A 1 51  ? 9.046   -29.572 -3.915  1.00 159.47 ? 51  THR A CG2 1 
ATOM 369  N N   . GLN A 1 52  ? 12.934  -28.812 -6.052  1.00 156.36 ? 52  GLN A N   1 
ATOM 370  C CA  . GLN A 1 52  ? 14.225  -29.114 -6.669  1.00 153.78 ? 52  GLN A CA  1 
ATOM 371  C C   . GLN A 1 52  ? 14.655  -27.933 -7.529  1.00 155.33 ? 52  GLN A C   1 
ATOM 372  O O   . GLN A 1 52  ? 14.323  -27.870 -8.723  1.00 154.43 ? 52  GLN A O   1 
ATOM 373  C CB  . GLN A 1 52  ? 14.144  -30.394 -7.495  1.00 152.74 ? 52  GLN A CB  1 
ATOM 374  C CG  . GLN A 1 52  ? 14.503  -31.645 -6.719  1.00 152.43 ? 52  GLN A CG  1 
ATOM 375  C CD  . GLN A 1 52  ? 13.942  -32.898 -7.353  1.00 153.99 ? 52  GLN A CD  1 
ATOM 376  O OE1 . GLN A 1 52  ? 12.879  -32.871 -7.973  1.00 153.88 ? 52  GLN A OE1 1 
ATOM 377  N NE2 . GLN A 1 52  ? 14.655  -34.008 -7.204  1.00 153.76 ? 52  GLN A NE2 1 
ATOM 378  N N   . PRO A 1 53  ? 15.391  -26.981 -6.968  1.00 165.21 ? 53  PRO A N   1 
ATOM 379  C CA  . PRO A 1 53  ? 15.852  -25.839 -7.759  1.00 165.89 ? 53  PRO A CA  1 
ATOM 380  C C   . PRO A 1 53  ? 16.956  -26.257 -8.712  1.00 164.12 ? 53  PRO A C   1 
ATOM 381  O O   . PRO A 1 53  ? 18.044  -26.663 -8.279  1.00 160.88 ? 53  PRO A O   1 
ATOM 382  C CB  . PRO A 1 53  ? 16.370  -24.856 -6.699  1.00 166.89 ? 53  PRO A CB  1 
ATOM 383  C CG  . PRO A 1 53  ? 16.702  -25.694 -5.517  1.00 164.24 ? 53  PRO A CG  1 
ATOM 384  C CD  . PRO A 1 53  ? 15.911  -26.969 -5.592  1.00 163.46 ? 53  PRO A CD  1 
ATOM 385  N N   . PRO A 1 54  ? 16.716  -26.171 -10.016 1.00 177.50 ? 54  PRO A N   1 
ATOM 386  C CA  . PRO A 1 54  ? 17.703  -26.676 -10.979 1.00 179.04 ? 54  PRO A CA  1 
ATOM 387  C C   . PRO A 1 54  ? 18.918  -25.775 -11.123 1.00 179.64 ? 54  PRO A C   1 
ATOM 388  O O   . PRO A 1 54  ? 18.833  -24.686 -11.700 1.00 181.18 ? 54  PRO A O   1 
ATOM 389  C CB  . PRO A 1 54  ? 16.905  -26.753 -12.285 1.00 178.04 ? 54  PRO A CB  1 
ATOM 390  C CG  . PRO A 1 54  ? 15.851  -25.718 -12.138 1.00 176.87 ? 54  PRO A CG  1 
ATOM 391  C CD  . PRO A 1 54  ? 15.508  -25.646 -10.676 1.00 176.48 ? 54  PRO A CD  1 
ATOM 392  N N   . SER A 1 55  ? 20.053  -26.231 -10.593 1.00 171.43 ? 55  SER A N   1 
ATOM 393  C CA  . SER A 1 55  ? 21.358  -25.590 -10.778 1.00 171.51 ? 55  SER A CA  1 
ATOM 394  C C   . SER A 1 55  ? 21.280  -24.160 -10.261 1.00 172.75 ? 55  SER A C   1 
ATOM 395  O O   . SER A 1 55  ? 21.090  -23.973 -9.047  1.00 170.36 ? 55  SER A O   1 
ATOM 396  C CB  . SER A 1 55  ? 21.774  -25.745 -12.243 1.00 173.48 ? 55  SER A CB  1 
ATOM 397  O OG  . SER A 1 55  ? 21.169  -24.747 -13.047 1.00 173.81 ? 55  SER A OG  1 
ATOM 398  N N   . GLU A 1 56  ? 21.411  -23.141 -11.108 1.00 178.81 ? 56  GLU A N   1 
ATOM 399  C CA  . GLU A 1 56  ? 21.498  -21.762 -10.669 1.00 177.65 ? 56  GLU A CA  1 
ATOM 400  C C   . GLU A 1 56  ? 20.211  -21.005 -10.981 1.00 176.72 ? 56  GLU A C   1 
ATOM 401  O O   . GLU A 1 56  ? 19.515  -21.318 -11.950 1.00 175.07 ? 56  GLU A O   1 
ATOM 402  C CB  . GLU A 1 56  ? 22.675  -21.046 -11.344 1.00 177.41 ? 56  GLU A CB  1 
ATOM 403  C CG  . GLU A 1 56  ? 23.985  -21.151 -10.582 1.00 178.99 ? 56  GLU A CG  1 
ATOM 404  C CD  . GLU A 1 56  ? 24.299  -22.572 -10.157 1.00 180.64 ? 56  GLU A CD  1 
ATOM 405  O OE1 . GLU A 1 56  ? 24.333  -23.461 -11.033 1.00 182.37 ? 56  GLU A OE1 1 
ATOM 406  O OE2 . GLU A 1 56  ? 24.510  -22.799 -8.947  1.00 179.04 ? 56  GLU A OE2 1 
ATOM 407  N N   . PRO A 1 57  ? 19.873  -20.001 -10.177 1.00 155.51 ? 57  PRO A N   1 
ATOM 408  C CA  . PRO A 1 57  ? 18.719  -19.158 -10.484 1.00 154.03 ? 57  PRO A CA  1 
ATOM 409  C C   . PRO A 1 57  ? 19.007  -18.279 -11.686 1.00 153.06 ? 57  PRO A C   1 
ATOM 410  O O   . PRO A 1 57  ? 20.169  -18.144 -12.097 1.00 153.35 ? 57  PRO A O   1 
ATOM 411  C CB  . PRO A 1 57  ? 18.545  -18.323 -9.207  1.00 152.07 ? 57  PRO A CB  1 
ATOM 412  C CG  . PRO A 1 57  ? 19.894  -18.299 -8.589  1.00 151.13 ? 57  PRO A CG  1 
ATOM 413  C CD  . PRO A 1 57  ? 20.522  -19.620 -8.911  1.00 151.98 ? 57  PRO A CD  1 
ATOM 414  N N   . PRO A 1 58  ? 17.979  -17.682 -12.291 1.00 130.06 ? 58  PRO A N   1 
ATOM 415  C CA  . PRO A 1 58  ? 18.215  -16.821 -13.455 1.00 130.04 ? 58  PRO A CA  1 
ATOM 416  C C   . PRO A 1 58  ? 19.141  -15.664 -13.119 1.00 130.61 ? 58  PRO A C   1 
ATOM 417  O O   . PRO A 1 58  ? 19.099  -15.101 -12.024 1.00 128.14 ? 58  PRO A O   1 
ATOM 418  C CB  . PRO A 1 58  ? 16.813  -16.326 -13.823 1.00 127.94 ? 58  PRO A CB  1 
ATOM 419  C CG  . PRO A 1 58  ? 15.893  -17.341 -13.258 1.00 126.05 ? 58  PRO A CG  1 
ATOM 420  C CD  . PRO A 1 58  ? 16.544  -17.833 -12.003 1.00 127.60 ? 58  PRO A CD  1 
ATOM 421  N N   . ALA A 1 59  ? 19.989  -15.317 -14.084 1.00 145.88 ? 59  ALA A N   1 
ATOM 422  C CA  . ALA A 1 59  ? 20.968  -14.261 -13.879 1.00 146.80 ? 59  ALA A CA  1 
ATOM 423  C C   . ALA A 1 59  ? 20.280  -12.917 -13.684 1.00 147.21 ? 59  ALA A C   1 
ATOM 424  O O   . ALA A 1 59  ? 19.224  -12.642 -14.260 1.00 145.83 ? 59  ALA A O   1 
ATOM 425  C CB  . ALA A 1 59  ? 21.930  -14.189 -15.064 1.00 145.73 ? 59  ALA A CB  1 
ATOM 426  N N   . ILE A 1 60  ? 20.891  -12.075 -12.858 1.00 137.07 ? 60  ILE A N   1 
ATOM 427  C CA  . ILE A 1 60  ? 20.350  -10.767 -12.516 1.00 136.60 ? 60  ILE A CA  1 
ATOM 428  C C   . ILE A 1 60  ? 21.278  -9.705  -13.085 1.00 137.22 ? 60  ILE A C   1 
ATOM 429  O O   . ILE A 1 60  ? 22.447  -9.617  -12.691 1.00 136.88 ? 60  ILE A O   1 
ATOM 430  C CB  . ILE A 1 60  ? 20.195  -10.602 -10.996 1.00 131.74 ? 60  ILE A CB  1 
ATOM 431  C CG1 . ILE A 1 60  ? 19.477  -11.812 -10.402 1.00 133.10 ? 60  ILE A CG1 1 
ATOM 432  C CG2 . ILE A 1 60  ? 19.442  -9.329  -10.672 1.00 132.54 ? 60  ILE A CG2 1 
ATOM 433  C CD1 . ILE A 1 60  ? 19.335  -11.753 -8.900  1.00 134.68 ? 60  ILE A CD1 1 
ATOM 434  N N   . THR A 1 61  ? 20.764  -8.907  -14.016 1.00 127.06 ? 61  THR A N   1 
ATOM 435  C CA  . THR A 1 61  ? 21.503  -7.744  -14.483 1.00 124.69 ? 61  THR A CA  1 
ATOM 436  C C   . THR A 1 61  ? 21.489  -6.670  -13.405 1.00 127.28 ? 61  THR A C   1 
ATOM 437  O O   . THR A 1 61  ? 20.479  -6.471  -12.728 1.00 133.09 ? 61  THR A O   1 
ATOM 438  C CB  . THR A 1 61  ? 20.896  -7.207  -15.775 1.00 126.14 ? 61  THR A CB  1 
ATOM 439  O OG1 . THR A 1 61  ? 20.605  -8.300  -16.654 1.00 128.35 ? 61  THR A OG1 1 
ATOM 440  C CG2 . THR A 1 61  ? 21.861  -6.258  -16.461 1.00 128.41 ? 61  THR A CG2 1 
ATOM 441  N N   . ARG A 1 62  ? 22.615  -5.979  -13.240 1.00 123.70 ? 62  ARG A N   1 
ATOM 442  C CA  . ARG A 1 62  ? 22.804  -5.077  -12.113 1.00 124.06 ? 62  ARG A CA  1 
ATOM 443  C C   . ARG A 1 62  ? 23.233  -3.695  -12.582 1.00 127.50 ? 62  ARG A C   1 
ATOM 444  O O   . ARG A 1 62  ? 23.855  -3.543  -13.636 1.00 129.76 ? 62  ARG A O   1 
ATOM 445  C CB  . ARG A 1 62  ? 23.857  -5.623  -11.137 1.00 123.42 ? 62  ARG A CB  1 
ATOM 446  C CG  . ARG A 1 62  ? 23.851  -7.132  -10.990 1.00 125.74 ? 62  ARG A CG  1 
ATOM 447  C CD  . ARG A 1 62  ? 22.613  -7.602  -10.257 1.00 127.13 ? 62  ARG A CD  1 
ATOM 448  N NE  . ARG A 1 62  ? 22.617  -7.190  -8.858  1.00 130.82 ? 62  ARG A NE  1 
ATOM 449  C CZ  . ARG A 1 62  ? 23.253  -7.838  -7.892  1.00 128.80 ? 62  ARG A CZ  1 
ATOM 450  N NH1 . ARG A 1 62  ? 23.955  -8.933  -8.139  1.00 125.82 ? 62  ARG A NH1 1 
ATOM 451  N NH2 . ARG A 1 62  ? 23.185  -7.375  -6.648  1.00 127.39 ? 62  ARG A NH2 1 
ATOM 452  N N   . ASP A 1 63  ? 22.890  -2.688  -11.775 1.00 134.33 ? 63  ASP A N   1 
ATOM 453  C CA  . ASP A 1 63  ? 23.409  -1.326  -11.901 1.00 133.97 ? 63  ASP A CA  1 
ATOM 454  C C   . ASP A 1 63  ? 23.099  -0.732  -13.279 1.00 133.42 ? 63  ASP A C   1 
ATOM 455  O O   . ASP A 1 63  ? 23.983  -0.443  -14.085 1.00 136.08 ? 63  ASP A O   1 
ATOM 456  C CB  . ASP A 1 63  ? 24.912  -1.294  -11.609 1.00 137.77 ? 63  ASP A CB  1 
ATOM 457  C CG  . ASP A 1 63  ? 25.253  -1.917  -10.272 1.00 140.53 ? 63  ASP A CG  1 
ATOM 458  O OD1 . ASP A 1 63  ? 24.494  -2.797  -9.816  1.00 137.02 ? 63  ASP A OD1 1 
ATOM 459  O OD2 . ASP A 1 63  ? 26.280  -1.529  -9.677  1.00 144.59 ? 63  ASP A OD2 1 
ATOM 460  N N   . GLN A 1 64  ? 21.805  -0.562  -13.527 1.00 117.65 ? 64  GLN A N   1 
ATOM 461  C CA  . GLN A 1 64  ? 21.317  0.120   -14.716 1.00 117.76 ? 64  GLN A CA  1 
ATOM 462  C C   . GLN A 1 64  ? 20.635  1.415   -14.298 1.00 121.38 ? 64  GLN A C   1 
ATOM 463  O O   . GLN A 1 64  ? 19.733  1.400   -13.454 1.00 127.56 ? 64  GLN A O   1 
ATOM 464  C CB  . GLN A 1 64  ? 20.354  -0.771  -15.498 1.00 117.59 ? 64  GLN A CB  1 
ATOM 465  C CG  . GLN A 1 64  ? 20.735  -2.238  -15.478 1.00 118.19 ? 64  GLN A CG  1 
ATOM 466  C CD  . GLN A 1 64  ? 19.773  -3.097  -16.266 1.00 122.65 ? 64  GLN A CD  1 
ATOM 467  O OE1 . GLN A 1 64  ? 19.806  -3.116  -17.495 1.00 122.57 ? 64  GLN A OE1 1 
ATOM 468  N NE2 . GLN A 1 64  ? 18.903  -3.810  -15.563 1.00 123.36 ? 64  GLN A NE2 1 
ATOM 469  N N   . ALA A 1 65  ? 21.066  2.526   -14.887 1.00 109.26 ? 65  ALA A N   1 
ATOM 470  C CA  . ALA A 1 65  ? 20.593  3.834   -14.466 1.00 113.32 ? 65  ALA A CA  1 
ATOM 471  C C   . ALA A 1 65  ? 19.148  4.066   -14.899 1.00 117.55 ? 65  ALA A C   1 
ATOM 472  O O   . ALA A 1 65  ? 18.639  3.443   -15.834 1.00 114.42 ? 65  ALA A O   1 
ATOM 473  C CB  . ALA A 1 65  ? 21.489  4.932   -15.030 1.00 111.35 ? 65  ALA A CB  1 
ATOM 474  N N   . ALA A 1 66  ? 18.484  4.990   -14.197 1.00 124.20 ? 66  ALA A N   1 
ATOM 475  C CA  . ALA A 1 66  ? 17.103  5.335   -14.509 1.00 122.18 ? 66  ALA A CA  1 
ATOM 476  C C   . ALA A 1 66  ? 16.834  6.835   -14.428 1.00 121.98 ? 66  ALA A C   1 
ATOM 477  O O   . ALA A 1 66  ? 15.670  7.242   -14.520 1.00 120.33 ? 66  ALA A O   1 
ATOM 478  C CB  . ALA A 1 66  ? 16.140  4.588   -13.584 1.00 120.76 ? 66  ALA A CB  1 
ATOM 479  N N   . ALA A 1 67  ? 17.863  7.659   -14.235 1.00 139.79 ? 67  ALA A N   1 
ATOM 480  C CA  . ALA A 1 67  ? 17.828  9.119   -14.285 1.00 141.80 ? 67  ALA A CA  1 
ATOM 481  C C   . ALA A 1 67  ? 17.087  9.764   -13.119 1.00 142.56 ? 67  ALA A C   1 
ATOM 482  O O   . ALA A 1 67  ? 16.857  10.978  -13.155 1.00 144.57 ? 67  ALA A O   1 
ATOM 483  C CB  . ALA A 1 67  ? 17.226  9.647   -15.596 1.00 132.65 ? 67  ALA A CB  1 
ATOM 484  N N   . GLY A 1 68  ? 16.702  9.012   -12.098 1.00 122.46 ? 68  GLY A N   1 
ATOM 485  C CA  . GLY A 1 68  ? 16.105  9.598   -10.917 1.00 120.83 ? 68  GLY A CA  1 
ATOM 486  C C   . GLY A 1 68  ? 14.681  10.071  -11.152 1.00 120.52 ? 68  GLY A C   1 
ATOM 487  O O   . GLY A 1 68  ? 14.206  10.189  -12.279 1.00 123.38 ? 68  GLY A O   1 
ATOM 488  N N   . ILE A 1 69  ? 13.989  10.352  -10.050 1.00 108.10 ? 69  ILE A N   1 
ATOM 489  C CA  . ILE A 1 69  ? 12.586  10.748  -10.115 1.00 108.51 ? 69  ILE A CA  1 
ATOM 490  C C   . ILE A 1 69  ? 12.241  11.564  -8.878  1.00 108.86 ? 69  ILE A C   1 
ATOM 491  O O   . ILE A 1 69  ? 12.518  11.146  -7.751  1.00 116.29 ? 69  ILE A O   1 
ATOM 492  C CB  . ILE A 1 69  ? 11.663  9.518   -10.235 1.00 107.44 ? 69  ILE A CB  1 
ATOM 493  C CG1 . ILE A 1 69  ? 10.205  9.899   -9.976  1.00 110.35 ? 69  ILE A CG1 1 
ATOM 494  C CG2 . ILE A 1 69  ? 12.114  8.418   -9.291  1.00 105.70 ? 69  ILE A CG2 1 
ATOM 495  C CD1 . ILE A 1 69  ? 9.650   10.912  -10.953 1.00 117.85 ? 69  ILE A CD1 1 
ATOM 496  N N   . ASN A 1 70  ? 11.617  12.719  -9.083  1.00 112.16 ? 70  ASN A N   1 
ATOM 497  C CA  . ASN A 1 70  ? 11.097  13.523  -7.990  1.00 109.98 ? 70  ASN A CA  1 
ATOM 498  C C   . ASN A 1 70  ? 9.713   14.033  -8.357  1.00 112.33 ? 70  ASN A C   1 
ATOM 499  O O   . ASN A 1 70  ? 9.411   14.267  -9.530  1.00 119.58 ? 70  ASN A O   1 
ATOM 500  C CB  . ASN A 1 70  ? 12.014  14.700  -7.666  1.00 106.96 ? 70  ASN A CB  1 
ATOM 501  C CG  . ASN A 1 70  ? 11.988  15.764  -8.731  1.00 114.69 ? 70  ASN A CG  1 
ATOM 502  O OD1 . ASN A 1 70  ? 11.281  16.762  -8.607  1.00 115.92 ? 70  ASN A OD1 1 
ATOM 503  N ND2 . ASN A 1 70  ? 12.756  15.559  -9.793  1.00 118.33 ? 70  ASN A ND2 1 
ATOM 504  N N   . GLY A 1 71  ? 8.873   14.201  -7.345  1.00 85.82  ? 71  GLY A N   1 
ATOM 505  C CA  . GLY A 1 71  ? 7.522   14.661  -7.590  1.00 91.18  ? 71  GLY A CA  1 
ATOM 506  C C   . GLY A 1 71  ? 6.719   14.682  -6.310  1.00 91.20  ? 71  GLY A C   1 
ATOM 507  O O   . GLY A 1 71  ? 7.250   14.485  -5.216  1.00 101.92 ? 71  GLY A O   1 
ATOM 508  N N   . GLN A 1 72  ? 5.424   14.937  -6.465  1.00 104.53 ? 72  GLN A N   1 
ATOM 509  C CA  . GLN A 1 72  ? 4.529   14.976  -5.320  1.00 106.99 ? 72  GLN A CA  1 
ATOM 510  C C   . GLN A 1 72  ? 3.124   14.611  -5.766  1.00 105.95 ? 72  GLN A C   1 
ATOM 511  O O   . GLN A 1 72  ? 2.778   14.703  -6.946  1.00 113.65 ? 72  GLN A O   1 
ATOM 512  C CB  . GLN A 1 72  ? 4.531   16.349  -4.648  1.00 106.85 ? 72  GLN A CB  1 
ATOM 513  C CG  . GLN A 1 72  ? 3.817   17.421  -5.437  1.00 105.06 ? 72  GLN A CG  1 
ATOM 514  C CD  . GLN A 1 72  ? 3.771   18.741  -4.702  1.00 108.49 ? 72  GLN A CD  1 
ATOM 515  O OE1 . GLN A 1 72  ? 4.578   18.994  -3.809  1.00 108.58 ? 72  GLN A OE1 1 
ATOM 516  N NE2 . GLN A 1 72  ? 2.821   19.590  -5.071  1.00 110.26 ? 72  GLN A NE2 1 
ATOM 517  N N   . LYS A 1 73  ? 2.323   14.194  -4.794  1.00 101.52 ? 73  LYS A N   1 
ATOM 518  C CA  . LYS A 1 73  ? 0.923   13.861  -4.989  1.00 107.72 ? 73  LYS A CA  1 
ATOM 519  C C   . LYS A 1 73  ? 0.122   14.500  -3.866  1.00 109.29 ? 73  LYS A C   1 
ATOM 520  O O   . LYS A 1 73  ? 0.619   14.656  -2.748  1.00 116.13 ? 73  LYS A O   1 
ATOM 521  C CB  . LYS A 1 73  ? 0.706   12.344  -5.005  1.00 110.75 ? 73  LYS A CB  1 
ATOM 522  C CG  . LYS A 1 73  ? -0.592  11.904  -5.649  1.00 115.64 ? 73  LYS A CG  1 
ATOM 523  C CD  . LYS A 1 73  ? -0.826  10.419  -5.433  1.00 113.60 ? 73  LYS A CD  1 
ATOM 524  C CE  . LYS A 1 73  ? -1.796  9.855   -6.455  1.00 115.01 ? 73  LYS A CE  1 
ATOM 525  N NZ  . LYS A 1 73  ? -1.151  9.674   -7.784  1.00 114.65 ? 73  LYS A NZ  1 
ATOM 526  N N   . THR A 1 74  ? -1.117  14.873  -4.167  1.00 127.17 ? 74  THR A N   1 
ATOM 527  C CA  . THR A 1 74  ? -1.937  15.584  -3.196  1.00 125.99 ? 74  THR A CA  1 
ATOM 528  C C   . THR A 1 74  ? -3.402  15.268  -3.439  1.00 126.37 ? 74  THR A C   1 
ATOM 529  O O   . THR A 1 74  ? -3.847  15.206  -4.587  1.00 129.16 ? 74  THR A O   1 
ATOM 530  C CB  . THR A 1 74  ? -1.707  17.098  -3.283  1.00 128.85 ? 74  THR A CB  1 
ATOM 531  O OG1 . THR A 1 74  ? -0.327  17.390  -3.035  1.00 128.05 ? 74  THR A OG1 1 
ATOM 532  C CG2 . THR A 1 74  ? -2.562  17.836  -2.266  1.00 123.73 ? 74  THR A CG2 1 
ATOM 533  N N   . GLU A 1 75  ? -4.147  15.069  -2.353  1.00 127.79 ? 75  GLU A N   1 
ATOM 534  C CA  . GLU A 1 75  ? -5.592  14.921  -2.433  1.00 133.08 ? 75  GLU A CA  1 
ATOM 535  C C   . GLU A 1 75  ? -6.213  15.501  -1.172  1.00 131.99 ? 75  GLU A C   1 
ATOM 536  O O   . GLU A 1 75  ? -5.569  15.595  -0.127  1.00 137.64 ? 75  GLU A O   1 
ATOM 537  C CB  . GLU A 1 75  ? -6.009  13.457  -2.609  1.00 136.54 ? 75  GLU A CB  1 
ATOM 538  C CG  . GLU A 1 75  ? -6.162  12.692  -1.308  1.00 137.56 ? 75  GLU A CG  1 
ATOM 539  C CD  . GLU A 1 75  ? -6.743  11.309  -1.513  1.00 140.32 ? 75  GLU A CD  1 
ATOM 540  O OE1 . GLU A 1 75  ? -7.217  11.021  -2.632  1.00 140.23 ? 75  GLU A OE1 1 
ATOM 541  O OE2 . GLU A 1 75  ? -6.725  10.508  -0.556  1.00 140.70 ? 75  GLU A OE2 1 
ATOM 542  N N   . ASN A 1 76  ? -7.474  15.908  -1.285  1.00 128.42 ? 76  ASN A N   1 
ATOM 543  C CA  . ASN A 1 76  ? -8.208  16.402  -0.130  1.00 126.80 ? 76  ASN A CA  1 
ATOM 544  C C   . ASN A 1 76  ? -9.694  16.355  -0.435  1.00 128.79 ? 76  ASN A C   1 
ATOM 545  O O   . ASN A 1 76  ? -10.126 16.754  -1.518  1.00 134.41 ? 76  ASN A O   1 
ATOM 546  C CB  . ASN A 1 76  ? -7.787  17.826  0.249   1.00 126.21 ? 76  ASN A CB  1 
ATOM 547  C CG  . ASN A 1 76  ? -7.417  18.662  -0.952  1.00 131.55 ? 76  ASN A CG  1 
ATOM 548  O OD1 . ASN A 1 76  ? -6.400  18.422  -1.600  1.00 134.08 ? 76  ASN A OD1 1 
ATOM 549  N ND2 . ASN A 1 76  ? -8.241  19.656  -1.255  1.00 134.23 ? 76  ASN A ND2 1 
ATOM 550  N N   . LEU A 1 77  ? -10.466 15.867  0.530   1.00 128.59 ? 77  LEU A N   1 
ATOM 551  C CA  . LEU A 1 77  ? -11.912 15.756  0.402   1.00 133.76 ? 77  LEU A CA  1 
ATOM 552  C C   . LEU A 1 77  ? -12.565 16.420  1.602   1.00 133.70 ? 77  LEU A C   1 
ATOM 553  O O   . LEU A 1 77  ? -12.272 16.062  2.745   1.00 142.31 ? 77  LEU A O   1 
ATOM 554  C CB  . LEU A 1 77  ? -12.347 14.292  0.305   1.00 135.07 ? 77  LEU A CB  1 
ATOM 555  C CG  . LEU A 1 77  ? -13.854 14.037  0.285   1.00 137.69 ? 77  LEU A CG  1 
ATOM 556  C CD1 . LEU A 1 77  ? -14.213 13.090  -0.847  1.00 137.77 ? 77  LEU A CD1 1 
ATOM 557  C CD2 . LEU A 1 77  ? -14.327 13.483  1.617   1.00 134.65 ? 77  LEU A CD2 1 
ATOM 558  N N   . SER A 1 78  ? -13.453 17.373  1.342   1.00 136.09 ? 78  SER A N   1 
ATOM 559  C CA  . SER A 1 78  ? -14.132 18.108  2.397   1.00 136.11 ? 78  SER A CA  1 
ATOM 560  C C   . SER A 1 78  ? -15.610 18.214  2.068   1.00 138.27 ? 78  SER A C   1 
ATOM 561  O O   . SER A 1 78  ? -15.979 18.398  0.905   1.00 143.14 ? 78  SER A O   1 
ATOM 562  C CB  . SER A 1 78  ? -13.535 19.508  2.573   1.00 137.28 ? 78  SER A CB  1 
ATOM 563  O OG  . SER A 1 78  ? -14.236 20.458  1.791   1.00 141.17 ? 78  SER A OG  1 
ATOM 564  N N   . PHE A 1 79  ? -16.453 18.099  3.091   1.00 132.39 ? 79  PHE A N   1 
ATOM 565  C CA  . PHE A 1 79  ? -17.886 18.244  2.887   1.00 136.45 ? 79  PHE A CA  1 
ATOM 566  C C   . PHE A 1 79  ? -18.563 18.545  4.215   1.00 133.69 ? 79  PHE A C   1 
ATOM 567  O O   . PHE A 1 79  ? -18.202 17.977  5.248   1.00 135.49 ? 79  PHE A O   1 
ATOM 568  C CB  . PHE A 1 79  ? -18.492 16.984  2.259   1.00 137.79 ? 79  PHE A CB  1 
ATOM 569  C CG  . PHE A 1 79  ? -18.719 15.869  3.233   1.00 137.49 ? 79  PHE A CG  1 
ATOM 570  C CD1 . PHE A 1 79  ? -17.682 15.030  3.599   1.00 137.79 ? 79  PHE A CD1 1 
ATOM 571  C CD2 . PHE A 1 79  ? -19.974 15.651  3.775   1.00 135.60 ? 79  PHE A CD2 1 
ATOM 572  C CE1 . PHE A 1 79  ? -17.890 14.001  4.493   1.00 138.17 ? 79  PHE A CE1 1 
ATOM 573  C CE2 . PHE A 1 79  ? -20.188 14.625  4.670   1.00 139.01 ? 79  PHE A CE2 1 
ATOM 574  C CZ  . PHE A 1 79  ? -19.145 13.797  5.029   1.00 139.71 ? 79  PHE A CZ  1 
ATOM 575  N N   . SER A 1 80  ? -19.556 19.429  4.170   1.00 141.90 ? 80  SER A N   1 
ATOM 576  C CA  . SER A 1 80  ? -20.358 19.781  5.332   1.00 141.63 ? 80  SER A CA  1 
ATOM 577  C C   . SER A 1 80  ? -21.826 19.596  4.989   1.00 142.39 ? 80  SER A C   1 
ATOM 578  O O   . SER A 1 80  ? -22.290 20.084  3.955   1.00 143.75 ? 80  SER A O   1 
ATOM 579  C CB  . SER A 1 80  ? -20.095 21.224  5.770   1.00 142.23 ? 80  SER A CB  1 
ATOM 580  O OG  . SER A 1 80  ? -20.652 22.142  4.848   1.00 143.24 ? 80  SER A OG  1 
ATOM 581  N N   . ILE A 1 81  ? -22.554 18.899  5.856   1.00 135.73 ? 81  ILE A N   1 
ATOM 582  C CA  . ILE A 1 81  ? -23.967 18.610  5.652   1.00 136.39 ? 81  ILE A CA  1 
ATOM 583  C C   . ILE A 1 81  ? -24.758 19.229  6.795   1.00 135.40 ? 81  ILE A C   1 
ATOM 584  O O   . ILE A 1 81  ? -24.427 19.028  7.971   1.00 139.54 ? 81  ILE A O   1 
ATOM 585  C CB  . ILE A 1 81  ? -24.231 17.096  5.551   1.00 136.91 ? 81  ILE A CB  1 
ATOM 586  C CG1 . ILE A 1 81  ? -25.726 16.802  5.683   1.00 137.82 ? 81  ILE A CG1 1 
ATOM 587  C CG2 . ILE A 1 81  ? -23.440 16.338  6.599   1.00 136.64 ? 81  ILE A CG2 1 
ATOM 588  C CD1 . ILE A 1 81  ? -26.080 15.354  5.445   1.00 137.61 ? 81  ILE A CD1 1 
ATOM 589  N N   . GLY A 1 82  ? -25.795 19.986  6.445   1.00 149.93 ? 82  GLY A N   1 
ATOM 590  C CA  . GLY A 1 82  ? -26.677 20.582  7.428   1.00 150.23 ? 82  GLY A CA  1 
ATOM 591  C C   . GLY A 1 82  ? -28.103 20.087  7.306   1.00 152.79 ? 82  GLY A C   1 
ATOM 592  O O   . GLY A 1 82  ? -28.686 20.103  6.220   1.00 152.76 ? 82  GLY A O   1 
ATOM 593  N N   . ILE A 1 83  ? -28.671 19.642  8.423   1.00 168.40 ? 83  ILE A N   1 
ATOM 594  C CA  . ILE A 1 83  ? -30.032 19.128  8.482   1.00 169.34 ? 83  ILE A CA  1 
ATOM 595  C C   . ILE A 1 83  ? -30.828 20.008  9.435   1.00 169.53 ? 83  ILE A C   1 
ATOM 596  O O   . ILE A 1 83  ? -30.376 20.287  10.551  1.00 171.86 ? 83  ILE A O   1 
ATOM 597  C CB  . ILE A 1 83  ? -30.068 17.659  8.942   1.00 167.78 ? 83  ILE A CB  1 
ATOM 598  C CG1 . ILE A 1 83  ? -29.112 16.813  8.101   1.00 166.94 ? 83  ILE A CG1 1 
ATOM 599  C CG2 . ILE A 1 83  ? -31.482 17.110  8.863   1.00 167.75 ? 83  ILE A CG2 1 
ATOM 600  C CD1 . ILE A 1 83  ? -29.489 16.738  6.644   1.00 167.32 ? 83  ILE A CD1 1 
ATOM 601  N N   . ASN A 1 84  ? -32.004 20.445  8.994   1.00 187.95 ? 84  ASN A N   1 
ATOM 602  C CA  . ASN A 1 84  ? -32.854 21.318  9.787   1.00 188.62 ? 84  ASN A CA  1 
ATOM 603  C C   . ASN A 1 84  ? -34.269 20.764  9.813   1.00 189.42 ? 84  ASN A C   1 
ATOM 604  O O   . ASN A 1 84  ? -34.803 20.362  8.774   1.00 187.97 ? 84  ASN A O   1 
ATOM 605  C CB  . ASN A 1 84  ? -32.853 22.743  9.229   1.00 188.40 ? 84  ASN A CB  1 
ATOM 606  C CG  . ASN A 1 84  ? -31.517 23.434  9.407   1.00 188.32 ? 84  ASN A CG  1 
ATOM 607  O OD1 . ASN A 1 84  ? -30.530 23.075  8.765   1.00 187.53 ? 84  ASN A OD1 1 
ATOM 608  N ND2 . ASN A 1 84  ? -31.480 24.431  10.282  1.00 187.87 ? 84  ASN A ND2 1 
ATOM 609  N N   . ILE A 1 85  ? -34.866 20.740  11.000  1.00 209.65 ? 85  ILE A N   1 
ATOM 610  C CA  . ILE A 1 85  ? -36.249 20.320  11.196  1.00 209.84 ? 85  ILE A CA  1 
ATOM 611  C C   . ILE A 1 85  ? -37.001 21.477  11.838  1.00 209.82 ? 85  ILE A C   1 
ATOM 612  O O   . ILE A 1 85  ? -36.535 22.053  12.829  1.00 210.73 ? 85  ILE A O   1 
ATOM 613  C CB  . ILE A 1 85  ? -36.346 19.053  12.065  1.00 208.63 ? 85  ILE A CB  1 
ATOM 614  C CG1 . ILE A 1 85  ? -35.404 17.971  11.538  1.00 207.46 ? 85  ILE A CG1 1 
ATOM 615  C CG2 . ILE A 1 85  ? -37.778 18.543  12.104  1.00 207.54 ? 85  ILE A CG2 1 
ATOM 616  C CD1 . ILE A 1 85  ? -35.794 17.432  10.181  1.00 206.58 ? 85  ILE A CD1 1 
ATOM 617  N N   . LEU A 1 86  ? -38.162 21.816  11.274  1.00 219.79 ? 86  LEU A N   1 
ATOM 618  C CA  . LEU A 1 86  ? -38.909 22.992  11.701  1.00 220.69 ? 86  LEU A CA  1 
ATOM 619  C C   . LEU A 1 86  ? -40.324 22.670  12.170  1.00 221.44 ? 86  LEU A C   1 
ATOM 620  O O   . LEU A 1 86  ? -41.055 23.588  12.559  1.00 220.31 ? 86  LEU A O   1 
ATOM 621  C CB  . LEU A 1 86  ? -38.961 24.027  10.570  1.00 219.87 ? 86  LEU A CB  1 
ATOM 622  C CG  . LEU A 1 86  ? -39.847 23.700  9.362   1.00 218.12 ? 86  LEU A CG  1 
ATOM 623  C CD1 . LEU A 1 86  ? -40.374 24.977  8.730   1.00 217.49 ? 86  LEU A CD1 1 
ATOM 624  C CD2 . LEU A 1 86  ? -39.091 22.870  8.334   1.00 215.23 ? 86  LEU A CD2 1 
ATOM 625  N N   . LYS A 1 87  ? -40.731 21.404  12.150  1.00 233.84 ? 87  LYS A N   1 
ATOM 626  C CA  . LYS A 1 87  ? -42.076 21.009  12.544  1.00 232.97 ? 87  LYS A CA  1 
ATOM 627  C C   . LYS A 1 87  ? -42.006 19.724  13.360  1.00 233.03 ? 87  LYS A C   1 
ATOM 628  O O   . LYS A 1 87  ? -40.927 19.203  13.655  1.00 233.47 ? 87  LYS A O   1 
ATOM 629  C CB  . LYS A 1 87  ? -42.982 20.824  11.320  1.00 233.04 ? 87  LYS A CB  1 
ATOM 630  C CG  . LYS A 1 87  ? -43.343 22.118  10.610  1.00 233.20 ? 87  LYS A CG  1 
ATOM 631  C CD  . LYS A 1 87  ? -44.204 23.008  11.487  1.00 232.19 ? 87  LYS A CD  1 
ATOM 632  C CE  . LYS A 1 87  ? -44.619 24.268  10.748  1.00 231.69 ? 87  LYS A CE  1 
ATOM 633  N NZ  . LYS A 1 87  ? -43.472 25.197  10.559  1.00 231.21 ? 87  LYS A NZ  1 
ATOM 634  N N   . SER A 1 88  ? -43.179 19.212  13.729  1.00 246.90 ? 88  SER A N   1 
ATOM 635  C CA  . SER A 1 88  ? -43.275 17.955  14.458  1.00 247.79 ? 88  SER A CA  1 
ATOM 636  C C   . SER A 1 88  ? -43.264 16.757  13.515  1.00 249.50 ? 88  SER A C   1 
ATOM 637  O O   . SER A 1 88  ? -42.630 15.739  13.814  1.00 249.54 ? 88  SER A O   1 
ATOM 638  C CB  . SER A 1 88  ? -44.543 17.945  15.317  1.00 247.13 ? 88  SER A CB  1 
ATOM 639  O OG  . SER A 1 88  ? -44.766 19.213  15.908  1.00 245.27 ? 88  SER A OG  1 
ATOM 640  N N   . VAL A 1 89  ? -43.961 16.877  12.378  1.00 266.97 ? 89  VAL A N   1 
ATOM 641  C CA  . VAL A 1 89  ? -44.051 15.876  11.313  1.00 266.97 ? 89  VAL A CA  1 
ATOM 642  C C   . VAL A 1 89  ? -44.188 14.467  11.895  1.00 268.07 ? 89  VAL A C   1 
ATOM 643  O O   . VAL A 1 89  ? -43.548 13.514  11.433  1.00 268.45 ? 89  VAL A O   1 
ATOM 644  C CB  . VAL A 1 89  ? -42.861 16.013  10.330  1.00 265.97 ? 89  VAL A CB  1 
ATOM 645  C CG1 . VAL A 1 89  ? -41.514 15.591  10.944  1.00 266.06 ? 89  VAL A CG1 1 
ATOM 646  C CG2 . VAL A 1 89  ? -43.142 15.290  9.007   1.00 265.13 ? 89  VAL A CG2 1 
ATOM 647  N N   . LEU A 1 90  ? -45.038 14.336  12.918  1.00 269.13 ? 90  LEU A N   1 
ATOM 648  C CA  . LEU A 1 90  ? -45.333 13.072  13.606  1.00 268.17 ? 90  LEU A CA  1 
ATOM 649  C C   . LEU A 1 90  ? -44.064 12.342  14.052  1.00 267.52 ? 90  LEU A C   1 
ATOM 650  O O   . LEU A 1 90  ? -44.095 11.141  14.338  1.00 266.42 ? 90  LEU A O   1 
ATOM 651  C CB  . LEU A 1 90  ? -46.228 12.159  12.751  1.00 267.35 ? 90  LEU A CB  1 
ATOM 652  C CG  . LEU A 1 90  ? -45.776 11.445  11.471  1.00 266.34 ? 90  LEU A CG  1 
ATOM 653  C CD1 . LEU A 1 90  ? -45.356 10.004  11.731  1.00 265.52 ? 90  LEU A CD1 1 
ATOM 654  C CD2 . LEU A 1 90  ? -46.870 11.502  10.416  1.00 265.37 ? 90  LEU A CD2 1 
ATOM 655  N N   . ALA A 1 91  ? -42.947 13.059  14.147  1.00 257.06 ? 91  ALA A N   1 
ATOM 656  C CA  . ALA A 1 91  ? -41.672 12.516  14.604  1.00 255.47 ? 91  ALA A CA  1 
ATOM 657  C C   . ALA A 1 91  ? -41.280 13.296  15.855  1.00 255.84 ? 91  ALA A C   1 
ATOM 658  O O   . ALA A 1 91  ? -40.606 14.324  15.768  1.00 256.05 ? 91  ALA A O   1 
ATOM 659  C CB  . ALA A 1 91  ? -40.603 12.610  13.517  1.00 254.28 ? 91  ALA A CB  1 
ATOM 660  N N   . GLN A 1 92  ? -41.713 12.796  17.014  1.00 238.00 ? 92  GLN A N   1 
ATOM 661  C CA  . GLN A 1 92  ? -41.513 13.467  18.294  1.00 237.35 ? 92  GLN A CA  1 
ATOM 662  C C   . GLN A 1 92  ? -42.069 14.885  18.233  1.00 237.79 ? 92  GLN A C   1 
ATOM 663  O O   . GLN A 1 92  ? -43.115 15.118  17.620  1.00 238.22 ? 92  GLN A O   1 
ATOM 664  C CB  . GLN A 1 92  ? -40.030 13.475  18.676  1.00 236.49 ? 92  GLN A CB  1 
ATOM 665  C CG  . GLN A 1 92  ? -39.769 13.397  20.173  1.00 235.88 ? 92  GLN A CG  1 
ATOM 666  C CD  . GLN A 1 92  ? -39.686 11.967  20.676  1.00 234.72 ? 92  GLN A CD  1 
ATOM 667  O OE1 . GLN A 1 92  ? -40.444 11.099  20.244  1.00 233.46 ? 92  GLN A OE1 1 
ATOM 668  N NE2 . GLN A 1 92  ? -38.759 11.717  21.592  1.00 233.74 ? 92  GLN A NE2 1 
ATOM 669  N N   . PHE A 1 93  ? -41.381 15.841  18.862  1.00 233.30 ? 93  PHE A N   1 
ATOM 670  C CA  . PHE A 1 93  ? -41.819 17.235  18.814  1.00 233.17 ? 93  PHE A CA  1 
ATOM 671  C C   . PHE A 1 93  ? -40.598 18.120  19.061  1.00 232.01 ? 93  PHE A C   1 
ATOM 672  O O   . PHE A 1 93  ? -40.184 18.298  20.209  1.00 232.18 ? 93  PHE A O   1 
ATOM 673  C CB  . PHE A 1 93  ? -42.915 17.506  19.830  1.00 232.36 ? 93  PHE A CB  1 
ATOM 674  C CG  . PHE A 1 93  ? -43.317 18.950  19.915  1.00 232.63 ? 93  PHE A CG  1 
ATOM 675  C CD1 . PHE A 1 93  ? -43.529 19.692  18.766  1.00 232.56 ? 93  PHE A CD1 1 
ATOM 676  C CD2 . PHE A 1 93  ? -43.481 19.565  21.144  1.00 231.76 ? 93  PHE A CD2 1 
ATOM 677  C CE1 . PHE A 1 93  ? -43.897 21.022  18.841  1.00 231.56 ? 93  PHE A CE1 1 
ATOM 678  C CE2 . PHE A 1 93  ? -43.850 20.893  21.226  1.00 231.59 ? 93  PHE A CE2 1 
ATOM 679  C CZ  . PHE A 1 93  ? -44.058 21.623  20.073  1.00 231.34 ? 93  PHE A CZ  1 
ATOM 680  N N   . GLY A 1 94  ? -40.044 18.668  17.986  1.00 215.58 ? 94  GLY A N   1 
ATOM 681  C CA  . GLY A 1 94  ? -38.950 19.610  18.099  1.00 213.75 ? 94  GLY A CA  1 
ATOM 682  C C   . GLY A 1 94  ? -39.227 20.875  17.317  1.00 214.57 ? 94  GLY A C   1 
ATOM 683  O O   . GLY A 1 94  ? -39.453 20.816  16.104  1.00 216.41 ? 94  GLY A O   1 
ATOM 684  N N   . ALA A 1 95  ? -39.228 22.024  17.995  1.00 208.99 ? 95  ALA A N   1 
ATOM 685  C CA  . ALA A 1 95  ? -39.498 23.283  17.309  1.00 210.05 ? 95  ALA A CA  1 
ATOM 686  C C   . ALA A 1 95  ? -38.444 23.558  16.244  1.00 211.81 ? 95  ALA A C   1 
ATOM 687  O O   . ALA A 1 95  ? -38.771 23.807  15.077  1.00 212.63 ? 95  ALA A O   1 
ATOM 688  C CB  . ALA A 1 95  ? -39.564 24.429  18.318  1.00 207.86 ? 95  ALA A CB  1 
ATOM 689  N N   . GLY A 1 96  ? -37.173 23.517  16.628  1.00 215.08 ? 96  GLY A N   1 
ATOM 690  C CA  . GLY A 1 96  ? -36.090 23.574  15.666  1.00 215.65 ? 96  GLY A CA  1 
ATOM 691  C C   . GLY A 1 96  ? -35.000 22.573  15.986  1.00 215.45 ? 96  GLY A C   1 
ATOM 692  O O   . GLY A 1 96  ? -34.374 22.657  17.044  1.00 216.38 ? 96  GLY A O   1 
ATOM 693  N N   . ALA A 1 97  ? -34.753 21.630  15.084  1.00 200.47 ? 97  ALA A N   1 
ATOM 694  C CA  . ALA A 1 97  ? -33.716 20.623  15.267  1.00 197.71 ? 97  ALA A CA  1 
ATOM 695  C C   . ALA A 1 97  ? -32.598 20.878  14.270  1.00 197.42 ? 97  ALA A C   1 
ATOM 696  O O   . ALA A 1 97  ? -32.847 20.957  13.063  1.00 200.06 ? 97  ALA A O   1 
ATOM 697  C CB  . ALA A 1 97  ? -34.277 19.211  15.090  1.00 196.38 ? 97  ALA A CB  1 
ATOM 698  N N   . GLY A 1 98  ? -31.374 21.006  14.774  1.00 178.39 ? 98  GLY A N   1 
ATOM 699  C CA  . GLY A 1 98  ? -30.247 21.318  13.919  1.00 178.04 ? 98  GLY A CA  1 
ATOM 700  C C   . GLY A 1 98  ? -29.115 20.316  13.992  1.00 178.17 ? 98  GLY A C   1 
ATOM 701  O O   . GLY A 1 98  ? -28.687 19.930  15.083  1.00 181.49 ? 98  GLY A O   1 
ATOM 702  N N   . ILE A 1 99  ? -28.622 19.887  12.832  1.00 163.86 ? 99  ILE A N   1 
ATOM 703  C CA  . ILE A 1 99  ? -27.481 18.986  12.734  1.00 162.98 ? 99  ILE A CA  1 
ATOM 704  C C   . ILE A 1 99  ? -26.500 19.587  11.743  1.00 163.03 ? 99  ILE A C   1 
ATOM 705  O O   . ILE A 1 99  ? -26.892 19.982  10.642  1.00 167.86 ? 99  ILE A O   1 
ATOM 706  C CB  . ILE A 1 99  ? -27.900 17.573  12.285  1.00 163.74 ? 99  ILE A CB  1 
ATOM 707  C CG1 . ILE A 1 99  ? -28.790 16.915  13.337  1.00 165.22 ? 99  ILE A CG1 1 
ATOM 708  C CG2 . ILE A 1 99  ? -26.676 16.714  12.009  1.00 161.71 ? 99  ILE A CG2 1 
ATOM 709  C CD1 . ILE A 1 99  ? -30.267 16.989  13.025  1.00 165.94 ? 99  ILE A CD1 1 
ATOM 710  N N   . GLU A 1 100 ? -25.231 19.667  12.132  1.00 155.00 ? 100 GLU A N   1 
ATOM 711  C CA  . GLU A 1 100 ? -24.180 20.180  11.258  1.00 155.36 ? 100 GLU A CA  1 
ATOM 712  C C   . GLU A 1 100 ? -22.985 19.245  11.359  1.00 155.24 ? 100 GLU A C   1 
ATOM 713  O O   . GLU A 1 100 ? -22.311 19.210  12.393  1.00 159.93 ? 100 GLU A O   1 
ATOM 714  C CB  . GLU A 1 100 ? -23.786 21.607  11.639  1.00 155.90 ? 100 GLU A CB  1 
ATOM 715  C CG  . GLU A 1 100 ? -24.957 22.564  11.763  1.00 157.17 ? 100 GLU A CG  1 
ATOM 716  C CD  . GLU A 1 100 ? -24.519 24.011  11.816  1.00 158.95 ? 100 GLU A CD  1 
ATOM 717  O OE1 . GLU A 1 100 ? -23.317 24.277  11.610  1.00 159.70 ? 100 GLU A OE1 1 
ATOM 718  O OE2 . GLU A 1 100 ? -25.377 24.883  12.065  1.00 160.19 ? 100 GLU A OE2 1 
ATOM 719  N N   . ALA A 1 101 ? -22.724 18.486  10.299  1.00 141.59 ? 101 ALA A N   1 
ATOM 720  C CA  . ALA A 1 101 ? -21.628 17.522  10.281  1.00 140.48 ? 101 ALA A CA  1 
ATOM 721  C C   . ALA A 1 101 ? -20.654 17.917  9.182   1.00 140.50 ? 101 ALA A C   1 
ATOM 722  O O   . ALA A 1 101 ? -20.975 17.804  7.996   1.00 145.76 ? 101 ALA A O   1 
ATOM 723  C CB  . ALA A 1 101 ? -22.148 16.102  10.071  1.00 141.83 ? 101 ALA A CB  1 
ATOM 724  N N   . GLN A 1 102 ? -19.476 18.388  9.570   1.00 132.44 ? 102 GLN A N   1 
ATOM 725  C CA  . GLN A 1 102 ? -18.443 18.786  8.623   1.00 135.68 ? 102 GLN A CA  1 
ATOM 726  C C   . GLN A 1 102 ? -17.240 17.871  8.789   1.00 135.68 ? 102 GLN A C   1 
ATOM 727  O O   . GLN A 1 102 ? -16.722 17.720  9.899   1.00 138.32 ? 102 GLN A O   1 
ATOM 728  C CB  . GLN A 1 102 ? -18.035 20.244  8.832   1.00 136.02 ? 102 GLN A CB  1 
ATOM 729  C CG  . GLN A 1 102 ? -16.629 20.556  8.357   1.00 137.85 ? 102 GLN A CG  1 
ATOM 730  C CD  . GLN A 1 102 ? -16.198 21.962  8.705   1.00 140.81 ? 102 GLN A CD  1 
ATOM 731  O OE1 . GLN A 1 102 ? -16.995 22.768  9.181   1.00 141.89 ? 102 GLN A OE1 1 
ATOM 732  N NE2 . GLN A 1 102 ? -14.928 22.268  8.467   1.00 140.89 ? 102 GLN A NE2 1 
ATOM 733  N N   . TYR A 1 103 ? -16.794 17.267  7.692   1.00 139.31 ? 103 TYR A N   1 
ATOM 734  C CA  . TYR A 1 103 ? -15.632 16.391  7.709   1.00 137.83 ? 103 TYR A CA  1 
ATOM 735  C C   . TYR A 1 103 ? -14.717 16.758  6.554   1.00 138.71 ? 103 TYR A C   1 
ATOM 736  O O   . TYR A 1 103 ? -15.175 16.894  5.415   1.00 146.45 ? 103 TYR A O   1 
ATOM 737  C CB  . TYR A 1 103 ? -16.041 14.920  7.615   1.00 138.67 ? 103 TYR A CB  1 
ATOM 738  C CG  . TYR A 1 103 ? -14.907 13.995  7.241   1.00 140.49 ? 103 TYR A CG  1 
ATOM 739  C CD1 . TYR A 1 103 ? -13.738 13.962  7.988   1.00 140.79 ? 103 TYR A CD1 1 
ATOM 740  C CD2 . TYR A 1 103 ? -15.007 13.152  6.146   1.00 141.93 ? 103 TYR A CD2 1 
ATOM 741  C CE1 . TYR A 1 103 ? -12.700 13.119  7.650   1.00 142.09 ? 103 TYR A CE1 1 
ATOM 742  C CE2 . TYR A 1 103 ? -13.975 12.305  5.801   1.00 143.90 ? 103 TYR A CE2 1 
ATOM 743  C CZ  . TYR A 1 103 ? -12.824 12.292  6.557   1.00 145.37 ? 103 TYR A CZ  1 
ATOM 744  O OH  . TYR A 1 103 ? -11.792 11.449  6.217   1.00 148.40 ? 103 TYR A OH  1 
ATOM 745  N N   . ASN A 1 104 ? -13.428 16.906  6.847   1.00 117.70 ? 104 ASN A N   1 
ATOM 746  C CA  . ASN A 1 104 ? -12.450 17.268  5.831   1.00 120.95 ? 104 ASN A CA  1 
ATOM 747  C C   . ASN A 1 104 ? -11.135 16.561  6.107   1.00 117.53 ? 104 ASN A C   1 
ATOM 748  O O   . ASN A 1 104 ? -10.599 16.651  7.213   1.00 126.89 ? 104 ASN A O   1 
ATOM 749  C CB  . ASN A 1 104 ? -12.232 18.781  5.790   1.00 123.61 ? 104 ASN A CB  1 
ATOM 750  C CG  . ASN A 1 104 ? -12.255 19.406  7.162   1.00 125.46 ? 104 ASN A CG  1 
ATOM 751  O OD1 . ASN A 1 104 ? -13.312 19.534  7.779   1.00 126.17 ? 104 ASN A OD1 1 
ATOM 752  N ND2 . ASN A 1 104 ? -11.087 19.799  7.652   1.00 127.94 ? 104 ASN A ND2 1 
ATOM 753  N N   . GLN A 1 105 ? -10.616 15.871  5.098   1.00 116.74 ? 105 GLN A N   1 
ATOM 754  C CA  . GLN A 1 105 ? -9.342  15.182  5.194   1.00 118.20 ? 105 GLN A CA  1 
ATOM 755  C C   . GLN A 1 105 ? -8.452  15.605  4.036   1.00 121.85 ? 105 GLN A C   1 
ATOM 756  O O   . GLN A 1 105 ? -8.927  16.045  2.988   1.00 133.35 ? 105 GLN A O   1 
ATOM 757  C CB  . GLN A 1 105 ? -9.522  13.659  5.198   1.00 122.92 ? 105 GLN A CB  1 
ATOM 758  C CG  . GLN A 1 105 ? -9.500  13.026  3.823   1.00 127.93 ? 105 GLN A CG  1 
ATOM 759  C CD  . GLN A 1 105 ? -9.789  11.541  3.868   1.00 131.26 ? 105 GLN A CD  1 
ATOM 760  O OE1 . GLN A 1 105 ? -9.804  10.934  4.939   1.00 131.62 ? 105 GLN A OE1 1 
ATOM 761  N NE2 . GLN A 1 105 ? -10.022 10.947  2.706   1.00 129.61 ? 105 GLN A NE2 1 
ATOM 762  N N   . ALA A 1 106 ? -7.146  15.469  4.246   1.00 107.24 ? 106 ALA A N   1 
ATOM 763  C CA  . ALA A 1 106 ? -6.159  15.885  3.262   1.00 111.37 ? 106 ALA A CA  1 
ATOM 764  C C   . ALA A 1 106 ? -4.904  15.040  3.405   1.00 110.91 ? 106 ALA A C   1 
ATOM 765  O O   . ALA A 1 106 ? -4.395  14.856  4.513   1.00 122.25 ? 106 ALA A O   1 
ATOM 766  C CB  . ALA A 1 106 ? -5.810  17.370  3.414   1.00 111.84 ? 106 ALA A CB  1 
ATOM 767  N N   . ARG A 1 107 ? -4.405  14.537  2.280   1.00 121.23 ? 107 ARG A N   1 
ATOM 768  C CA  . ARG A 1 107 ? -3.190  13.741  2.246   1.00 121.67 ? 107 ARG A CA  1 
ATOM 769  C C   . ARG A 1 107 ? -2.241  14.312  1.204   1.00 123.77 ? 107 ARG A C   1 
ATOM 770  O O   . ARG A 1 107 ? -2.665  14.805  0.154   1.00 132.66 ? 107 ARG A O   1 
ATOM 771  C CB  . ARG A 1 107 ? -3.487  12.272  1.928   1.00 124.90 ? 107 ARG A CB  1 
ATOM 772  C CG  . ARG A 1 107 ? -4.808  11.777  2.483   1.00 124.86 ? 107 ARG A CG  1 
ATOM 773  C CD  . ARG A 1 107 ? -4.908  10.265  2.413   1.00 128.97 ? 107 ARG A CD  1 
ATOM 774  N NE  . ARG A 1 107 ? -6.229  9.829   1.977   1.00 133.54 ? 107 ARG A NE  1 
ATOM 775  C CZ  . ARG A 1 107 ? -6.603  8.562   1.874   1.00 132.50 ? 107 ARG A CZ  1 
ATOM 776  N NH1 . ARG A 1 107 ? -5.785  7.573   2.190   1.00 130.37 ? 107 ARG A NH1 1 
ATOM 777  N NH2 . ARG A 1 107 ? -7.830  8.281   1.446   1.00 129.07 ? 107 ARG A NH2 1 
ATOM 778  N N   . LYS A 1 108 ? -0.948  14.244  1.505   1.00 104.47 ? 108 LYS A N   1 
ATOM 779  C CA  . LYS A 1 108 ? 0.076   14.766  0.615   1.00 106.45 ? 108 LYS A CA  1 
ATOM 780  C C   . LYS A 1 108 ? 1.321   13.903  0.731   1.00 108.01 ? 108 LYS A C   1 
ATOM 781  O O   . LYS A 1 108 ? 1.642   13.399  1.809   1.00 119.04 ? 108 LYS A O   1 
ATOM 782  C CB  . LYS A 1 108 ? 0.409   16.226  0.940   1.00 108.15 ? 108 LYS A CB  1 
ATOM 783  C CG  . LYS A 1 108 ? 1.454   16.844  0.031   1.00 113.17 ? 108 LYS A CG  1 
ATOM 784  C CD  . LYS A 1 108 ? 2.124   18.033  0.692   1.00 112.51 ? 108 LYS A CD  1 
ATOM 785  C CE  . LYS A 1 108 ? 1.100   19.049  1.161   1.00 115.86 ? 108 LYS A CE  1 
ATOM 786  N NZ  . LYS A 1 108 ? 1.748   20.290  1.663   1.00 116.21 ? 108 LYS A NZ  1 
ATOM 787  N N   . VAL A 1 109 ? 2.012   13.725  -0.391  1.00 98.37  ? 109 VAL A N   1 
ATOM 788  C CA  . VAL A 1 109 ? 3.260   12.970  -0.441  1.00 96.57  ? 109 VAL A CA  1 
ATOM 789  C C   . VAL A 1 109 ? 4.237   13.738  -1.313  1.00 97.92  ? 109 VAL A C   1 
ATOM 790  O O   . VAL A 1 109 ? 3.863   14.229  -2.380  1.00 110.79 ? 109 VAL A O   1 
ATOM 791  C CB  . VAL A 1 109 ? 3.052   11.548  -0.994  1.00 99.46  ? 109 VAL A CB  1 
ATOM 792  C CG1 . VAL A 1 109 ? 4.384   10.842  -1.160  1.00 98.34  ? 109 VAL A CG1 1 
ATOM 793  C CG2 . VAL A 1 109 ? 2.138   10.752  -0.086  1.00 101.59 ? 109 VAL A CG2 1 
ATOM 794  N N   . ARG A 1 110 ? 5.484   13.851  -0.864  1.00 103.98 ? 110 ARG A N   1 
ATOM 795  C CA  . ARG A 1 110 ? 6.539   14.497  -1.637  1.00 108.08 ? 110 ARG A CA  1 
ATOM 796  C C   . ARG A 1 110 ? 7.747   13.574  -1.643  1.00 110.29 ? 110 ARG A C   1 
ATOM 797  O O   . ARG A 1 110 ? 8.337   13.319  -0.590  1.00 120.27 ? 110 ARG A O   1 
ATOM 798  C CB  . ARG A 1 110 ? 6.898   15.859  -1.050  1.00 113.14 ? 110 ARG A CB  1 
ATOM 799  C CG  . ARG A 1 110 ? 7.943   16.617  -1.842  1.00 111.97 ? 110 ARG A CG  1 
ATOM 800  C CD  . ARG A 1 110 ? 8.102   18.030  -1.312  1.00 115.29 ? 110 ARG A CD  1 
ATOM 801  N NE  . ARG A 1 110 ? 6.869   18.796  -1.445  1.00 120.48 ? 110 ARG A NE  1 
ATOM 802  C CZ  . ARG A 1 110 ? 6.062   19.096  -0.436  1.00 123.80 ? 110 ARG A CZ  1 
ATOM 803  N NH1 . ARG A 1 110 ? 6.330   18.712  0.800   1.00 122.25 ? 110 ARG A NH1 1 
ATOM 804  N NH2 . ARG A 1 110 ? 4.957   19.795  -0.676  1.00 119.68 ? 110 ARG A NH2 1 
ATOM 805  N N   . PHE A 1 111 ? 8.113   13.077  -2.818  1.00 96.58  ? 111 PHE A N   1 
ATOM 806  C CA  . PHE A 1 111 ? 9.189   12.111  -2.954  1.00 98.67  ? 111 PHE A CA  1 
ATOM 807  C C   . PHE A 1 111 ? 10.273  12.672  -3.861  1.00 103.00 ? 111 PHE A C   1 
ATOM 808  O O   . PHE A 1 111 ? 9.994   13.451  -4.776  1.00 112.57 ? 111 PHE A O   1 
ATOM 809  C CB  . PHE A 1 111 ? 8.670   10.792  -3.526  1.00 98.33  ? 111 PHE A CB  1 
ATOM 810  C CG  . PHE A 1 111 ? 7.858   10.959  -4.774  1.00 104.07 ? 111 PHE A CG  1 
ATOM 811  C CD1 . PHE A 1 111 ? 6.490   11.137  -4.706  1.00 108.43 ? 111 PHE A CD1 1 
ATOM 812  C CD2 . PHE A 1 111 ? 8.464   10.947  -6.015  1.00 104.66 ? 111 PHE A CD2 1 
ATOM 813  C CE1 . PHE A 1 111 ? 5.742   11.296  -5.852  1.00 104.64 ? 111 PHE A CE1 1 
ATOM 814  C CE2 . PHE A 1 111 ? 7.721   11.106  -7.165  1.00 100.60 ? 111 PHE A CE2 1 
ATOM 815  C CZ  . PHE A 1 111 ? 6.358   11.280  -7.083  1.00 100.51 ? 111 PHE A CZ  1 
ATOM 816  N N   . GLU A 1 112 ? 11.514  12.268  -3.600  1.00 108.87 ? 112 GLU A N   1 
ATOM 817  C CA  . GLU A 1 112 ? 12.625  12.680  -4.450  1.00 110.75 ? 112 GLU A CA  1 
ATOM 818  C C   . GLU A 1 112 ? 13.753  11.674  -4.276  1.00 113.48 ? 112 GLU A C   1 
ATOM 819  O O   . GLU A 1 112 ? 14.340  11.590  -3.194  1.00 124.43 ? 112 GLU A O   1 
ATOM 820  C CB  . GLU A 1 112 ? 13.083  14.087  -4.098  1.00 114.89 ? 112 GLU A CB  1 
ATOM 821  C CG  . GLU A 1 112 ? 14.301  14.544  -4.876  1.00 117.69 ? 112 GLU A CG  1 
ATOM 822  C CD  . GLU A 1 112 ? 15.311  15.259  -4.007  1.00 124.20 ? 112 GLU A CD  1 
ATOM 823  O OE1 . GLU A 1 112 ? 15.211  15.152  -2.768  1.00 123.73 ? 112 GLU A OE1 1 
ATOM 824  O OE2 . GLU A 1 112 ? 16.207  15.928  -4.561  1.00 123.56 ? 112 GLU A OE2 1 
ATOM 825  N N   . PHE A 1 113 ? 14.047  10.921  -5.332  1.00 94.90  ? 113 PHE A N   1 
ATOM 826  C CA  . PHE A 1 113 ? 15.141  9.963   -5.360  1.00 95.44  ? 113 PHE A CA  1 
ATOM 827  C C   . PHE A 1 113 ? 16.083  10.349  -6.486  1.00 98.67  ? 113 PHE A C   1 
ATOM 828  O O   . PHE A 1 113 ? 15.661  10.445  -7.644  1.00 115.31 ? 113 PHE A O   1 
ATOM 829  C CB  . PHE A 1 113 ? 14.627  8.540   -5.578  1.00 98.81  ? 113 PHE A CB  1 
ATOM 830  C CG  . PHE A 1 113 ? 13.292  8.274   -4.955  1.00 102.30 ? 113 PHE A CG  1 
ATOM 831  C CD1 . PHE A 1 113 ? 13.198  7.804   -3.661  1.00 104.76 ? 113 PHE A CD1 1 
ATOM 832  C CD2 . PHE A 1 113 ? 12.127  8.501   -5.663  1.00 102.11 ? 113 PHE A CD2 1 
ATOM 833  C CE1 . PHE A 1 113 ? 11.974  7.560   -3.085  1.00 107.14 ? 113 PHE A CE1 1 
ATOM 834  C CE2 . PHE A 1 113 ? 10.898  8.259   -5.091  1.00 102.56 ? 113 PHE A CE2 1 
ATOM 835  C CZ  . PHE A 1 113 ? 10.822  7.787   -3.800  1.00 106.13 ? 113 PHE A CZ  1 
ATOM 836  N N   . SER A 1 114 ? 17.350  10.569  -6.153  1.00 106.15 ? 114 SER A N   1 
ATOM 837  C CA  . SER A 1 114 ? 18.354  10.936  -7.134  1.00 114.86 ? 114 SER A CA  1 
ATOM 838  C C   . SER A 1 114 ? 19.405  9.841   -7.214  1.00 113.62 ? 114 SER A C   1 
ATOM 839  O O   . SER A 1 114 ? 19.555  9.031   -6.296  1.00 117.56 ? 114 SER A O   1 
ATOM 840  C CB  . SER A 1 114 ? 19.013  12.273  -6.784  1.00 117.45 ? 114 SER A CB  1 
ATOM 841  O OG  . SER A 1 114 ? 20.239  12.066  -6.108  1.00 122.28 ? 114 SER A OG  1 
ATOM 842  N N   . ASN A 1 115 ? 20.130  9.826   -8.333  1.00 114.66 ? 115 ASN A N   1 
ATOM 843  C CA  . ASN A 1 115 ? 21.182  8.844   -8.579  1.00 114.82 ? 115 ASN A CA  1 
ATOM 844  C C   . ASN A 1 115 ? 20.629  7.423   -8.455  1.00 116.33 ? 115 ASN A C   1 
ATOM 845  O O   . ASN A 1 115 ? 21.057  6.625   -7.623  1.00 115.25 ? 115 ASN A O   1 
ATOM 846  C CB  . ASN A 1 115 ? 22.362  9.069   -7.628  1.00 115.08 ? 115 ASN A CB  1 
ATOM 847  C CG  . ASN A 1 115 ? 23.616  8.362   -8.082  1.00 121.62 ? 115 ASN A CG  1 
ATOM 848  O OD1 . ASN A 1 115 ? 24.591  8.270   -7.339  1.00 128.99 ? 115 ASN A OD1 1 
ATOM 849  N ND2 . ASN A 1 115 ? 23.601  7.859   -9.309  1.00 116.80 ? 115 ASN A ND2 1 
ATOM 850  N N   . VAL A 1 116 ? 19.658  7.124   -9.312  1.00 114.08 ? 116 VAL A N   1 
ATOM 851  C CA  . VAL A 1 116 ? 18.870  5.902   -9.216  1.00 114.09 ? 116 VAL A CA  1 
ATOM 852  C C   . VAL A 1 116 ? 19.452  4.852   -10.148 1.00 113.57 ? 116 VAL A C   1 
ATOM 853  O O   . VAL A 1 116 ? 19.659  5.111   -11.338 1.00 113.59 ? 116 VAL A O   1 
ATOM 854  C CB  . VAL A 1 116 ? 17.394  6.167   -9.551  1.00 115.53 ? 116 VAL A CB  1 
ATOM 855  C CG1 . VAL A 1 116 ? 16.684  4.867   -9.874  1.00 114.83 ? 116 VAL A CG1 1 
ATOM 856  C CG2 . VAL A 1 116 ? 16.713  6.878   -8.399  1.00 115.68 ? 116 VAL A CG2 1 
ATOM 857  N N   . LEU A 1 117 ? 19.712  3.668   -9.608  1.00 130.27 ? 117 LEU A N   1 
ATOM 858  C CA  . LEU A 1 117 ? 20.088  2.501   -10.387 1.00 132.41 ? 117 LEU A CA  1 
ATOM 859  C C   . LEU A 1 117 ? 18.960  1.480   -10.332 1.00 130.88 ? 117 LEU A C   1 
ATOM 860  O O   . LEU A 1 117 ? 18.044  1.577   -9.516  1.00 132.45 ? 117 LEU A O   1 
ATOM 861  C CB  . LEU A 1 117 ? 21.395  1.895   -9.872  1.00 132.04 ? 117 LEU A CB  1 
ATOM 862  C CG  . LEU A 1 117 ? 22.556  2.869   -9.674  1.00 135.38 ? 117 LEU A CG  1 
ATOM 863  C CD1 . LEU A 1 117 ? 23.823  2.114   -9.319  1.00 134.72 ? 117 LEU A CD1 1 
ATOM 864  C CD2 . LEU A 1 117 ? 22.770  3.721   -10.915 1.00 132.62 ? 117 LEU A CD2 1 
ATOM 865  N N   . ALA A 1 118 ? 19.026  0.495   -11.223 1.00 122.85 ? 118 ALA A N   1 
ATOM 866  C CA  . ALA A 1 118 ? 17.984  -0.517  -11.293 1.00 120.96 ? 118 ALA A CA  1 
ATOM 867  C C   . ALA A 1 118 ? 18.602  -1.851  -11.673 1.00 120.86 ? 118 ALA A C   1 
ATOM 868  O O   . ALA A 1 118 ? 19.512  -1.906  -12.502 1.00 124.33 ? 118 ALA A O   1 
ATOM 869  C CB  . ALA A 1 118 ? 16.900  -0.137  -12.305 1.00 118.35 ? 118 ALA A CB  1 
ATOM 870  N N   . ASP A 1 119 ? 18.103  -2.923  -11.061 1.00 126.18 ? 119 ASP A N   1 
ATOM 871  C CA  . ASP A 1 119 ? 18.525  -4.274  -11.397 1.00 125.71 ? 119 ASP A CA  1 
ATOM 872  C C   . ASP A 1 119 ? 17.304  -5.177  -11.505 1.00 126.12 ? 119 ASP A C   1 
ATOM 873  O O   . ASP A 1 119 ? 16.339  -5.033  -10.747 1.00 129.75 ? 119 ASP A O   1 
ATOM 874  C CB  . ASP A 1 119 ? 19.532  -4.818  -10.372 1.00 124.77 ? 119 ASP A CB  1 
ATOM 875  C CG  . ASP A 1 119 ? 19.094  -4.601  -8.950  1.00 130.49 ? 119 ASP A CG  1 
ATOM 876  O OD1 . ASP A 1 119 ? 17.982  -4.085  -8.746  1.00 132.75 ? 119 ASP A OD1 1 
ATOM 877  O OD2 . ASP A 1 119 ? 19.862  -4.951  -8.029  1.00 136.43 ? 119 ASP A OD2 1 
ATOM 878  N N   . SER A 1 120 ? 17.350  -6.108  -12.458 1.00 121.30 ? 120 SER A N   1 
ATOM 879  C CA  . SER A 1 120 ? 16.170  -6.867  -12.841 1.00 122.65 ? 120 SER A CA  1 
ATOM 880  C C   . SER A 1 120 ? 16.554  -8.279  -13.253 1.00 124.69 ? 120 SER A C   1 
ATOM 881  O O   . SER A 1 120 ? 17.733  -8.633  -13.340 1.00 127.00 ? 120 SER A O   1 
ATOM 882  C CB  . SER A 1 120 ? 15.420  -6.184  -13.987 1.00 122.58 ? 120 SER A CB  1 
ATOM 883  O OG  . SER A 1 120 ? 16.075  -6.408  -15.222 1.00 121.37 ? 120 SER A OG  1 
ATOM 884  N N   . VAL A 1 121 ? 15.527  -9.080  -13.517 1.00 118.55 ? 121 VAL A N   1 
ATOM 885  C CA  . VAL A 1 121 ? 15.685  -10.456 -13.970 1.00 114.58 ? 121 VAL A CA  1 
ATOM 886  C C   . VAL A 1 121 ? 14.596  -10.737 -14.997 1.00 116.21 ? 121 VAL A C   1 
ATOM 887  O O   . VAL A 1 121 ? 13.490  -10.197 -14.907 1.00 121.24 ? 121 VAL A O   1 
ATOM 888  C CB  . VAL A 1 121 ? 15.628  -11.444 -12.785 1.00 114.88 ? 121 VAL A CB  1 
ATOM 889  C CG1 . VAL A 1 121 ? 14.252  -11.439 -12.149 1.00 116.97 ? 121 VAL A CG1 1 
ATOM 890  C CG2 . VAL A 1 121 ? 16.013  -12.841 -13.231 1.00 120.55 ? 121 VAL A CG2 1 
ATOM 891  N N   . GLU A 1 122 ? 14.915  -11.561 -15.980 1.00 137.43 ? 122 GLU A N   1 
ATOM 892  C CA  . GLU A 1 122 ? 13.965  -11.849 -17.048 1.00 138.63 ? 122 GLU A CA  1 
ATOM 893  C C   . GLU A 1 122 ? 12.860  -12.762 -16.537 1.00 138.73 ? 122 GLU A C   1 
ATOM 894  O O   . GLU A 1 122 ? 13.155  -13.865 -16.060 1.00 139.89 ? 122 GLU A O   1 
ATOM 895  C CB  . GLU A 1 122 ? 14.679  -12.494 -18.229 1.00 140.54 ? 122 GLU A CB  1 
ATOM 896  C CG  . GLU A 1 122 ? 15.416  -11.513 -19.119 1.00 139.05 ? 122 GLU A CG  1 
ATOM 897  C CD  . GLU A 1 122 ? 16.827  -11.247 -18.641 1.00 143.11 ? 122 GLU A CD  1 
ATOM 898  O OE1 . GLU A 1 122 ? 17.212  -11.797 -17.589 1.00 144.62 ? 122 GLU A OE1 1 
ATOM 899  O OE2 . GLU A 1 122 ? 17.553  -10.488 -19.318 1.00 144.20 ? 122 GLU A OE2 1 
ATOM 900  N N   . PRO A 1 123 ? 11.591  -12.355 -16.608 1.00 129.31 ? 123 PRO A N   1 
ATOM 901  C CA  . PRO A 1 123 ? 10.512  -13.263 -16.192 1.00 130.49 ? 123 PRO A CA  1 
ATOM 902  C C   . PRO A 1 123 ? 10.481  -14.553 -16.983 1.00 129.96 ? 123 PRO A C   1 
ATOM 903  O O   . PRO A 1 123 ? 10.150  -15.607 -16.427 1.00 134.05 ? 123 PRO A O   1 
ATOM 904  C CB  . PRO A 1 123 ? 9.245   -12.428 -16.421 1.00 125.42 ? 123 PRO A CB  1 
ATOM 905  C CG  . PRO A 1 123 ? 9.714   -11.014 -16.436 1.00 125.55 ? 123 PRO A CG  1 
ATOM 906  C CD  . PRO A 1 123 ? 11.078  -11.049 -17.045 1.00 126.66 ? 123 PRO A CD  1 
ATOM 907  N N   . LEU A 1 124 ? 10.814  -14.504 -18.273 1.00 119.04 ? 124 LEU A N   1 
ATOM 908  C CA  . LEU A 1 124 ? 10.921  -15.732 -19.049 1.00 116.49 ? 124 LEU A CA  1 
ATOM 909  C C   . LEU A 1 124 ? 12.037  -16.616 -18.511 1.00 119.11 ? 124 LEU A C   1 
ATOM 910  O O   . LEU A 1 124 ? 11.910  -17.844 -18.490 1.00 123.57 ? 124 LEU A O   1 
ATOM 911  C CB  . LEU A 1 124 ? 11.153  -15.407 -20.523 1.00 117.83 ? 124 LEU A CB  1 
ATOM 912  C CG  . LEU A 1 124 ? 10.034  -14.628 -21.215 1.00 120.27 ? 124 LEU A CG  1 
ATOM 913  C CD1 . LEU A 1 124 ? 10.339  -13.136 -21.240 1.00 114.42 ? 124 LEU A CD1 1 
ATOM 914  C CD2 . LEU A 1 124 ? 9.812   -15.160 -22.619 1.00 122.38 ? 124 LEU A CD2 1 
ATOM 915  N N   . ALA A 1 125 ? 13.141  -16.008 -18.076 1.00 136.04 ? 125 ALA A N   1 
ATOM 916  C CA  . ALA A 1 125 ? 14.199  -16.784 -17.439 1.00 139.31 ? 125 ALA A CA  1 
ATOM 917  C C   . ALA A 1 125 ? 13.705  -17.418 -16.147 1.00 139.27 ? 125 ALA A C   1 
ATOM 918  O O   . ALA A 1 125 ? 14.079  -18.549 -15.819 1.00 139.04 ? 125 ALA A O   1 
ATOM 919  C CB  . ALA A 1 125 ? 15.418  -15.901 -17.177 1.00 138.82 ? 125 ALA A CB  1 
ATOM 920  N N   . VAL A 1 126 ? 12.858  -16.706 -15.403 1.00 142.49 ? 126 VAL A N   1 
ATOM 921  C CA  . VAL A 1 126 ? 12.259  -17.282 -14.203 1.00 141.90 ? 126 VAL A CA  1 
ATOM 922  C C   . VAL A 1 126 ? 11.400  -18.485 -14.568 1.00 142.59 ? 126 VAL A C   1 
ATOM 923  O O   . VAL A 1 126 ? 11.444  -19.524 -13.899 1.00 141.63 ? 126 VAL A O   1 
ATOM 924  C CB  . VAL A 1 126 ? 11.452  -16.213 -13.444 1.00 139.93 ? 126 VAL A CB  1 
ATOM 925  C CG1 . VAL A 1 126 ? 10.329  -16.853 -12.646 1.00 139.19 ? 126 VAL A CG1 1 
ATOM 926  C CG2 . VAL A 1 126 ? 12.364  -15.417 -12.532 1.00 140.33 ? 126 VAL A CG2 1 
ATOM 927  N N   . GLY A 1 127 ? 10.610  -18.366 -15.635 1.00 147.98 ? 127 GLY A N   1 
ATOM 928  C CA  . GLY A 1 127 ? 9.809   -19.495 -16.075 1.00 146.30 ? 127 GLY A CA  1 
ATOM 929  C C   . GLY A 1 127 ? 10.654  -20.686 -16.482 1.00 146.45 ? 127 GLY A C   1 
ATOM 930  O O   . GLY A 1 127 ? 10.337  -21.829 -16.147 1.00 148.20 ? 127 GLY A O   1 
ATOM 931  N N   . GLN A 1 128 ? 11.744  -20.433 -17.211 1.00 154.04 ? 128 GLN A N   1 
ATOM 932  C CA  . GLN A 1 128 ? 12.654  -21.513 -17.579 1.00 154.18 ? 128 GLN A CA  1 
ATOM 933  C C   . GLN A 1 128 ? 13.267  -22.165 -16.349 1.00 153.91 ? 128 GLN A C   1 
ATOM 934  O O   . GLN A 1 128 ? 13.417  -23.390 -16.305 1.00 154.69 ? 128 GLN A O   1 
ATOM 935  C CB  . GLN A 1 128 ? 13.756  -20.996 -18.504 1.00 152.07 ? 128 GLN A CB  1 
ATOM 936  C CG  . GLN A 1 128 ? 13.262  -20.330 -19.778 1.00 154.10 ? 128 GLN A CG  1 
ATOM 937  C CD  . GLN A 1 128 ? 12.133  -21.092 -20.444 1.00 155.19 ? 128 GLN A CD  1 
ATOM 938  O OE1 . GLN A 1 128 ? 10.956  -20.833 -20.188 1.00 153.24 ? 128 GLN A OE1 1 
ATOM 939  N NE2 . GLN A 1 128 ? 12.488  -22.037 -21.307 1.00 153.31 ? 128 GLN A NE2 1 
ATOM 940  N N   . PHE A 1 129 ? 13.633  -21.362 -15.349 1.00 146.27 ? 129 PHE A N   1 
ATOM 941  C CA  . PHE A 1 129 ? 14.133  -21.917 -14.096 1.00 145.37 ? 129 PHE A CA  1 
ATOM 942  C C   . PHE A 1 129 ? 13.078  -22.787 -13.430 1.00 144.31 ? 129 PHE A C   1 
ATOM 943  O O   . PHE A 1 129 ? 13.389  -23.853 -12.889 1.00 145.36 ? 129 PHE A O   1 
ATOM 944  C CB  . PHE A 1 129 ? 14.567  -20.788 -13.164 1.00 144.98 ? 129 PHE A CB  1 
ATOM 945  C CG  . PHE A 1 129 ? 14.813  -21.227 -11.751 1.00 144.42 ? 129 PHE A CG  1 
ATOM 946  C CD1 . PHE A 1 129 ? 15.998  -21.849 -11.402 1.00 144.77 ? 129 PHE A CD1 1 
ATOM 947  C CD2 . PHE A 1 129 ? 13.863  -21.011 -10.769 1.00 143.73 ? 129 PHE A CD2 1 
ATOM 948  C CE1 . PHE A 1 129 ? 16.230  -22.249 -10.102 1.00 145.78 ? 129 PHE A CE1 1 
ATOM 949  C CE2 . PHE A 1 129 ? 14.088  -21.409 -9.469  1.00 141.63 ? 129 PHE A CE2 1 
ATOM 950  C CZ  . PHE A 1 129 ? 15.272  -22.030 -9.135  1.00 143.77 ? 129 PHE A CZ  1 
ATOM 951  N N   . LEU A 1 130 ? 11.823  -22.346 -13.459 1.00 140.59 ? 130 LEU A N   1 
ATOM 952  C CA  . LEU A 1 130 ? 10.746  -23.119 -12.858 1.00 142.07 ? 130 LEU A CA  1 
ATOM 953  C C   . LEU A 1 130 ? 10.310  -24.259 -13.771 1.00 145.68 ? 130 LEU A C   1 
ATOM 954  O O   . LEU A 1 130 ? 10.487  -25.436 -13.438 1.00 146.19 ? 130 LEU A O   1 
ATOM 955  C CB  . LEU A 1 130 ? 9.567   -22.197 -12.546 1.00 140.64 ? 130 LEU A CB  1 
ATOM 956  C CG  . LEU A 1 130 ? 8.584   -22.669 -11.479 1.00 141.58 ? 130 LEU A CG  1 
ATOM 957  C CD1 . LEU A 1 130 ? 8.099   -21.489 -10.655 1.00 141.79 ? 130 LEU A CD1 1 
ATOM 958  C CD2 . LEU A 1 130 ? 7.421   -23.392 -12.130 1.00 142.12 ? 130 LEU A CD2 1 
ATOM 959  N N   . LYS A 1 131 ? 9.768   -23.919 -14.944 1.00 151.96 ? 131 LYS A N   1 
ATOM 960  C CA  . LYS A 1 131 ? 9.228   -24.886 -15.895 1.00 149.77 ? 131 LYS A CA  1 
ATOM 961  C C   . LYS A 1 131 ? 8.382   -25.942 -15.196 1.00 148.25 ? 131 LYS A C   1 
ATOM 962  O O   . LYS A 1 131 ? 7.386   -25.618 -14.543 1.00 149.52 ? 131 LYS A O   1 
ATOM 963  C CB  . LYS A 1 131 ? 10.354  -25.551 -16.689 1.00 148.33 ? 131 LYS A CB  1 
ATOM 964  C CG  . LYS A 1 131 ? 10.863  -24.721 -17.858 1.00 149.68 ? 131 LYS A CG  1 
ATOM 965  C CD  . LYS A 1 131 ? 9.725   -24.070 -18.632 1.00 149.53 ? 131 LYS A CD  1 
ATOM 966  C CE  . LYS A 1 131 ? 9.053   -25.047 -19.582 1.00 144.82 ? 131 LYS A CE  1 
ATOM 967  N NZ  . LYS A 1 131 ? 7.634   -24.678 -19.845 1.00 138.66 ? 131 LYS A NZ  1 
ATOM 968  N N   . MET A 1 132 ? 8.779   -27.204 -15.321 1.00 161.06 ? 132 MET A N   1 
ATOM 969  C CA  . MET A 1 132 ? 8.115   -28.302 -14.631 1.00 163.99 ? 132 MET A CA  1 
ATOM 970  C C   . MET A 1 132 ? 8.772   -28.480 -13.268 1.00 163.07 ? 132 MET A C   1 
ATOM 971  O O   . MET A 1 132 ? 9.897   -28.980 -13.174 1.00 161.54 ? 132 MET A O   1 
ATOM 972  C CB  . MET A 1 132 ? 8.197   -29.585 -15.452 1.00 163.22 ? 132 MET A CB  1 
ATOM 973  C CG  . MET A 1 132 ? 7.375   -30.725 -14.888 1.00 166.09 ? 132 MET A CG  1 
ATOM 974  S SD  . MET A 1 132 ? 5.634   -30.288 -14.739 1.00 169.65 ? 132 MET A SD  1 
ATOM 975  C CE  . MET A 1 132 ? 5.178   -30.146 -16.465 1.00 163.01 ? 132 MET A CE  1 
ATOM 976  N N   . ALA A 1 133 ? 8.072   -28.070 -12.212 1.00 160.56 ? 133 ALA A N   1 
ATOM 977  C CA  . ALA A 1 133 ? 8.621   -28.158 -10.862 1.00 160.90 ? 133 ALA A CA  1 
ATOM 978  C C   . ALA A 1 133 ? 7.472   -28.173 -9.868  1.00 163.81 ? 133 ALA A C   1 
ATOM 979  O O   . ALA A 1 133 ? 6.637   -27.264 -9.875  1.00 163.96 ? 133 ALA A O   1 
ATOM 980  C CB  . ALA A 1 133 ? 9.564   -26.990 -10.579 1.00 160.90 ? 133 ALA A CB  1 
ATOM 981  N N   . GLU A 1 134 ? 7.427   -29.199 -9.023  1.00 180.40 ? 134 GLU A N   1 
ATOM 982  C CA  . GLU A 1 134 ? 6.388   -29.288 -8.010  1.00 179.57 ? 134 GLU A CA  1 
ATOM 983  C C   . GLU A 1 134 ? 6.618   -28.256 -6.913  1.00 179.77 ? 134 GLU A C   1 
ATOM 984  O O   . GLU A 1 134 ? 7.751   -28.025 -6.480  1.00 176.88 ? 134 GLU A O   1 
ATOM 985  C CB  . GLU A 1 134 ? 6.352   -30.692 -7.409  1.00 179.89 ? 134 GLU A CB  1 
ATOM 986  C CG  . GLU A 1 134 ? 5.202   -30.922 -6.447  1.00 181.16 ? 134 GLU A CG  1 
ATOM 987  C CD  . GLU A 1 134 ? 5.670   -31.383 -5.084  1.00 183.17 ? 134 GLU A CD  1 
ATOM 988  O OE1 . GLU A 1 134 ? 6.865   -31.719 -4.948  1.00 184.26 ? 134 GLU A OE1 1 
ATOM 989  O OE2 . GLU A 1 134 ? 4.845   -31.409 -4.147  1.00 182.64 ? 134 GLU A OE2 1 
ATOM 990  N N   . VAL A 1 135 ? 5.530   -27.634 -6.463  1.00 173.84 ? 135 VAL A N   1 
ATOM 991  C CA  . VAL A 1 135 ? 5.617   -26.641 -5.400  1.00 172.21 ? 135 VAL A CA  1 
ATOM 992  C C   . VAL A 1 135 ? 5.773   -27.347 -4.061  1.00 173.30 ? 135 VAL A C   1 
ATOM 993  O O   . VAL A 1 135 ? 5.113   -28.360 -3.792  1.00 175.33 ? 135 VAL A O   1 
ATOM 994  C CB  . VAL A 1 135 ? 4.381   -25.728 -5.418  1.00 171.46 ? 135 VAL A CB  1 
ATOM 995  C CG1 . VAL A 1 135 ? 3.108   -26.554 -5.375  1.00 172.12 ? 135 VAL A CG1 1 
ATOM 996  C CG2 . VAL A 1 135 ? 4.424   -24.746 -4.261  1.00 171.21 ? 135 VAL A CG2 1 
ATOM 997  N N   . ASP A 1 136 ? 6.660   -26.825 -3.218  1.00 174.73 ? 136 ASP A N   1 
ATOM 998  C CA  . ASP A 1 136 ? 6.928   -27.422 -1.913  1.00 175.36 ? 136 ASP A CA  1 
ATOM 999  C C   . ASP A 1 136 ? 5.784   -27.091 -0.966  1.00 174.97 ? 136 ASP A C   1 
ATOM 1000 O O   . ASP A 1 136 ? 5.632   -25.951 -0.526  1.00 177.43 ? 136 ASP A O   1 
ATOM 1001 C CB  . ASP A 1 136 ? 8.258   -26.921 -1.364  1.00 176.50 ? 136 ASP A CB  1 
ATOM 1002 C CG  . ASP A 1 136 ? 8.800   -27.798 -0.255  1.00 176.44 ? 136 ASP A CG  1 
ATOM 1003 O OD1 . ASP A 1 136 ? 8.024   -28.603 0.303   1.00 175.42 ? 136 ASP A OD1 1 
ATOM 1004 O OD2 . ASP A 1 136 ? 10.002  -27.684 0.063   1.00 176.00 ? 136 ASP A OD2 1 
ATOM 1005 N N   . ALA A 1 137 ? 4.967   -28.094 -0.646  1.00 161.07 ? 137 ALA A N   1 
ATOM 1006 C CA  . ALA A 1 137 ? 3.882   -27.912 0.307   1.00 162.42 ? 137 ALA A CA  1 
ATOM 1007 C C   . ALA A 1 137 ? 4.269   -28.296 1.728   1.00 162.35 ? 137 ALA A C   1 
ATOM 1008 O O   . ALA A 1 137 ? 3.424   -28.210 2.626   1.00 160.48 ? 137 ALA A O   1 
ATOM 1009 C CB  . ALA A 1 137 ? 2.659   -28.721 -0.126  1.00 161.55 ? 137 ALA A CB  1 
ATOM 1010 N N   . ASP A 1 138 ? 5.514   -28.723 1.953   1.00 166.44 ? 138 ASP A N   1 
ATOM 1011 C CA  . ASP A 1 138 ? 5.938   -29.113 3.293   1.00 168.05 ? 138 ASP A CA  1 
ATOM 1012 C C   . ASP A 1 138 ? 5.893   -27.933 4.254   1.00 169.69 ? 138 ASP A C   1 
ATOM 1013 O O   . ASP A 1 138 ? 5.295   -28.018 5.333   1.00 168.62 ? 138 ASP A O   1 
ATOM 1014 C CB  . ASP A 1 138 ? 7.345   -29.708 3.245   1.00 168.46 ? 138 ASP A CB  1 
ATOM 1015 C CG  . ASP A 1 138 ? 8.021   -29.710 4.601   1.00 168.98 ? 138 ASP A CG  1 
ATOM 1016 O OD1 . ASP A 1 138 ? 8.873   -28.828 4.844   1.00 165.98 ? 138 ASP A OD1 1 
ATOM 1017 O OD2 . ASP A 1 138 ? 7.701   -30.589 5.427   1.00 167.73 ? 138 ASP A OD2 1 
ATOM 1018 N N   . ASN A 1 139 ? 6.519   -26.825 3.882   1.00 167.63 ? 139 ASN A N   1 
ATOM 1019 C CA  . ASN A 1 139 ? 6.558   -25.666 4.763   1.00 163.67 ? 139 ASN A CA  1 
ATOM 1020 C C   . ASN A 1 139 ? 5.158   -25.082 4.912   1.00 162.61 ? 139 ASN A C   1 
ATOM 1021 O O   . ASN A 1 139 ? 4.468   -24.876 3.907   1.00 163.24 ? 139 ASN A O   1 
ATOM 1022 C CB  . ASN A 1 139 ? 7.520   -24.613 4.224   1.00 162.83 ? 139 ASN A CB  1 
ATOM 1023 C CG  . ASN A 1 139 ? 7.294   -24.318 2.761   1.00 167.55 ? 139 ASN A CG  1 
ATOM 1024 O OD1 . ASN A 1 139 ? 6.595   -25.056 2.069   1.00 169.90 ? 139 ASN A OD1 1 
ATOM 1025 N ND2 . ASN A 1 139 ? 7.889   -23.236 2.277   1.00 169.61 ? 139 ASN A ND2 1 
ATOM 1026 N N   . PRO A 1 140 ? 4.702   -24.813 6.136   1.00 149.81 ? 140 PRO A N   1 
ATOM 1027 C CA  . PRO A 1 140 ? 3.339   -24.290 6.313   1.00 153.27 ? 140 PRO A CA  1 
ATOM 1028 C C   . PRO A 1 140 ? 3.115   -22.930 5.678   1.00 155.00 ? 140 PRO A C   1 
ATOM 1029 O O   . PRO A 1 140 ? 1.958   -22.571 5.429   1.00 155.06 ? 140 PRO A O   1 
ATOM 1030 C CB  . PRO A 1 140 ? 3.186   -24.220 7.838   1.00 152.55 ? 140 PRO A CB  1 
ATOM 1031 C CG  . PRO A 1 140 ? 4.586   -24.128 8.349   1.00 151.89 ? 140 PRO A CG  1 
ATOM 1032 C CD  . PRO A 1 140 ? 5.411   -24.958 7.416   1.00 149.90 ? 140 PRO A CD  1 
ATOM 1033 N N   . VAL A 1 141 ? 4.174   -22.163 5.414   1.00 157.64 ? 141 VAL A N   1 
ATOM 1034 C CA  . VAL A 1 141 ? 3.998   -20.836 4.830   1.00 155.51 ? 141 VAL A CA  1 
ATOM 1035 C C   . VAL A 1 141 ? 3.365   -20.938 3.449   1.00 155.48 ? 141 VAL A C   1 
ATOM 1036 O O   . VAL A 1 141 ? 2.455   -20.172 3.111   1.00 156.17 ? 141 VAL A O   1 
ATOM 1037 C CB  . VAL A 1 141 ? 5.341   -20.085 4.789   1.00 154.51 ? 141 VAL A CB  1 
ATOM 1038 C CG1 . VAL A 1 141 ? 5.673   -19.531 6.160   1.00 153.88 ? 141 VAL A CG1 1 
ATOM 1039 C CG2 . VAL A 1 141 ? 6.450   -21.006 4.313   1.00 152.81 ? 141 VAL A CG2 1 
ATOM 1040 N N   . LEU A 1 142 ? 3.827   -21.884 2.632   1.00 156.06 ? 142 LEU A N   1 
ATOM 1041 C CA  . LEU A 1 142 ? 3.233   -22.085 1.318   1.00 155.98 ? 142 LEU A CA  1 
ATOM 1042 C C   . LEU A 1 142 ? 1.953   -22.903 1.378   1.00 156.92 ? 142 LEU A C   1 
ATOM 1043 O O   . LEU A 1 142 ? 1.211   -22.944 0.390   1.00 157.64 ? 142 LEU A O   1 
ATOM 1044 C CB  . LEU A 1 142 ? 4.233   -22.767 0.385   1.00 155.76 ? 142 LEU A CB  1 
ATOM 1045 C CG  . LEU A 1 142 ? 5.529   -21.996 0.145   1.00 155.70 ? 142 LEU A CG  1 
ATOM 1046 C CD1 . LEU A 1 142 ? 6.445   -22.765 -0.788  1.00 157.74 ? 142 LEU A CD1 1 
ATOM 1047 C CD2 . LEU A 1 142 ? 5.228   -20.619 -0.413  1.00 154.09 ? 142 LEU A CD2 1 
ATOM 1048 N N   . LYS A 1 143 ? 1.678   -23.549 2.513   1.00 157.53 ? 143 LYS A N   1 
ATOM 1049 C CA  . LYS A 1 143 ? 0.457   -24.334 2.638   1.00 156.87 ? 143 LYS A CA  1 
ATOM 1050 C C   . LYS A 1 143 ? -0.775  -23.454 2.494   1.00 156.60 ? 143 LYS A C   1 
ATOM 1051 O O   . LYS A 1 143 ? -1.760  -23.851 1.862   1.00 156.54 ? 143 LYS A O   1 
ATOM 1052 C CB  . LYS A 1 143 ? 0.440   -25.066 3.978   1.00 156.54 ? 143 LYS A CB  1 
ATOM 1053 C CG  . LYS A 1 143 ? -0.697  -26.055 4.126   1.00 156.54 ? 143 LYS A CG  1 
ATOM 1054 C CD  . LYS A 1 143 ? -0.695  -27.057 2.987   1.00 157.74 ? 143 LYS A CD  1 
ATOM 1055 C CE  . LYS A 1 143 ? -1.548  -28.267 3.319   1.00 158.05 ? 143 LYS A CE  1 
ATOM 1056 N NZ  . LYS A 1 143 ? -2.896  -27.873 3.807   1.00 159.71 ? 143 LYS A NZ  1 
ATOM 1057 N N   . GLN A 1 144 ? -0.739  -22.254 3.076   1.00 161.01 ? 144 GLN A N   1 
ATOM 1058 C CA  . GLN A 1 144 ? -1.872  -21.344 2.963   1.00 161.91 ? 144 GLN A CA  1 
ATOM 1059 C C   . GLN A 1 144 ? -2.126  -20.959 1.511   1.00 159.31 ? 144 GLN A C   1 
ATOM 1060 O O   . GLN A 1 144 ? -3.273  -20.962 1.051   1.00 160.96 ? 144 GLN A O   1 
ATOM 1061 C CB  . GLN A 1 144 ? -1.624  -20.097 3.810   1.00 163.14 ? 144 GLN A CB  1 
ATOM 1062 C CG  . GLN A 1 144 ? -1.598  -20.359 5.305   1.00 162.43 ? 144 GLN A CG  1 
ATOM 1063 C CD  . GLN A 1 144 ? -2.752  -21.223 5.763   1.00 162.38 ? 144 GLN A CD  1 
ATOM 1064 O OE1 . GLN A 1 144 ? -3.916  -20.909 5.514   1.00 164.11 ? 144 GLN A OE1 1 
ATOM 1065 N NE2 . GLN A 1 144 ? -2.436  -22.322 6.437   1.00 160.32 ? 144 GLN A NE2 1 
ATOM 1066 N N   . TYR A 1 145 ? -1.065  -20.635 0.770   1.00 149.98 ? 145 TYR A N   1 
ATOM 1067 C CA  . TYR A 1 145 ? -1.234  -20.241 -0.623  1.00 151.70 ? 145 TYR A CA  1 
ATOM 1068 C C   . TYR A 1 145 ? -1.671  -21.411 -1.489  1.00 153.52 ? 145 TYR A C   1 
ATOM 1069 O O   . TYR A 1 145 ? -2.396  -21.213 -2.471  1.00 154.61 ? 145 TYR A O   1 
ATOM 1070 C CB  . TYR A 1 145 ? 0.061   -19.638 -1.155  1.00 151.29 ? 145 TYR A CB  1 
ATOM 1071 C CG  . TYR A 1 145 ? 0.593   -18.526 -0.289  1.00 152.00 ? 145 TYR A CG  1 
ATOM 1072 C CD1 . TYR A 1 145 ? -0.223  -17.474 0.093   1.00 152.19 ? 145 TYR A CD1 1 
ATOM 1073 C CD2 . TYR A 1 145 ? 1.903   -18.536 0.159   1.00 154.36 ? 145 TYR A CD2 1 
ATOM 1074 C CE1 . TYR A 1 145 ? 0.254   -16.458 0.887   1.00 152.05 ? 145 TYR A CE1 1 
ATOM 1075 C CE2 . TYR A 1 145 ? 2.389   -17.524 0.954   1.00 154.52 ? 145 TYR A CE2 1 
ATOM 1076 C CZ  . TYR A 1 145 ? 1.561   -16.488 1.316   1.00 153.66 ? 145 TYR A CZ  1 
ATOM 1077 O OH  . TYR A 1 145 ? 2.043   -15.476 2.111   1.00 156.81 ? 145 TYR A OH  1 
ATOM 1078 N N   . VAL A 1 146 ? -1.240  -22.628 -1.151  1.00 160.56 ? 146 VAL A N   1 
ATOM 1079 C CA  . VAL A 1 146 ? -1.691  -23.803 -1.890  1.00 161.75 ? 146 VAL A CA  1 
ATOM 1080 C C   . VAL A 1 146 ? -3.204  -23.940 -1.785  1.00 162.70 ? 146 VAL A C   1 
ATOM 1081 O O   . VAL A 1 146 ? -3.885  -24.268 -2.764  1.00 162.43 ? 146 VAL A O   1 
ATOM 1082 C CB  . VAL A 1 146 ? -0.965  -25.062 -1.383  1.00 160.21 ? 146 VAL A CB  1 
ATOM 1083 C CG1 . VAL A 1 146 ? -1.750  -26.313 -1.734  1.00 161.08 ? 146 VAL A CG1 1 
ATOM 1084 C CG2 . VAL A 1 146 ? 0.434   -25.131 -1.969  1.00 159.73 ? 146 VAL A CG2 1 
ATOM 1085 N N   . LEU A 1 147 ? -3.755  -23.667 -0.605  1.00 157.97 ? 147 LEU A N   1 
ATOM 1086 C CA  . LEU A 1 147 ? -5.197  -23.686 -0.408  1.00 155.47 ? 147 LEU A CA  1 
ATOM 1087 C C   . LEU A 1 147 ? -5.870  -22.394 -0.847  1.00 155.80 ? 147 LEU A C   1 
ATOM 1088 O O   . LEU A 1 147 ? -7.094  -22.284 -0.732  1.00 156.42 ? 147 LEU A O   1 
ATOM 1089 C CB  . LEU A 1 147 ? -5.524  -23.959 1.061   1.00 156.32 ? 147 LEU A CB  1 
ATOM 1090 C CG  . LEU A 1 147 ? -4.707  -25.061 1.733   1.00 157.79 ? 147 LEU A CG  1 
ATOM 1091 C CD1 . LEU A 1 147 ? -5.056  -25.163 3.208   1.00 155.73 ? 147 LEU A CD1 1 
ATOM 1092 C CD2 . LEU A 1 147 ? -4.927  -26.392 1.031   1.00 157.00 ? 147 LEU A CD2 1 
ATOM 1093 N N   . GLY A 1 148 ? -5.109  -21.421 -1.338  1.00 157.95 ? 148 GLY A N   1 
ATOM 1094 C CA  . GLY A 1 148 ? -5.695  -20.177 -1.791  1.00 157.02 ? 148 GLY A CA  1 
ATOM 1095 C C   . GLY A 1 148 ? -6.000  -19.178 -0.702  1.00 158.04 ? 148 GLY A C   1 
ATOM 1096 O O   . GLY A 1 148 ? -6.861  -18.315 -0.894  1.00 156.23 ? 148 GLY A O   1 
ATOM 1097 N N   . ASN A 1 149 ? -5.327  -19.276 0.447   1.00 164.95 ? 149 ASN A N   1 
ATOM 1098 C CA  . ASN A 1 149 ? -5.545  -18.304 1.513   1.00 163.98 ? 149 ASN A CA  1 
ATOM 1099 C C   . ASN A 1 149 ? -5.133  -16.904 1.075   1.00 164.18 ? 149 ASN A C   1 
ATOM 1100 O O   . ASN A 1 149 ? -5.836  -15.926 1.355   1.00 162.27 ? 149 ASN A O   1 
ATOM 1101 C CB  . ASN A 1 149 ? -4.776  -18.720 2.765   1.00 162.46 ? 149 ASN A CB  1 
ATOM 1102 C CG  . ASN A 1 149 ? -5.048  -17.810 3.945   1.00 161.66 ? 149 ASN A CG  1 
ATOM 1103 O OD1 . ASN A 1 149 ? -6.043  -17.086 3.970   1.00 162.43 ? 149 ASN A OD1 1 
ATOM 1104 N ND2 . ASN A 1 149 ? -4.160  -17.840 4.932   1.00 162.40 ? 149 ASN A ND2 1 
ATOM 1105 N N   . GLY A 1 150 ? -3.998  -16.787 0.383   1.00 160.17 ? 150 GLY A N   1 
ATOM 1106 C CA  . GLY A 1 150 ? -3.515  -15.498 -0.058  1.00 157.26 ? 150 GLY A CA  1 
ATOM 1107 C C   . GLY A 1 150 ? -2.790  -15.609 -1.384  1.00 156.48 ? 150 GLY A C   1 
ATOM 1108 O O   . GLY A 1 150 ? -2.550  -16.703 -1.898  1.00 155.31 ? 150 GLY A O   1 
ATOM 1109 N N   . ARG A 1 151 ? -2.448  -14.448 -1.931  1.00 143.47 ? 151 ARG A N   1 
ATOM 1110 C CA  . ARG A 1 151 ? -1.754  -14.372 -3.205  1.00 140.70 ? 151 ARG A CA  1 
ATOM 1111 C C   . ARG A 1 151 ? -0.249  -14.473 -3.002  1.00 142.58 ? 151 ARG A C   1 
ATOM 1112 O O   . ARG A 1 151 ? 0.262   -14.287 -1.894  1.00 143.72 ? 151 ARG A O   1 
ATOM 1113 C CB  . ARG A 1 151 ? -2.094  -13.067 -3.924  1.00 139.86 ? 151 ARG A CB  1 
ATOM 1114 C CG  . ARG A 1 151 ? -3.575  -12.744 -3.942  1.00 142.30 ? 151 ARG A CG  1 
ATOM 1115 C CD  . ARG A 1 151 ? -4.267  -13.406 -5.119  1.00 144.68 ? 151 ARG A CD  1 
ATOM 1116 N NE  . ARG A 1 151 ? -3.909  -12.780 -6.386  1.00 147.24 ? 151 ARG A NE  1 
ATOM 1117 C CZ  . ARG A 1 151 ? -4.394  -11.621 -6.809  1.00 145.52 ? 151 ARG A CZ  1 
ATOM 1118 N NH1 . ARG A 1 151 ? -5.257  -10.927 -6.088  1.00 144.87 ? 151 ARG A NH1 1 
ATOM 1119 N NH2 . ARG A 1 151 ? -4.002  -11.145 -7.988  1.00 143.81 ? 151 ARG A NH2 1 
ATOM 1120 N N   . LEU A 1 152 ? 0.456   -14.774 -4.085  1.00 134.90 ? 152 LEU A N   1 
ATOM 1121 C CA  . LEU A 1 152 ? 1.908   -14.853 -4.085  1.00 133.18 ? 152 LEU A CA  1 
ATOM 1122 C C   . LEU A 1 152 ? 2.464   -14.002 -5.216  1.00 135.07 ? 152 LEU A C   1 
ATOM 1123 O O   . LEU A 1 152 ? 1.883   -13.941 -6.304  1.00 137.16 ? 152 LEU A O   1 
ATOM 1124 C CB  . LEU A 1 152 ? 2.385   -16.296 -4.229  1.00 131.34 ? 152 LEU A CB  1 
ATOM 1125 C CG  . LEU A 1 152 ? 3.723   -16.624 -3.570  1.00 131.90 ? 152 LEU A CG  1 
ATOM 1126 C CD1 . LEU A 1 152 ? 3.907   -15.819 -2.299  1.00 135.52 ? 152 LEU A CD1 1 
ATOM 1127 C CD2 . LEU A 1 152 ? 3.825   -18.109 -3.286  1.00 134.82 ? 152 LEU A CD2 1 
ATOM 1128 N N   . TYR A 1 153 ? 3.588   -13.341 -4.955  1.00 131.62 ? 153 TYR A N   1 
ATOM 1129 C CA  . TYR A 1 153 ? 4.210   -12.464 -5.931  1.00 130.24 ? 153 TYR A CA  1 
ATOM 1130 C C   . TYR A 1 153 ? 5.711   -12.701 -5.930  1.00 133.19 ? 153 TYR A C   1 
ATOM 1131 O O   . TYR A 1 153 ? 6.293   -13.107 -4.924  1.00 137.04 ? 153 TYR A O   1 
ATOM 1132 C CB  . TYR A 1 153 ? 3.906   -10.992 -5.635  1.00 130.14 ? 153 TYR A CB  1 
ATOM 1133 C CG  . TYR A 1 153 ? 2.437   -10.648 -5.682  1.00 131.54 ? 153 TYR A CG  1 
ATOM 1134 C CD1 . TYR A 1 153 ? 1.630   -10.818 -4.568  1.00 133.56 ? 153 TYR A CD1 1 
ATOM 1135 C CD2 . TYR A 1 153 ? 1.859   -10.151 -6.838  1.00 133.41 ? 153 TYR A CD2 1 
ATOM 1136 C CE1 . TYR A 1 153 ? 0.288   -10.505 -4.606  1.00 133.15 ? 153 TYR A CE1 1 
ATOM 1137 C CE2 . TYR A 1 153 ? 0.519   -9.835  -6.884  1.00 136.66 ? 153 TYR A CE2 1 
ATOM 1138 C CZ  . TYR A 1 153 ? -0.262  -10.013 -5.767  1.00 137.10 ? 153 TYR A CZ  1 
ATOM 1139 O OH  . TYR A 1 153 ? -1.600  -9.699  -5.810  1.00 137.86 ? 153 TYR A OH  1 
ATOM 1140 N N   . VAL A 1 154 ? 6.336   -12.442 -7.077  1.00 122.22 ? 154 VAL A N   1 
ATOM 1141 C CA  . VAL A 1 154 ? 7.778   -12.582 -7.236  1.00 117.58 ? 154 VAL A CA  1 
ATOM 1142 C C   . VAL A 1 154 ? 8.337   -11.264 -7.747  1.00 119.47 ? 154 VAL A C   1 
ATOM 1143 O O   . VAL A 1 154 ? 7.844   -10.720 -8.740  1.00 120.33 ? 154 VAL A O   1 
ATOM 1144 C CB  . VAL A 1 154 ? 8.143   -13.727 -8.199  1.00 117.32 ? 154 VAL A CB  1 
ATOM 1145 C CG1 . VAL A 1 154 ? 9.646   -13.806 -8.368  1.00 119.49 ? 154 VAL A CG1 1 
ATOM 1146 C CG2 . VAL A 1 154 ? 7.595   -15.042 -7.684  1.00 121.08 ? 154 VAL A CG2 1 
ATOM 1147 N N   . ILE A 1 155 ? 9.366   -10.756 -7.078  1.00 113.01 ? 155 ILE A N   1 
ATOM 1148 C CA  . ILE A 1 155 ? 9.977   -9.490  -7.466  1.00 113.45 ? 155 ILE A CA  1 
ATOM 1149 C C   . ILE A 1 155 ? 10.858  -9.730  -8.683  1.00 115.79 ? 155 ILE A C   1 
ATOM 1150 O O   . ILE A 1 155 ? 11.749  -10.586 -8.658  1.00 121.94 ? 155 ILE A O   1 
ATOM 1151 C CB  . ILE A 1 155 ? 10.785  -8.892  -6.309  1.00 110.91 ? 155 ILE A CB  1 
ATOM 1152 C CG1 . ILE A 1 155 ? 9.849   -8.323  -5.248  1.00 116.69 ? 155 ILE A CG1 1 
ATOM 1153 C CG2 . ILE A 1 155 ? 11.717  -7.814  -6.817  1.00 112.23 ? 155 ILE A CG2 1 
ATOM 1154 C CD1 . ILE A 1 155 ? 10.559  -7.877  -3.999  1.00 118.66 ? 155 ILE A CD1 1 
ATOM 1155 N N   . THR A 1 156 ? 10.620  -8.971  -9.751  1.00 104.61 ? 156 THR A N   1 
ATOM 1156 C CA  . THR A 1 156 ? 11.392  -9.111  -10.979 1.00 103.48 ? 156 THR A CA  1 
ATOM 1157 C C   . THR A 1 156 ? 12.375  -7.972  -11.196 1.00 108.44 ? 156 THR A C   1 
ATOM 1158 O O   . THR A 1 156 ? 13.561  -8.219  -11.429 1.00 116.32 ? 156 THR A O   1 
ATOM 1159 C CB  . THR A 1 156 ? 10.460  -9.199  -12.187 1.00 106.32 ? 156 THR A CB  1 
ATOM 1160 O OG1 . THR A 1 156 ? 10.149  -7.878  -12.643 1.00 110.12 ? 156 THR A OG1 1 
ATOM 1161 C CG2 . THR A 1 156 ? 9.178   -9.906  -11.810 1.00 110.59 ? 156 THR A CG2 1 
ATOM 1162 N N   . GLN A 1 157 ? 11.907  -6.731  -11.134 1.00 118.98 ? 157 GLN A N   1 
ATOM 1163 C CA  . GLN A 1 157 ? 12.757  -5.560  -11.268 1.00 118.67 ? 157 GLN A CA  1 
ATOM 1164 C C   . GLN A 1 157 ? 12.691  -4.761  -9.978  1.00 118.54 ? 157 GLN A C   1 
ATOM 1165 O O   . GLN A 1 157 ? 11.661  -4.741  -9.301  1.00 124.83 ? 157 GLN A O   1 
ATOM 1166 C CB  . GLN A 1 157 ? 12.327  -4.683  -12.447 1.00 119.16 ? 157 GLN A CB  1 
ATOM 1167 C CG  . GLN A 1 157 ? 13.333  -3.619  -12.838 1.00 121.66 ? 157 GLN A CG  1 
ATOM 1168 C CD  . GLN A 1 157 ? 12.779  -2.651  -13.858 1.00 128.96 ? 157 GLN A CD  1 
ATOM 1169 O OE1 . GLN A 1 157 ? 11.605  -2.289  -13.810 1.00 132.53 ? 157 GLN A OE1 1 
ATOM 1170 N NE2 . GLN A 1 157 ? 13.619  -2.235  -14.796 1.00 127.49 ? 157 GLN A NE2 1 
ATOM 1171 N N   . VAL A 1 158 ? 13.796  -4.106  -9.637  1.00 106.95 ? 158 VAL A N   1 
ATOM 1172 C CA  . VAL A 1 158 ? 13.841  -3.305  -8.422  1.00 108.30 ? 158 VAL A CA  1 
ATOM 1173 C C   . VAL A 1 158 ? 14.840  -2.174  -8.619  1.00 113.62 ? 158 VAL A C   1 
ATOM 1174 O O   . VAL A 1 158 ? 15.932  -2.373  -9.158  1.00 121.53 ? 158 VAL A O   1 
ATOM 1175 C CB  . VAL A 1 158 ? 14.183  -4.177  -7.196  1.00 106.90 ? 158 VAL A CB  1 
ATOM 1176 C CG1 . VAL A 1 158 ? 15.362  -5.068  -7.489  1.00 111.44 ? 158 VAL A CG1 1 
ATOM 1177 C CG2 . VAL A 1 158 ? 14.464  -3.315  -5.992  1.00 109.44 ? 158 VAL A CG2 1 
ATOM 1178 N N   . ILE A 1 159 ? 14.454  -0.981  -8.177  1.00 112.33 ? 159 ILE A N   1 
ATOM 1179 C CA  . ILE A 1 159 ? 15.283  0.206   -8.299  1.00 111.80 ? 159 ILE A CA  1 
ATOM 1180 C C   . ILE A 1 159 ? 15.763  0.620   -6.916  1.00 110.02 ? 159 ILE A C   1 
ATOM 1181 O O   . ILE A 1 159 ? 15.146  0.316   -5.891  1.00 109.02 ? 159 ILE A O   1 
ATOM 1182 C CB  . ILE A 1 159 ? 14.530  1.359   -8.988  1.00 105.20 ? 159 ILE A CB  1 
ATOM 1183 C CG1 . ILE A 1 159 ? 13.428  1.892   -8.074  1.00 105.57 ? 159 ILE A CG1 1 
ATOM 1184 C CG2 . ILE A 1 159 ? 13.936  0.889   -10.297 1.00 104.74 ? 159 ILE A CG2 1 
ATOM 1185 C CD1 . ILE A 1 159 ? 12.466  2.826   -8.766  1.00 105.46 ? 159 ILE A CD1 1 
ATOM 1186 N N   . LYS A 1 160 ? 16.890  1.328   -6.895  1.00 112.60 ? 160 LYS A N   1 
ATOM 1187 C CA  . LYS A 1 160 ? 17.512  1.756   -5.654  1.00 110.49 ? 160 LYS A CA  1 
ATOM 1188 C C   . LYS A 1 160 ? 18.194  3.096   -5.877  1.00 112.53 ? 160 LYS A C   1 
ATOM 1189 O O   . LYS A 1 160 ? 18.435  3.508   -7.013  1.00 116.74 ? 160 LYS A O   1 
ATOM 1190 C CB  . LYS A 1 160 ? 18.519  0.721   -5.145  1.00 114.77 ? 160 LYS A CB  1 
ATOM 1191 C CG  . LYS A 1 160 ? 19.425  0.150   -6.218  1.00 118.23 ? 160 LYS A CG  1 
ATOM 1192 C CD  . LYS A 1 160 ? 19.995  -1.188  -5.782  1.00 115.25 ? 160 LYS A CD  1 
ATOM 1193 C CE  . LYS A 1 160 ? 21.166  -1.605  -6.651  1.00 118.36 ? 160 LYS A CE  1 
ATOM 1194 N NZ  . LYS A 1 160 ? 20.739  -1.935  -8.035  1.00 119.28 ? 160 LYS A NZ  1 
ATOM 1195 N N   . SER A 1 161 ? 18.500  3.775   -4.775  1.00 103.98 ? 161 SER A N   1 
ATOM 1196 C CA  . SER A 1 161 ? 19.179  5.061   -4.838  1.00 104.29 ? 161 SER A CA  1 
ATOM 1197 C C   . SER A 1 161 ? 19.915  5.304   -3.532  1.00 101.68 ? 161 SER A C   1 
ATOM 1198 O O   . SER A 1 161 ? 19.447  4.901   -2.465  1.00 105.19 ? 161 SER A O   1 
ATOM 1199 C CB  . SER A 1 161 ? 18.195  6.201   -5.097  1.00 110.49 ? 161 SER A CB  1 
ATOM 1200 O OG  . SER A 1 161 ? 17.032  6.043   -4.306  1.00 112.81 ? 161 SER A OG  1 
ATOM 1201 N N   . ASN A 1 162 ? 21.067  5.970   -3.623  1.00 112.59 ? 162 ASN A N   1 
ATOM 1202 C CA  . ASN A 1 162 ? 21.837  6.296   -2.431  1.00 118.90 ? 162 ASN A CA  1 
ATOM 1203 C C   . ASN A 1 162 ? 21.454  7.639   -1.830  1.00 121.18 ? 162 ASN A C   1 
ATOM 1204 O O   . ASN A 1 162 ? 21.886  7.949   -0.716  1.00 128.42 ? 162 ASN A O   1 
ATOM 1205 C CB  . ASN A 1 162 ? 23.332  6.288   -2.751  1.00 121.71 ? 162 ASN A CB  1 
ATOM 1206 C CG  . ASN A 1 162 ? 23.715  7.327   -3.784  1.00 122.33 ? 162 ASN A CG  1 
ATOM 1207 O OD1 . ASN A 1 162 ? 23.629  8.530   -3.537  1.00 123.97 ? 162 ASN A OD1 1 
ATOM 1208 N ND2 . ASN A 1 162 ? 24.144  6.866   -4.951  1.00 119.99 ? 162 ASN A ND2 1 
ATOM 1209 N N   . GLU A 1 163 ? 20.670  8.444   -2.538  1.00 106.45 ? 163 GLU A N   1 
ATOM 1210 C CA  . GLU A 1 163 ? 20.238  9.748   -2.051  1.00 109.01 ? 163 GLU A CA  1 
ATOM 1211 C C   . GLU A 1 163 ? 18.756  9.898   -2.339  1.00 109.66 ? 163 GLU A C   1 
ATOM 1212 O O   . GLU A 1 163 ? 18.343  9.843   -3.501  1.00 121.32 ? 163 GLU A O   1 
ATOM 1213 C CB  . GLU A 1 163 ? 21.027  10.878  -2.716  1.00 112.38 ? 163 GLU A CB  1 
ATOM 1214 C CG  . GLU A 1 163 ? 22.047  11.538  -1.816  1.00 118.50 ? 163 GLU A CG  1 
ATOM 1215 C CD  . GLU A 1 163 ? 22.607  12.813  -2.412  1.00 122.07 ? 163 GLU A CD  1 
ATOM 1216 O OE1 . GLU A 1 163 ? 21.984  13.353  -3.351  1.00 121.62 ? 163 GLU A OE1 1 
ATOM 1217 O OE2 . GLU A 1 163 ? 23.665  13.278  -1.941  1.00 122.91 ? 163 GLU A OE2 1 
ATOM 1218 N N   . PHE A 1 164 ? 17.960  10.081  -1.291  1.00 96.28  ? 164 PHE A N   1 
ATOM 1219 C CA  . PHE A 1 164 ? 16.527  10.237  -1.494  1.00 102.23 ? 164 PHE A CA  1 
ATOM 1220 C C   . PHE A 1 164 ? 15.882  10.733  -0.212  1.00 105.67 ? 164 PHE A C   1 
ATOM 1221 O O   . PHE A 1 164 ? 16.495  10.746  0.859   1.00 111.75 ? 164 PHE A O   1 
ATOM 1222 C CB  . PHE A 1 164 ? 15.877  8.931   -1.949  1.00 104.45 ? 164 PHE A CB  1 
ATOM 1223 C CG  . PHE A 1 164 ? 15.956  7.832   -0.942  1.00 97.57  ? 164 PHE A CG  1 
ATOM 1224 C CD1 . PHE A 1 164 ? 17.041  6.980   -0.916  1.00 103.09 ? 164 PHE A CD1 1 
ATOM 1225 C CD2 . PHE A 1 164 ? 14.941  7.642   -0.029  1.00 101.04 ? 164 PHE A CD2 1 
ATOM 1226 C CE1 . PHE A 1 164 ? 17.114  5.964   0.008   1.00 110.27 ? 164 PHE A CE1 1 
ATOM 1227 C CE2 . PHE A 1 164 ? 15.010  6.632   0.897   1.00 108.64 ? 164 PHE A CE2 1 
ATOM 1228 C CZ  . PHE A 1 164 ? 16.097  5.790   0.916   1.00 110.98 ? 164 PHE A CZ  1 
ATOM 1229 N N   . THR A 1 165 ? 14.621  11.132  -0.345  1.00 108.46 ? 165 THR A N   1 
ATOM 1230 C CA  . THR A 1 165 ? 13.808  11.580  0.778   1.00 107.62 ? 165 THR A CA  1 
ATOM 1231 C C   . THR A 1 165 ? 12.351  11.590  0.353   1.00 104.99 ? 165 THR A C   1 
ATOM 1232 O O   . THR A 1 165 ? 12.027  12.049  -0.746  1.00 112.46 ? 165 THR A O   1 
ATOM 1233 C CB  . THR A 1 165 ? 14.234  12.971  1.260   1.00 109.72 ? 165 THR A CB  1 
ATOM 1234 O OG1 . THR A 1 165 ? 13.309  13.438  2.250   1.00 109.17 ? 165 THR A OG1 1 
ATOM 1235 C CG2 . THR A 1 165 ? 14.286  13.958  0.108   1.00 110.82 ? 165 THR A CG2 1 
ATOM 1236 N N   . VAL A 1 166 ? 11.478  11.073  1.210   1.00 92.17  ? 166 VAL A N   1 
ATOM 1237 C CA  . VAL A 1 166 ? 10.042  11.122  0.968   1.00 92.77  ? 166 VAL A CA  1 
ATOM 1238 C C   . VAL A 1 166 ? 9.337   11.491  2.264   1.00 92.78  ? 166 VAL A C   1 
ATOM 1239 O O   . VAL A 1 166 ? 9.610   10.913  3.321   1.00 105.36 ? 166 VAL A O   1 
ATOM 1240 C CB  . VAL A 1 166 ? 9.507   9.798   0.389   1.00 92.30  ? 166 VAL A CB  1 
ATOM 1241 C CG1 . VAL A 1 166 ? 9.900   8.636   1.253   1.00 88.49  ? 166 VAL A CG1 1 
ATOM 1242 C CG2 . VAL A 1 166 ? 7.999   9.859   0.246   1.00 99.21  ? 166 VAL A CG2 1 
ATOM 1243 N N   . ALA A 1 167 ? 8.440   12.471  2.179   1.00 89.24  ? 167 ALA A N   1 
ATOM 1244 C CA  . ALA A 1 167 ? 7.701   12.978  3.327   1.00 93.51  ? 167 ALA A CA  1 
ATOM 1245 C C   . ALA A 1 167 ? 6.215   12.916  3.017   1.00 96.86  ? 167 ALA A C   1 
ATOM 1246 O O   . ALA A 1 167 ? 5.773   13.428  1.985   1.00 105.39 ? 167 ALA A O   1 
ATOM 1247 C CB  . ALA A 1 167 ? 8.119   14.412  3.660   1.00 95.12  ? 167 ALA A CB  1 
ATOM 1248 N N   . ALA A 1 168 ? 5.449   12.305  3.910   1.00 110.53 ? 168 ALA A N   1 
ATOM 1249 C CA  . ALA A 1 168 ? 4.011   12.175  3.757   1.00 113.59 ? 168 ALA A CA  1 
ATOM 1250 C C   . ALA A 1 168 ? 3.299   12.834  4.928   1.00 115.79 ? 168 ALA A C   1 
ATOM 1251 O O   . ALA A 1 168 ? 3.772   12.800  6.067   1.00 125.45 ? 168 ALA A O   1 
ATOM 1252 C CB  . ALA A 1 168 ? 3.597   10.705  3.657   1.00 114.98 ? 168 ALA A CB  1 
ATOM 1253 N N   . GLU A 1 169 ? 2.157   13.446  4.630   1.00 126.73 ? 169 GLU A N   1 
ATOM 1254 C CA  . GLU A 1 169 ? 1.333   14.122  5.616   1.00 126.73 ? 169 GLU A CA  1 
ATOM 1255 C C   . GLU A 1 169 ? -0.115  13.703  5.432   1.00 126.42 ? 169 GLU A C   1 
ATOM 1256 O O   . GLU A 1 169 ? -0.606  13.587  4.308   1.00 135.62 ? 169 GLU A O   1 
ATOM 1257 C CB  . GLU A 1 169 ? 1.449   15.643  5.497   1.00 128.08 ? 169 GLU A CB  1 
ATOM 1258 C CG  . GLU A 1 169 ? 2.873   16.160  5.512   1.00 133.31 ? 169 GLU A CG  1 
ATOM 1259 C CD  . GLU A 1 169 ? 2.942   17.670  5.446   1.00 138.20 ? 169 GLU A CD  1 
ATOM 1260 O OE1 . GLU A 1 169 ? 1.972   18.327  5.878   1.00 138.83 ? 169 GLU A OE1 1 
ATOM 1261 O OE2 . GLU A 1 169 ? 3.965   18.199  4.967   1.00 140.58 ? 169 GLU A OE2 1 
ATOM 1262 N N   . LYS A 1 170 ? -0.795  13.475  6.551   1.00 112.89 ? 170 LYS A N   1 
ATOM 1263 C CA  . LYS A 1 170 ? -2.199  13.101  6.549   1.00 116.91 ? 170 LYS A CA  1 
ATOM 1264 C C   . LYS A 1 170 ? -2.914  13.888  7.633   1.00 119.99 ? 170 LYS A C   1 
ATOM 1265 O O   . LYS A 1 170 ? -2.361  14.110  8.713   1.00 131.15 ? 170 LYS A O   1 
ATOM 1266 C CB  . LYS A 1 170 ? -2.384  11.599  6.788   1.00 119.71 ? 170 LYS A CB  1 
ATOM 1267 C CG  . LYS A 1 170 ? -2.362  10.765  5.522   1.00 124.33 ? 170 LYS A CG  1 
ATOM 1268 C CD  . LYS A 1 170 ? -2.106  9.298   5.827   1.00 128.32 ? 170 LYS A CD  1 
ATOM 1269 C CE  . LYS A 1 170 ? -2.918  8.826   7.023   1.00 125.51 ? 170 LYS A CE  1 
ATOM 1270 N NZ  . LYS A 1 170 ? -2.632  7.406   7.370   1.00 122.84 ? 170 LYS A NZ  1 
ATOM 1271 N N   . SER A 1 171 ? -4.138  14.313  7.340   1.00 113.07 ? 171 SER A N   1 
ATOM 1272 C CA  . SER A 1 171 ? -4.927  15.052  8.311   1.00 114.34 ? 171 SER A CA  1 
ATOM 1273 C C   . SER A 1 171 ? -6.396  14.736  8.096   1.00 116.07 ? 171 SER A C   1 
ATOM 1274 O O   . SER A 1 171 ? -6.841  14.528  6.966   1.00 125.88 ? 171 SER A O   1 
ATOM 1275 C CB  . SER A 1 171 ? -4.691  16.562  8.198   1.00 114.87 ? 171 SER A CB  1 
ATOM 1276 O OG  . SER A 1 171 ? -3.320  16.850  7.988   1.00 116.15 ? 171 SER A OG  1 
ATOM 1277 N N   . GLY A 1 172 ? -7.142  14.706  9.195   1.00 110.19 ? 172 GLY A N   1 
ATOM 1278 C CA  . GLY A 1 172 ? -8.569  14.473  9.146   1.00 113.13 ? 172 GLY A CA  1 
ATOM 1279 C C   . GLY A 1 172 ? -9.288  15.144  10.296  1.00 113.73 ? 172 GLY A C   1 
ATOM 1280 O O   . GLY A 1 172 ? -8.926  14.949  11.458  1.00 123.04 ? 172 GLY A O   1 
ATOM 1281 N N   . GLY A 1 173 ? -10.312 15.934  9.987   1.00 116.75 ? 173 GLY A N   1 
ATOM 1282 C CA  . GLY A 1 173 ? -11.038 16.659  11.008  1.00 117.81 ? 173 GLY A CA  1 
ATOM 1283 C C   . GLY A 1 173 ? -12.537 16.590  10.827  1.00 120.56 ? 173 GLY A C   1 
ATOM 1284 O O   . GLY A 1 173 ? -13.056 16.851  9.738   1.00 129.96 ? 173 GLY A O   1 
ATOM 1285 N N   . GLY A 1 174 ? -13.242 16.236  11.895  1.00 126.60 ? 174 GLY A N   1 
ATOM 1286 C CA  . GLY A 1 174 ? -14.687 16.138  11.869  1.00 129.06 ? 174 GLY A CA  1 
ATOM 1287 C C   . GLY A 1 174 ? -15.308 16.939  12.997  1.00 130.73 ? 174 GLY A C   1 
ATOM 1288 O O   . GLY A 1 174 ? -14.712 17.113  14.059  1.00 138.95 ? 174 GLY A O   1 
ATOM 1289 N N   . SER A 1 175 ? -16.519 17.429  12.751  1.00 135.99 ? 175 SER A N   1 
ATOM 1290 C CA  . SER A 1 175 ? -17.234 18.245  13.726  1.00 137.01 ? 175 SER A CA  1 
ATOM 1291 C C   . SER A 1 175 ? -18.723 18.009  13.546  1.00 138.16 ? 175 SER A C   1 
ATOM 1292 O O   . SER A 1 175 ? -19.266 18.278  12.470  1.00 145.17 ? 175 SER A O   1 
ATOM 1293 C CB  . SER A 1 175 ? -16.898 19.727  13.556  1.00 137.04 ? 175 SER A CB  1 
ATOM 1294 O OG  . SER A 1 175 ? -15.498 19.925  13.454  1.00 135.66 ? 175 SER A OG  1 
ATOM 1295 N N   . ILE A 1 176 ? -19.374 17.505  14.589  1.00 136.45 ? 176 ILE A N   1 
ATOM 1296 C CA  . ILE A 1 176 ? -20.802 17.212  14.571  1.00 139.99 ? 176 ILE A CA  1 
ATOM 1297 C C   . ILE A 1 176 ? -21.456 18.044  15.662  1.00 138.41 ? 176 ILE A C   1 
ATOM 1298 O O   . ILE A 1 176 ? -21.205 17.826  16.853  1.00 142.98 ? 176 ILE A O   1 
ATOM 1299 C CB  . ILE A 1 176 ? -21.087 15.720  14.777  1.00 141.52 ? 176 ILE A CB  1 
ATOM 1300 C CG1 . ILE A 1 176 ? -20.631 14.918  13.559  1.00 143.31 ? 176 ILE A CG1 1 
ATOM 1301 C CG2 . ILE A 1 176 ? -22.566 15.495  15.037  1.00 139.66 ? 176 ILE A CG2 1 
ATOM 1302 C CD1 . ILE A 1 176 ? -20.710 13.421  13.757  1.00 141.93 ? 176 ILE A CD1 1 
ATOM 1303 N N   . GLN A 1 177 ? -22.292 18.994  15.263  1.00 144.41 ? 177 GLN A N   1 
ATOM 1304 C CA  . GLN A 1 177 ? -23.047 19.828  16.187  1.00 144.13 ? 177 GLN A CA  1 
ATOM 1305 C C   . GLN A 1 177 ? -24.513 19.433  16.113  1.00 144.33 ? 177 GLN A C   1 
ATOM 1306 O O   . GLN A 1 177 ? -25.083 19.362  15.019  1.00 151.24 ? 177 GLN A O   1 
ATOM 1307 C CB  . GLN A 1 177 ? -22.878 21.310  15.851  1.00 143.51 ? 177 GLN A CB  1 
ATOM 1308 C CG  . GLN A 1 177 ? -21.495 21.859  16.150  1.00 146.11 ? 177 GLN A CG  1 
ATOM 1309 C CD  . GLN A 1 177 ? -20.525 21.662  15.002  1.00 147.83 ? 177 GLN A CD  1 
ATOM 1310 O OE1 . GLN A 1 177 ? -20.436 20.578  14.426  1.00 148.04 ? 177 GLN A OE1 1 
ATOM 1311 N NE2 . GLN A 1 177 ? -19.789 22.714  14.664  1.00 148.09 ? 177 GLN A NE2 1 
ATOM 1312 N N   . LEU A 1 178 ? -25.120 19.179  17.269  1.00 154.21 ? 178 LEU A N   1 
ATOM 1313 C CA  . LEU A 1 178 ? -26.499 18.720  17.342  1.00 156.48 ? 178 LEU A CA  1 
ATOM 1314 C C   . LEU A 1 178 ? -27.249 19.564  18.358  1.00 158.32 ? 178 LEU A C   1 
ATOM 1315 O O   . LEU A 1 178 ? -26.759 19.787  19.472  1.00 163.21 ? 178 LEU A O   1 
ATOM 1316 C CB  . LEU A 1 178 ? -26.563 17.239  17.721  1.00 158.19 ? 178 LEU A CB  1 
ATOM 1317 C CG  . LEU A 1 178 ? -27.940 16.673  18.061  1.00 158.47 ? 178 LEU A CG  1 
ATOM 1318 C CD1 . LEU A 1 178 ? -28.863 16.838  16.877  1.00 159.28 ? 178 LEU A CD1 1 
ATOM 1319 C CD2 . LEU A 1 178 ? -27.832 15.210  18.449  1.00 157.09 ? 178 LEU A CD2 1 
ATOM 1320 N N   . ASP A 1 179 ? -28.435 20.030  17.969  1.00 184.93 ? 179 ASP A N   1 
ATOM 1321 C CA  . ASP A 1 179 ? -29.270 20.880  18.812  1.00 187.56 ? 179 ASP A CA  1 
ATOM 1322 C C   . ASP A 1 179 ? -30.704 20.384  18.706  1.00 188.38 ? 179 ASP A C   1 
ATOM 1323 O O   . ASP A 1 179 ? -31.322 20.497  17.643  1.00 190.65 ? 179 ASP A O   1 
ATOM 1324 C CB  . ASP A 1 179 ? -29.164 22.346  18.392  1.00 186.75 ? 179 ASP A CB  1 
ATOM 1325 C CG  . ASP A 1 179 ? -29.702 23.297  19.441  1.00 186.57 ? 179 ASP A CG  1 
ATOM 1326 O OD1 . ASP A 1 179 ? -30.399 22.836  20.368  1.00 188.78 ? 179 ASP A OD1 1 
ATOM 1327 O OD2 . ASP A 1 179 ? -29.429 24.511  19.336  1.00 185.82 ? 179 ASP A OD2 1 
ATOM 1328 N N   . VAL A 1 180 ? -31.227 19.836  19.799  1.00 200.47 ? 180 VAL A N   1 
ATOM 1329 C CA  . VAL A 1 180 ? -32.594 19.327  19.864  1.00 200.21 ? 180 VAL A CA  1 
ATOM 1330 C C   . VAL A 1 180 ? -33.282 19.933  21.083  1.00 201.71 ? 180 VAL A C   1 
ATOM 1331 O O   . VAL A 1 180 ? -33.291 19.318  22.161  1.00 203.40 ? 180 VAL A O   1 
ATOM 1332 C CB  . VAL A 1 180 ? -32.621 17.791  19.928  1.00 199.33 ? 180 VAL A CB  1 
ATOM 1333 C CG1 . VAL A 1 180 ? -34.049 17.284  19.876  1.00 199.04 ? 180 VAL A CG1 1 
ATOM 1334 C CG2 . VAL A 1 180 ? -31.811 17.194  18.798  1.00 199.89 ? 180 VAL A CG2 1 
ATOM 1335 N N   . PRO A 1 181 ? -33.830 21.141  20.979  1.00 205.33 ? 181 PRO A N   1 
ATOM 1336 C CA  . PRO A 1 181 ? -34.613 21.693  22.093  1.00 206.19 ? 181 PRO A CA  1 
ATOM 1337 C C   . PRO A 1 181 ? -36.016 21.111  22.158  1.00 206.06 ? 181 PRO A C   1 
ATOM 1338 O O   . PRO A 1 181 ? -36.342 20.166  21.432  1.00 205.55 ? 181 PRO A O   1 
ATOM 1339 C CB  . PRO A 1 181 ? -34.648 23.199  21.790  1.00 202.63 ? 181 PRO A CB  1 
ATOM 1340 C CG  . PRO A 1 181 ? -33.592 23.422  20.744  1.00 201.11 ? 181 PRO A CG  1 
ATOM 1341 C CD  . PRO A 1 181 ? -33.541 22.157  19.959  1.00 202.80 ? 181 PRO A CD  1 
ATOM 1342 N N   . GLU A 1 182 ? -36.844 21.665  23.044  1.00 234.18 ? 182 GLU A N   1 
ATOM 1343 C CA  . GLU A 1 182 ? -38.266 21.328  23.166  1.00 235.90 ? 182 GLU A CA  1 
ATOM 1344 C C   . GLU A 1 182 ? -38.394 19.881  23.628  1.00 236.57 ? 182 GLU A C   1 
ATOM 1345 O O   . GLU A 1 182 ? -38.019 19.600  24.779  1.00 237.14 ? 182 GLU A O   1 
ATOM 1346 C CB  . GLU A 1 182 ? -38.978 21.675  21.856  1.00 236.10 ? 182 GLU A CB  1 
ATOM 1347 C CG  . GLU A 1 182 ? -40.485 21.812  21.997  1.00 236.27 ? 182 GLU A CG  1 
ATOM 1348 C CD  . GLU A 1 182 ? -40.892 22.561  23.253  1.00 235.19 ? 182 GLU A CD  1 
ATOM 1349 O OE1 . GLU A 1 182 ? -40.421 23.702  23.447  1.00 234.40 ? 182 GLU A OE1 1 
ATOM 1350 O OE2 . GLU A 1 182 ? -41.681 22.006  24.046  1.00 233.43 ? 182 GLU A OE2 1 
ATOM 1351 N N   . ILE A 1 183 ? -38.918 18.960  22.808  1.00 238.70 ? 183 ILE A N   1 
ATOM 1352 C CA  . ILE A 1 183 ? -39.287 17.596  23.193  1.00 238.17 ? 183 ILE A CA  1 
ATOM 1353 C C   . ILE A 1 183 ? -40.501 17.658  24.116  1.00 238.61 ? 183 ILE A C   1 
ATOM 1354 O O   . ILE A 1 183 ? -40.777 18.696  24.728  1.00 238.45 ? 183 ILE A O   1 
ATOM 1355 C CB  . ILE A 1 183 ? -38.108 16.832  23.835  1.00 235.98 ? 183 ILE A CB  1 
ATOM 1356 C CG1 . ILE A 1 183 ? -36.861 16.959  22.964  1.00 234.31 ? 183 ILE A CG1 1 
ATOM 1357 C CG2 . ILE A 1 183 ? -38.429 15.354  24.007  1.00 235.10 ? 183 ILE A CG2 1 
ATOM 1358 C CD1 . ILE A 1 183 ? -37.071 16.464  21.555  1.00 234.42 ? 183 ILE A CD1 1 
ATOM 1359 N N   . GLN A 1 184 ? -41.255 16.555  24.200  1.00 242.60 ? 184 GLN A N   1 
ATOM 1360 C CA  . GLN A 1 184 ? -42.448 16.532  25.041  1.00 241.82 ? 184 GLN A CA  1 
ATOM 1361 C C   . GLN A 1 184 ? -42.113 16.833  26.496  1.00 241.80 ? 184 GLN A C   1 
ATOM 1362 O O   . GLN A 1 184 ? -42.923 17.441  27.206  1.00 241.63 ? 184 GLN A O   1 
ATOM 1363 C CB  . GLN A 1 184 ? -43.156 15.181  24.915  1.00 241.35 ? 184 GLN A CB  1 
ATOM 1364 C CG  . GLN A 1 184 ? -42.427 14.015  25.567  1.00 240.51 ? 184 GLN A CG  1 
ATOM 1365 C CD  . GLN A 1 184 ? -41.690 13.153  24.562  1.00 240.49 ? 184 GLN A CD  1 
ATOM 1366 O OE1 . GLN A 1 184 ? -41.294 13.622  23.495  1.00 241.56 ? 184 GLN A OE1 1 
ATOM 1367 N NE2 . GLN A 1 184 ? -41.499 11.882  24.901  1.00 239.02 ? 184 GLN A NE2 1 
ATOM 1368 N N   . LYS A 1 185 ? -40.936 16.426  26.955  1.00 231.48 ? 185 LYS A N   1 
ATOM 1369 C CA  . LYS A 1 185 ? -40.420 16.839  28.247  1.00 230.60 ? 185 LYS A CA  1 
ATOM 1370 C C   . LYS A 1 185 ? -39.641 18.140  28.087  1.00 230.98 ? 185 LYS A C   1 
ATOM 1371 O O   . LYS A 1 185 ? -39.148 18.463  27.005  1.00 232.57 ? 185 LYS A O   1 
ATOM 1372 C CB  . LYS A 1 185 ? -39.525 15.752  28.843  1.00 228.55 ? 185 LYS A CB  1 
ATOM 1373 C CG  . LYS A 1 185 ? -40.249 14.801  29.780  1.00 228.21 ? 185 LYS A CG  1 
ATOM 1374 C CD  . LYS A 1 185 ? -39.270 13.973  30.593  1.00 227.75 ? 185 LYS A CD  1 
ATOM 1375 C CE  . LYS A 1 185 ? -39.999 12.953  31.454  1.00 227.27 ? 185 LYS A CE  1 
ATOM 1376 N NZ  . LYS A 1 185 ? -39.062 11.994  32.101  1.00 226.29 ? 185 LYS A NZ  1 
ATOM 1377 N N   . VAL A 1 186 ? -39.522 18.886  29.181  1.00 221.45 ? 186 VAL A N   1 
ATOM 1378 C CA  . VAL A 1 186 ? -38.861 20.183  29.106  1.00 220.84 ? 186 VAL A CA  1 
ATOM 1379 C C   . VAL A 1 186 ? -37.359 19.966  29.192  1.00 221.34 ? 186 VAL A C   1 
ATOM 1380 O O   . VAL A 1 186 ? -36.763 20.072  30.271  1.00 218.60 ? 186 VAL A O   1 
ATOM 1381 C CB  . VAL A 1 186 ? -39.348 21.134  30.214  1.00 218.51 ? 186 VAL A CB  1 
ATOM 1382 C CG1 . VAL A 1 186 ? -38.903 22.559  29.920  1.00 216.91 ? 186 VAL A CG1 1 
ATOM 1383 C CG2 . VAL A 1 186 ? -40.859 21.056  30.351  1.00 218.69 ? 186 VAL A CG2 1 
ATOM 1384 N N   . VAL A 1 187 ? -36.740 19.658  28.053  1.00 224.79 ? 187 VAL A N   1 
ATOM 1385 C CA  . VAL A 1 187 ? -35.297 19.459  27.979  1.00 223.05 ? 187 VAL A CA  1 
ATOM 1386 C C   . VAL A 1 187 ? -34.753 20.198  26.761  1.00 221.80 ? 187 VAL A C   1 
ATOM 1387 O O   . VAL A 1 187 ? -35.369 20.199  25.689  1.00 221.06 ? 187 VAL A O   1 
ATOM 1388 C CB  . VAL A 1 187 ? -34.920 17.960  27.941  1.00 220.90 ? 187 VAL A CB  1 
ATOM 1389 C CG1 . VAL A 1 187 ? -35.622 17.191  29.053  1.00 219.13 ? 187 VAL A CG1 1 
ATOM 1390 C CG2 . VAL A 1 187 ? -35.248 17.337  26.589  1.00 220.48 ? 187 VAL A CG2 1 
ATOM 1391 N N   . GLY A 1 188 ? -33.622 20.873  26.935  1.00 210.56 ? 188 GLY A N   1 
ATOM 1392 C CA  . GLY A 1 188 ? -32.919 21.464  25.815  1.00 209.54 ? 188 GLY A CA  1 
ATOM 1393 C C   . GLY A 1 188 ? -31.626 20.733  25.526  1.00 210.38 ? 188 GLY A C   1 
ATOM 1394 O O   . GLY A 1 188 ? -30.636 20.912  26.242  1.00 210.89 ? 188 GLY A O   1 
ATOM 1395 N N   . GLY A 1 189 ? -31.613 19.910  24.480  1.00 194.02 ? 189 GLY A N   1 
ATOM 1396 C CA  . GLY A 1 189 ? -30.438 19.125  24.152  1.00 192.73 ? 189 GLY A CA  1 
ATOM 1397 C C   . GLY A 1 189 ? -29.500 19.884  23.228  1.00 192.11 ? 189 GLY A C   1 
ATOM 1398 O O   . GLY A 1 189 ? -29.927 20.500  22.258  1.00 197.02 ? 189 GLY A O   1 
ATOM 1399 N N   . LYS A 1 190 ? -28.209 19.819  23.540  1.00 154.12 ? 190 LYS A N   1 
ATOM 1400 C CA  . LYS A 1 190 ? -27.197 20.477  22.722  1.00 153.51 ? 190 LYS A CA  1 
ATOM 1401 C C   . LYS A 1 190 ? -25.857 19.817  22.985  1.00 154.99 ? 190 LYS A C   1 
ATOM 1402 O O   . LYS A 1 190 ? -25.436 19.714  24.141  1.00 158.45 ? 190 LYS A O   1 
ATOM 1403 C CB  . LYS A 1 190 ? -27.127 21.972  23.027  1.00 153.22 ? 190 LYS A CB  1 
ATOM 1404 C CG  . LYS A 1 190 ? -25.975 22.677  22.343  1.00 153.44 ? 190 LYS A CG  1 
ATOM 1405 C CD  . LYS A 1 190 ? -25.812 24.095  22.847  1.00 152.58 ? 190 LYS A CD  1 
ATOM 1406 C CE  . LYS A 1 190 ? -24.866 24.876  21.959  1.00 153.21 ? 190 LYS A CE  1 
ATOM 1407 N NZ  . LYS A 1 190 ? -23.599 24.132  21.732  1.00 153.44 ? 190 LYS A NZ  1 
ATOM 1408 N N   . LEU A 1 191 ? -25.189 19.371  21.923  1.00 139.56 ? 191 LEU A N   1 
ATOM 1409 C CA  . LEU A 1 191 ? -23.886 18.738  22.079  1.00 140.67 ? 191 LEU A CA  1 
ATOM 1410 C C   . LEU A 1 191 ? -23.091 18.858  20.791  1.00 138.30 ? 191 LEU A C   1 
ATOM 1411 O O   . LEU A 1 191 ? -23.640 18.688  19.700  1.00 144.89 ? 191 LEU A O   1 
ATOM 1412 C CB  . LEU A 1 191 ? -24.025 17.263  22.481  1.00 141.33 ? 191 LEU A CB  1 
ATOM 1413 C CG  . LEU A 1 191 ? -24.613 16.272  21.475  1.00 139.30 ? 191 LEU A CG  1 
ATOM 1414 C CD1 . LEU A 1 191 ? -24.164 14.860  21.802  1.00 139.40 ? 191 LEU A CD1 1 
ATOM 1415 C CD2 . LEU A 1 191 ? -26.129 16.352  21.473  1.00 140.62 ? 191 LEU A CD2 1 
ATOM 1416 N N   . LYS A 1 192 ? -21.801 19.142  20.920  1.00 129.06 ? 192 LYS A N   1 
ATOM 1417 C CA  . LYS A 1 192 ? -20.902 19.185  19.779  1.00 130.58 ? 192 LYS A CA  1 
ATOM 1418 C C   . LYS A 1 192 ? -19.712 18.271  20.034  1.00 130.68 ? 192 LYS A C   1 
ATOM 1419 O O   . LYS A 1 192 ? -19.183 18.213  21.150  1.00 133.00 ? 192 LYS A O   1 
ATOM 1420 C CB  . LYS A 1 192 ? -20.432 20.614  19.486  1.00 130.93 ? 192 LYS A CB  1 
ATOM 1421 C CG  . LYS A 1 192 ? -19.526 21.218  20.537  1.00 132.39 ? 192 LYS A CG  1 
ATOM 1422 C CD  . LYS A 1 192 ? -18.633 22.285  19.932  1.00 131.82 ? 192 LYS A CD  1 
ATOM 1423 C CE  . LYS A 1 192 ? -17.832 21.733  18.762  1.00 132.84 ? 192 LYS A CE  1 
ATOM 1424 N NZ  . LYS A 1 192 ? -17.232 20.400  19.055  1.00 133.28 ? 192 LYS A NZ  1 
ATOM 1425 N N   . VAL A 1 193 ? -19.313 17.542  18.999  1.00 127.26 ? 193 VAL A N   1 
ATOM 1426 C CA  . VAL A 1 193 ? -18.193 16.612  19.057  1.00 127.36 ? 193 VAL A CA  1 
ATOM 1427 C C   . VAL A 1 193 ? -17.202 17.019  17.980  1.00 126.86 ? 193 VAL A C   1 
ATOM 1428 O O   . VAL A 1 193 ? -17.565 17.122  16.804  1.00 131.76 ? 193 VAL A O   1 
ATOM 1429 C CB  . VAL A 1 193 ? -18.647 15.158  18.860  1.00 129.06 ? 193 VAL A CB  1 
ATOM 1430 C CG1 . VAL A 1 193 ? -17.445 14.255  18.644  1.00 128.17 ? 193 VAL A CG1 1 
ATOM 1431 C CG2 . VAL A 1 193 ? -19.464 14.693  20.050  1.00 127.65 ? 193 VAL A CG2 1 
ATOM 1432 N N   . GLU A 1 194 ? -15.955 17.245  18.377  1.00 139.32 ? 194 GLU A N   1 
ATOM 1433 C CA  . GLU A 1 194 ? -14.905 17.655  17.459  1.00 140.03 ? 194 GLU A CA  1 
ATOM 1434 C C   . GLU A 1 194 ? -13.744 16.680  17.562  1.00 142.19 ? 194 GLU A C   1 
ATOM 1435 O O   . GLU A 1 194 ? -13.285 16.369  18.664  1.00 147.47 ? 194 GLU A O   1 
ATOM 1436 C CB  . GLU A 1 194 ? -14.439 19.077  17.765  1.00 142.82 ? 194 GLU A CB  1 
ATOM 1437 C CG  . GLU A 1 194 ? -13.393 19.606  16.807  1.00 145.13 ? 194 GLU A CG  1 
ATOM 1438 C CD  . GLU A 1 194 ? -13.038 21.052  17.082  1.00 148.82 ? 194 GLU A CD  1 
ATOM 1439 O OE1 . GLU A 1 194 ? -13.603 21.631  18.033  1.00 148.29 ? 194 GLU A OE1 1 
ATOM 1440 O OE2 . GLU A 1 194 ? -12.196 21.610  16.347  1.00 150.95 ? 194 GLU A OE2 1 
ATOM 1441 N N   . ALA A 1 195 ? -13.274 16.201  16.415  1.00 118.26 ? 195 ALA A N   1 
ATOM 1442 C CA  . ALA A 1 195 ? -12.158 15.270  16.357  1.00 119.10 ? 195 ALA A CA  1 
ATOM 1443 C C   . ALA A 1 195 ? -11.170 15.739  15.303  1.00 120.63 ? 195 ALA A C   1 
ATOM 1444 O O   . ALA A 1 195 ? -11.568 16.255  14.256  1.00 129.78 ? 195 ALA A O   1 
ATOM 1445 C CB  . ALA A 1 195 ? -12.630 13.849  16.037  1.00 118.05 ? 195 ALA A CB  1 
ATOM 1446 N N   . SER A 1 196 ? -9.883  15.557  15.583  1.00 123.05 ? 196 SER A N   1 
ATOM 1447 C CA  . SER A 1 196 ? -8.840  15.964  14.652  1.00 122.63 ? 196 SER A CA  1 
ATOM 1448 C C   . SER A 1 196 ? -7.646  15.041  14.815  1.00 123.55 ? 196 SER A C   1 
ATOM 1449 O O   . SER A 1 196 ? -7.221  14.764  15.939  1.00 130.11 ? 196 SER A O   1 
ATOM 1450 C CB  . SER A 1 196 ? -8.423  17.419  14.889  1.00 123.81 ? 196 SER A CB  1 
ATOM 1451 O OG  . SER A 1 196 ? -7.096  17.639  14.444  1.00 119.80 ? 196 SER A OG  1 
ATOM 1452 N N   . VAL A 1 197 ? -7.112  14.568  13.693  1.00 106.04 ? 197 VAL A N   1 
ATOM 1453 C CA  . VAL A 1 197 ? -5.959  13.678  13.677  1.00 111.91 ? 197 VAL A CA  1 
ATOM 1454 C C   . VAL A 1 197 ? -4.999  14.156  12.598  1.00 109.94 ? 197 VAL A C   1 
ATOM 1455 O O   . VAL A 1 197 ? -5.424  14.508  11.494  1.00 116.77 ? 197 VAL A O   1 
ATOM 1456 C CB  . VAL A 1 197 ? -6.375  12.214  13.438  1.00 113.67 ? 197 VAL A CB  1 
ATOM 1457 C CG1 . VAL A 1 197 ? -7.299  12.110  12.238  1.00 115.31 ? 197 VAL A CG1 1 
ATOM 1458 C CG2 . VAL A 1 197 ? -5.153  11.334  13.247  1.00 113.51 ? 197 VAL A CG2 1 
ATOM 1459 N N   . SER A 1 198 ? -3.710  14.196  12.924  1.00 122.19 ? 198 SER A N   1 
ATOM 1460 C CA  . SER A 1 198 ? -2.682  14.556  11.960  1.00 119.15 ? 198 SER A CA  1 
ATOM 1461 C C   . SER A 1 198 ? -1.506  13.606  12.115  1.00 124.53 ? 198 SER A C   1 
ATOM 1462 O O   . SER A 1 198 ? -1.276  13.050  13.191  1.00 131.84 ? 198 SER A O   1 
ATOM 1463 C CB  . SER A 1 198 ? -2.217  16.005  12.137  1.00 120.86 ? 198 SER A CB  1 
ATOM 1464 O OG  . SER A 1 198 ? -1.992  16.301  13.502  1.00 133.48 ? 198 SER A OG  1 
ATOM 1465 N N   . SER A 1 199 ? -0.766  13.421  11.025  1.00 115.71 ? 199 SER A N   1 
ATOM 1466 C CA  . SER A 1 199 ? 0.365   12.503  11.032  1.00 118.62 ? 199 SER A CA  1 
ATOM 1467 C C   . SER A 1 199 ? 1.354   12.921  9.959   1.00 113.77 ? 199 SER A C   1 
ATOM 1468 O O   . SER A 1 199 ? 0.965   13.153  8.812   1.00 120.42 ? 199 SER A O   1 
ATOM 1469 C CB  . SER A 1 199 ? -0.094  11.061  10.800  1.00 120.21 ? 199 SER A CB  1 
ATOM 1470 O OG  . SER A 1 199 ? -1.073  11.001  9.778   1.00 123.81 ? 199 SER A OG  1 
ATOM 1471 N N   . GLN A 1 200 ? 2.624   13.016  10.331  1.00 116.87 ? 200 GLN A N   1 
ATOM 1472 C CA  . GLN A 1 200 ? 3.698   13.333  9.403   1.00 116.61 ? 200 GLN A CA  1 
ATOM 1473 C C   . GLN A 1 200 ? 4.785   12.275  9.512   1.00 122.21 ? 200 GLN A C   1 
ATOM 1474 O O   . GLN A 1 200 ? 5.211   11.924  10.615  1.00 128.76 ? 200 GLN A O   1 
ATOM 1475 C CB  . GLN A 1 200 ? 4.281   14.712  9.690   1.00 120.46 ? 200 GLN A CB  1 
ATOM 1476 C CG  . GLN A 1 200 ? 5.312   15.166  8.684   1.00 119.98 ? 200 GLN A CG  1 
ATOM 1477 C CD  . GLN A 1 200 ? 5.822   16.556  8.981   1.00 125.84 ? 200 GLN A CD  1 
ATOM 1478 O OE1 . GLN A 1 200 ? 5.316   17.236  9.874   1.00 127.41 ? 200 GLN A OE1 1 
ATOM 1479 N NE2 . GLN A 1 200 ? 6.830   16.990  8.236   1.00 125.80 ? 200 GLN A NE2 1 
ATOM 1480 N N   . SER A 1 201 ? 5.234   11.769  8.367   1.00 111.61 ? 201 SER A N   1 
ATOM 1481 C CA  . SER A 1 201 ? 6.260   10.734  8.335   1.00 115.75 ? 201 SER A CA  1 
ATOM 1482 C C   . SER A 1 201 ? 7.257   11.066  7.242   1.00 114.31 ? 201 SER A C   1 
ATOM 1483 O O   . SER A 1 201 ? 6.903   11.075  6.061   1.00 120.12 ? 201 SER A O   1 
ATOM 1484 C CB  . SER A 1 201 ? 5.649   9.352   8.095   1.00 117.67 ? 201 SER A CB  1 
ATOM 1485 O OG  . SER A 1 201 ? 5.739   8.993   6.728   1.00 122.92 ? 201 SER A OG  1 
ATOM 1486 N N   . THR A 1 202 ? 8.499   11.330  7.629   1.00 109.79 ? 202 THR A N   1 
ATOM 1487 C CA  . THR A 1 202 ? 9.555   11.686  6.696   1.00 107.65 ? 202 THR A CA  1 
ATOM 1488 C C   . THR A 1 202 ? 10.690  10.685  6.829   1.00 108.22 ? 202 THR A C   1 
ATOM 1489 O O   . THR A 1 202 ? 11.237  10.508  7.921   1.00 115.48 ? 202 THR A O   1 
ATOM 1490 C CB  . THR A 1 202 ? 10.076  13.097  6.965   1.00 111.55 ? 202 THR A CB  1 
ATOM 1491 O OG1 . THR A 1 202 ? 9.019   14.043  6.771   1.00 113.84 ? 202 THR A OG1 1 
ATOM 1492 C CG2 . THR A 1 202 ? 11.224  13.425  6.028   1.00 108.63 ? 202 THR A CG2 1 
ATOM 1493 N N   . VAL A 1 203 ? 11.045  10.037  5.724   1.00 82.41  ? 203 VAL A N   1 
ATOM 1494 C CA  . VAL A 1 203 ? 12.160  9.100   5.706   1.00 92.58  ? 203 VAL A CA  1 
ATOM 1495 C C   . VAL A 1 203 ? 13.121  9.510   4.600   1.00 91.17  ? 203 VAL A C   1 
ATOM 1496 O O   . VAL A 1 203 ? 12.719  9.661   3.441   1.00 96.82  ? 203 VAL A O   1 
ATOM 1497 C CB  . VAL A 1 203 ? 11.691  7.643   5.532   1.00 92.15  ? 203 VAL A CB  1 
ATOM 1498 C CG1 . VAL A 1 203 ? 10.673  7.531   4.429   1.00 84.83  ? 203 VAL A CG1 1 
ATOM 1499 C CG2 . VAL A 1 203 ? 12.877  6.745   5.242   1.00 96.49  ? 203 VAL A CG2 1 
ATOM 1500 N N   . THR A 1 204 ? 14.383  9.708   4.968   1.00 109.39 ? 204 THR A N   1 
ATOM 1501 C CA  . THR A 1 204 ? 15.410  10.193  4.063   1.00 109.57 ? 204 THR A CA  1 
ATOM 1502 C C   . THR A 1 204 ? 16.616  9.271   4.129   1.00 112.91 ? 204 THR A C   1 
ATOM 1503 O O   . THR A 1 204 ? 16.679  8.348   4.946   1.00 117.08 ? 204 THR A O   1 
ATOM 1504 C CB  . THR A 1 204 ? 15.849  11.620  4.416   1.00 112.49 ? 204 THR A CB  1 
ATOM 1505 O OG1 . THR A 1 204 ? 16.850  11.564  5.439   1.00 120.13 ? 204 THR A OG1 1 
ATOM 1506 C CG2 . THR A 1 204 ? 14.678  12.432  4.933   1.00 108.59 ? 204 THR A CG2 1 
ATOM 1507 N N   . TYR A 1 205 ? 17.583  9.542   3.258   1.00 111.34 ? 205 TYR A N   1 
ATOM 1508 C CA  . TYR A 1 205 ? 18.867  8.858   3.278   1.00 112.19 ? 205 TYR A CA  1 
ATOM 1509 C C   . TYR A 1 205 ? 19.818  9.579   2.338   1.00 112.90 ? 205 TYR A C   1 
ATOM 1510 O O   . TYR A 1 205 ? 19.412  10.034  1.265   1.00 121.08 ? 205 TYR A O   1 
ATOM 1511 C CB  . TYR A 1 205 ? 18.737  7.388   2.868   1.00 110.72 ? 205 TYR A CB  1 
ATOM 1512 C CG  . TYR A 1 205 ? 20.053  6.655   2.875   1.00 110.94 ? 205 TYR A CG  1 
ATOM 1513 C CD1 . TYR A 1 205 ? 20.606  6.199   4.060   1.00 115.29 ? 205 TYR A CD1 1 
ATOM 1514 C CD2 . TYR A 1 205 ? 20.744  6.422   1.700   1.00 112.89 ? 205 TYR A CD2 1 
ATOM 1515 C CE1 . TYR A 1 205 ? 21.810  5.531   4.074   1.00 115.80 ? 205 TYR A CE1 1 
ATOM 1516 C CE2 . TYR A 1 205 ? 21.947  5.756   1.702   1.00 118.30 ? 205 TYR A CE2 1 
ATOM 1517 C CZ  . TYR A 1 205 ? 22.475  5.309   2.891   1.00 119.92 ? 205 TYR A CZ  1 
ATOM 1518 O OH  . TYR A 1 205 ? 23.677  4.645   2.898   1.00 117.70 ? 205 TYR A OH  1 
ATOM 1519 N N   . LYS A 1 206 ? 21.086  9.669   2.749   1.00 122.87 ? 206 LYS A N   1 
ATOM 1520 C CA  . LYS A 1 206 ? 22.095  10.372  1.967   1.00 125.62 ? 206 LYS A CA  1 
ATOM 1521 C C   . LYS A 1 206 ? 23.428  9.634   1.921   1.00 128.32 ? 206 LYS A C   1 
ATOM 1522 O O   . LYS A 1 206 ? 24.389  10.162  1.350   1.00 127.17 ? 206 LYS A O   1 
ATOM 1523 C CB  . LYS A 1 206 ? 22.315  11.782  2.525   1.00 130.06 ? 206 LYS A CB  1 
ATOM 1524 C CG  . LYS A 1 206 ? 22.690  12.814  1.479   1.00 130.05 ? 206 LYS A CG  1 
ATOM 1525 C CD  . LYS A 1 206 ? 22.982  14.162  2.112   1.00 132.22 ? 206 LYS A CD  1 
ATOM 1526 C CE  . LYS A 1 206 ? 23.299  15.205  1.055   1.00 131.28 ? 206 LYS A CE  1 
ATOM 1527 N NZ  . LYS A 1 206 ? 24.428  14.776  0.186   1.00 129.98 ? 206 LYS A NZ  1 
ATOM 1528 N N   . GLY A 1 207 ? 23.519  8.437   2.494   1.00 139.97 ? 207 GLY A N   1 
ATOM 1529 C CA  . GLY A 1 207 ? 24.776  7.723   2.524   1.00 139.95 ? 207 GLY A CA  1 
ATOM 1530 C C   . GLY A 1 207 ? 25.138  7.111   1.186   1.00 138.39 ? 207 GLY A C   1 
ATOM 1531 O O   . GLY A 1 207 ? 24.421  7.226   0.195   1.00 135.23 ? 207 GLY A O   1 
ATOM 1532 N N   . GLU A 1 208 ? 26.294  6.445   1.166   1.00 141.16 ? 208 GLU A N   1 
ATOM 1533 C CA  . GLU A 1 208 ? 26.800  5.871   -0.074  1.00 138.06 ? 208 GLU A CA  1 
ATOM 1534 C C   . GLU A 1 208 ? 26.193  4.511   -0.389  1.00 138.82 ? 208 GLU A C   1 
ATOM 1535 O O   . GLU A 1 208 ? 26.362  4.021   -1.508  1.00 137.65 ? 208 GLU A O   1 
ATOM 1536 C CB  . GLU A 1 208 ? 28.322  5.753   -0.010  1.00 137.06 ? 208 GLU A CB  1 
ATOM 1537 C CG  . GLU A 1 208 ? 28.817  4.562   0.791   1.00 140.54 ? 208 GLU A CG  1 
ATOM 1538 C CD  . GLU A 1 208 ? 28.618  4.745   2.283   1.00 142.68 ? 208 GLU A CD  1 
ATOM 1539 O OE1 . GLU A 1 208 ? 28.410  5.897   2.720   1.00 142.81 ? 208 GLU A OE1 1 
ATOM 1540 O OE2 . GLU A 1 208 ? 28.671  3.738   3.019   1.00 141.11 ? 208 GLU A OE2 1 
ATOM 1541 N N   . LYS A 1 209 ? 25.501  3.889   0.560   1.00 127.09 ? 209 LYS A N   1 
ATOM 1542 C CA  . LYS A 1 209 ? 24.916  2.585   0.300   1.00 122.60 ? 209 LYS A CA  1 
ATOM 1543 C C   . LYS A 1 209 ? 23.673  2.718   -0.578  1.00 125.91 ? 209 LYS A C   1 
ATOM 1544 O O   . LYS A 1 209 ? 23.007  3.755   -0.607  1.00 128.91 ? 209 LYS A O   1 
ATOM 1545 C CB  . LYS A 1 209 ? 24.566  1.884   1.610   1.00 118.33 ? 209 LYS A CB  1 
ATOM 1546 C CG  . LYS A 1 209 ? 25.719  1.832   2.594   1.00 122.52 ? 209 LYS A CG  1 
ATOM 1547 C CD  . LYS A 1 209 ? 25.304  1.179   3.897   1.00 128.36 ? 209 LYS A CD  1 
ATOM 1548 C CE  . LYS A 1 209 ? 25.221  -0.328  3.749   1.00 129.53 ? 209 LYS A CE  1 
ATOM 1549 N NZ  . LYS A 1 209 ? 26.568  -0.937  3.574   1.00 128.11 ? 209 LYS A NZ  1 
ATOM 1550 N N   . GLN A 1 210 ? 23.368  1.645   -1.299  1.00 123.06 ? 210 GLN A N   1 
ATOM 1551 C CA  . GLN A 1 210 ? 22.232  1.608   -2.210  1.00 121.45 ? 210 GLN A CA  1 
ATOM 1552 C C   . GLN A 1 210 ? 21.043  0.963   -1.513  1.00 123.40 ? 210 GLN A C   1 
ATOM 1553 O O   . GLN A 1 210 ? 21.120  -0.192  -1.084  1.00 127.84 ? 210 GLN A O   1 
ATOM 1554 C CB  . GLN A 1 210 ? 22.578  0.833   -3.481  1.00 120.81 ? 210 GLN A CB  1 
ATOM 1555 C CG  . GLN A 1 210 ? 23.665  1.471   -4.325  1.00 123.40 ? 210 GLN A CG  1 
ATOM 1556 C CD  . GLN A 1 210 ? 23.281  2.844   -4.839  1.00 127.14 ? 210 GLN A CD  1 
ATOM 1557 O OE1 . GLN A 1 210 ? 24.121  3.737   -4.943  1.00 125.89 ? 210 GLN A OE1 1 
ATOM 1558 N NE2 . GLN A 1 210 ? 22.008  3.017   -5.171  1.00 130.63 ? 210 GLN A NE2 1 
ATOM 1559 N N   . LEU A 1 211 ? 19.945  1.707   -1.411  1.00 112.39 ? 211 LEU A N   1 
ATOM 1560 C CA  . LEU A 1 211 ? 18.734  1.239   -0.750  1.00 111.07 ? 211 LEU A CA  1 
ATOM 1561 C C   . LEU A 1 211 ? 17.618  1.156   -1.778  1.00 112.07 ? 211 LEU A C   1 
ATOM 1562 O O   . LEU A 1 211 ? 17.326  2.143   -2.461  1.00 116.16 ? 211 LEU A O   1 
ATOM 1563 C CB  . LEU A 1 211 ? 18.335  2.169   0.396   1.00 107.46 ? 211 LEU A CB  1 
ATOM 1564 C CG  . LEU A 1 211 ? 19.071  1.993   1.723   1.00 116.51 ? 211 LEU A CG  1 
ATOM 1565 C CD1 . LEU A 1 211 ? 20.466  2.585   1.654   1.00 121.30 ? 211 LEU A CD1 1 
ATOM 1566 C CD2 . LEU A 1 211 ? 18.280  2.614   2.861   1.00 115.82 ? 211 LEU A CD2 1 
ATOM 1567 N N   . VAL A 1 212 ? 16.993  -0.011  -1.880  1.00 111.51 ? 212 VAL A N   1 
ATOM 1568 C CA  . VAL A 1 212 ? 15.902  -0.206  -2.825  1.00 107.89 ? 212 VAL A CA  1 
ATOM 1569 C C   . VAL A 1 212 ? 14.668  0.519   -2.318  1.00 110.63 ? 212 VAL A C   1 
ATOM 1570 O O   . VAL A 1 212 ? 14.428  0.594   -1.108  1.00 116.61 ? 212 VAL A O   1 
ATOM 1571 C CB  . VAL A 1 212 ? 15.628  -1.705  -3.035  1.00 110.51 ? 212 VAL A CB  1 
ATOM 1572 C CG1 . VAL A 1 212 ? 16.903  -2.419  -3.445  1.00 115.98 ? 212 VAL A CG1 1 
ATOM 1573 C CG2 . VAL A 1 212 ? 15.038  -2.329  -1.789  1.00 108.29 ? 212 VAL A CG2 1 
ATOM 1574 N N   . PHE A 1 213 ? 13.891  1.081   -3.240  1.00 104.37 ? 213 PHE A N   1 
ATOM 1575 C CA  . PHE A 1 213 ? 12.669  1.777   -2.868  1.00 106.72 ? 213 PHE A CA  1 
ATOM 1576 C C   . PHE A 1 213 ? 11.505  1.520   -3.811  1.00 105.22 ? 213 PHE A C   1 
ATOM 1577 O O   . PHE A 1 213 ? 10.442  2.116   -3.618  1.00 110.01 ? 213 PHE A O   1 
ATOM 1578 C CB  . PHE A 1 213 ? 12.920  3.288   -2.778  1.00 105.02 ? 213 PHE A CB  1 
ATOM 1579 C CG  . PHE A 1 213 ? 13.277  3.919   -4.087  1.00 103.74 ? 213 PHE A CG  1 
ATOM 1580 C CD1 . PHE A 1 213 ? 14.567  3.842   -4.578  1.00 109.17 ? 213 PHE A CD1 1 
ATOM 1581 C CD2 . PHE A 1 213 ? 12.326  4.594   -4.826  1.00 108.31 ? 213 PHE A CD2 1 
ATOM 1582 C CE1 . PHE A 1 213 ? 14.897  4.421   -5.784  1.00 113.16 ? 213 PHE A CE1 1 
ATOM 1583 C CE2 . PHE A 1 213 ? 12.652  5.174   -6.031  1.00 113.31 ? 213 PHE A CE2 1 
ATOM 1584 C CZ  . PHE A 1 213 ? 13.940  5.090   -6.509  1.00 112.23 ? 213 PHE A CZ  1 
ATOM 1585 N N   . GLY A 1 214 ? 11.663  0.665   -4.813  1.00 102.91 ? 214 GLY A N   1 
ATOM 1586 C CA  . GLY A 1 214 ? 10.575  0.361   -5.722  1.00 104.06 ? 214 GLY A CA  1 
ATOM 1587 C C   . GLY A 1 214 ? 10.837  -0.948  -6.421  1.00 104.88 ? 214 GLY A C   1 
ATOM 1588 O O   . GLY A 1 214 ? 11.990  -1.350  -6.604  1.00 113.40 ? 214 GLY A O   1 
ATOM 1589 N N   . PHE A 1 215 ? 9.761   -1.619  -6.821  1.00 99.77  ? 215 PHE A N   1 
ATOM 1590 C CA  . PHE A 1 215 ? 9.898   -2.934  -7.425  1.00 103.23 ? 215 PHE A CA  1 
ATOM 1591 C C   . PHE A 1 215 ? 8.685   -3.242  -8.285  1.00 103.04 ? 215 PHE A C   1 
ATOM 1592 O O   . PHE A 1 215 ? 7.631   -2.614  -8.163  1.00 107.91 ? 215 PHE A O   1 
ATOM 1593 C CB  . PHE A 1 215 ? 10.075  -4.019  -6.361  1.00 104.83 ? 215 PHE A CB  1 
ATOM 1594 C CG  . PHE A 1 215 ? 8.844   -4.263  -5.543  1.00 107.56 ? 215 PHE A CG  1 
ATOM 1595 C CD1 . PHE A 1 215 ? 8.518   -3.422  -4.499  1.00 109.31 ? 215 PHE A CD1 1 
ATOM 1596 C CD2 . PHE A 1 215 ? 8.015   -5.334  -5.816  1.00 111.31 ? 215 PHE A CD2 1 
ATOM 1597 C CE1 . PHE A 1 215 ? 7.388   -3.641  -3.743  1.00 108.37 ? 215 PHE A CE1 1 
ATOM 1598 C CE2 . PHE A 1 215 ? 6.883   -5.559  -5.062  1.00 109.99 ? 215 PHE A CE2 1 
ATOM 1599 C CZ  . PHE A 1 215 ? 6.569   -4.711  -4.025  1.00 106.81 ? 215 PHE A CZ  1 
ATOM 1600 N N   . LYS A 1 216 ? 8.853   -4.230  -9.160  1.00 112.16 ? 216 LYS A N   1 
ATOM 1601 C CA  . LYS A 1 216 ? 7.771   -4.771  -9.970  1.00 113.28 ? 216 LYS A CA  1 
ATOM 1602 C C   . LYS A 1 216 ? 7.552   -6.221  -9.568  1.00 115.91 ? 216 LYS A C   1 
ATOM 1603 O O   . LYS A 1 216 ? 8.517   -6.975  -9.396  1.00 118.77 ? 216 LYS A O   1 
ATOM 1604 C CB  . LYS A 1 216 ? 8.087   -4.673  -11.462 1.00 110.73 ? 216 LYS A CB  1 
ATOM 1605 C CG  . LYS A 1 216 ? 8.190   -3.251  -11.976 1.00 111.10 ? 216 LYS A CG  1 
ATOM 1606 C CD  . LYS A 1 216 ? 8.570   -3.217  -13.444 1.00 116.34 ? 216 LYS A CD  1 
ATOM 1607 C CE  . LYS A 1 216 ? 7.358   -3.413  -14.333 1.00 118.41 ? 216 LYS A CE  1 
ATOM 1608 N NZ  . LYS A 1 216 ? 6.468   -2.222  -14.309 1.00 117.86 ? 216 LYS A NZ  1 
ATOM 1609 N N   . CYS A 1 217 ? 6.291   -6.602  -9.402  1.00 120.20 ? 217 CYS A N   1 
ATOM 1610 C CA  . CYS A 1 217 ? 5.927   -7.925  -8.911  1.00 116.56 ? 217 CYS A CA  1 
ATOM 1611 C C   . CYS A 1 217 ? 5.168   -8.669  -10.001 1.00 121.01 ? 217 CYS A C   1 
ATOM 1612 O O   . CYS A 1 217 ? 4.097   -8.231  -10.431 1.00 125.36 ? 217 CYS A O   1 
ATOM 1613 C CB  . CYS A 1 217 ? 5.091   -7.818  -7.639  1.00 115.15 ? 217 CYS A CB  1 
ATOM 1614 S SG  . CYS A 1 217 ? 3.744   -6.618  -7.728  1.00 119.04 ? 217 CYS A SG  1 
ATOM 1615 N N   . PHE A 1 218 ? 5.728   -9.788  -10.447 1.00 122.56 ? 218 PHE A N   1 
ATOM 1616 C CA  . PHE A 1 218 ? 5.019   -10.729 -11.299 1.00 124.41 ? 218 PHE A CA  1 
ATOM 1617 C C   . PHE A 1 218 ? 4.318   -11.738 -10.401 1.00 125.14 ? 218 PHE A C   1 
ATOM 1618 O O   . PHE A 1 218 ? 4.976   -12.468 -9.652  1.00 123.76 ? 218 PHE A O   1 
ATOM 1619 C CB  . PHE A 1 218 ? 5.983   -11.431 -12.252 1.00 123.75 ? 218 PHE A CB  1 
ATOM 1620 C CG  . PHE A 1 218 ? 5.473   -11.538 -13.655 1.00 124.77 ? 218 PHE A CG  1 
ATOM 1621 C CD1 . PHE A 1 218 ? 4.707   -12.621 -14.044 1.00 126.12 ? 218 PHE A CD1 1 
ATOM 1622 C CD2 . PHE A 1 218 ? 5.758   -10.555 -14.585 1.00 122.62 ? 218 PHE A CD2 1 
ATOM 1623 C CE1 . PHE A 1 218 ? 4.234   -12.722 -15.333 1.00 125.75 ? 218 PHE A CE1 1 
ATOM 1624 C CE2 . PHE A 1 218 ? 5.288   -10.650 -15.876 1.00 125.48 ? 218 PHE A CE2 1 
ATOM 1625 C CZ  . PHE A 1 218 ? 4.526   -11.736 -16.251 1.00 127.31 ? 218 PHE A CZ  1 
ATOM 1626 N N   . GLU A 1 219 ? 2.991   -11.768 -10.460 1.00 139.29 ? 219 GLU A N   1 
ATOM 1627 C CA  . GLU A 1 219 ? 2.230   -12.607 -9.547  1.00 136.65 ? 219 GLU A CA  1 
ATOM 1628 C C   . GLU A 1 219 ? 2.416   -14.073 -9.911  1.00 137.49 ? 219 GLU A C   1 
ATOM 1629 O O   . GLU A 1 219 ? 2.145   -14.480 -11.043 1.00 138.88 ? 219 GLU A O   1 
ATOM 1630 C CB  . GLU A 1 219 ? 0.752   -12.236 -9.586  1.00 138.54 ? 219 GLU A CB  1 
ATOM 1631 C CG  . GLU A 1 219 ? -0.160  -13.337 -9.077  1.00 140.65 ? 219 GLU A CG  1 
ATOM 1632 C CD  . GLU A 1 219 ? -1.598  -12.886 -8.941  1.00 143.28 ? 219 GLU A CD  1 
ATOM 1633 O OE1 . GLU A 1 219 ? -1.822  -11.692 -8.654  1.00 144.29 ? 219 GLU A OE1 1 
ATOM 1634 O OE2 . GLU A 1 219 ? -2.504  -13.724 -9.119  1.00 144.29 ? 219 GLU A OE2 1 
ATOM 1635 N N   . ILE A 1 220 ? 2.883   -14.848 -8.971  1.00 136.48 ? 220 ILE A N   1 
ATOM 1636 C CA  . ILE A 1 220 ? 2.965   -16.291 -9.145  1.00 135.51 ? 220 ILE A CA  1 
ATOM 1637 C C   . ILE A 1 220 ? 1.785   -16.927 -8.429  1.00 134.62 ? 220 ILE A C   1 
ATOM 1638 O O   . ILE A 1 220 ? 1.354   -16.475 -7.364  1.00 133.89 ? 220 ILE A O   1 
ATOM 1639 C CB  . ILE A 1 220 ? 4.320   -16.839 -8.646  1.00 134.67 ? 220 ILE A CB  1 
ATOM 1640 C CG1 . ILE A 1 220 ? 4.594   -18.214 -9.248  1.00 134.68 ? 220 ILE A CG1 1 
ATOM 1641 C CG2 . ILE A 1 220 ? 4.372   -16.894 -7.136  1.00 136.19 ? 220 ILE A CG2 1 
ATOM 1642 C CD1 . ILE A 1 220 ? 6.028   -18.653 -9.107  1.00 137.19 ? 220 ILE A CD1 1 
ATOM 1643 N N   . GLY A 1 221 ? 1.224   -17.962 -9.040  1.00 142.07 ? 221 GLY A N   1 
ATOM 1644 C CA  . GLY A 1 221 ? 0.088   -18.635 -8.451  1.00 140.88 ? 221 GLY A CA  1 
ATOM 1645 C C   . GLY A 1 221 ? 0.256   -20.135 -8.443  1.00 142.74 ? 221 GLY A C   1 
ATOM 1646 O O   . GLY A 1 221 ? 0.408   -20.750 -9.502  1.00 146.61 ? 221 GLY A O   1 
ATOM 1647 N N   . VAL A 1 222 ? 0.238   -20.740 -7.258  1.00 159.06 ? 222 VAL A N   1 
ATOM 1648 C CA  . VAL A 1 222 ? 0.404   -22.183 -7.154  1.00 162.56 ? 222 VAL A CA  1 
ATOM 1649 C C   . VAL A 1 222 ? -0.958  -22.865 -7.241  1.00 165.38 ? 222 VAL A C   1 
ATOM 1650 O O   . VAL A 1 222 ? -1.152  -23.756 -8.076  1.00 168.86 ? 222 VAL A O   1 
ATOM 1651 C CB  . VAL A 1 222 ? 1.190   -22.566 -5.880  1.00 162.12 ? 222 VAL A CB  1 
ATOM 1652 C CG1 . VAL A 1 222 ? 2.527   -21.853 -5.872  1.00 160.73 ? 222 VAL A CG1 1 
ATOM 1653 C CG2 . VAL A 1 222 ? 0.439   -22.190 -4.612  1.00 162.06 ? 222 VAL A CG2 1 
ATOM 1654 N N   . LYS A 1 223 ? -1.910  -22.437 -6.410  1.00 168.87 ? 223 LYS A N   1 
ATOM 1655 C CA  . LYS A 1 223 ? -3.294  -22.907 -6.439  1.00 168.33 ? 223 LYS A CA  1 
ATOM 1656 C C   . LYS A 1 223 ? -3.369  -24.427 -6.601  1.00 170.78 ? 223 LYS A C   1 
ATOM 1657 O O   . LYS A 1 223 ? -3.854  -24.950 -7.605  1.00 169.77 ? 223 LYS A O   1 
ATOM 1658 C CB  . LYS A 1 223 ? -4.087  -22.199 -7.537  1.00 168.35 ? 223 LYS A CB  1 
ATOM 1659 C CG  . LYS A 1 223 ? -5.554  -22.021 -7.193  1.00 170.49 ? 223 LYS A CG  1 
ATOM 1660 C CD  . LYS A 1 223 ? -5.722  -21.586 -5.745  1.00 168.30 ? 223 LYS A CD  1 
ATOM 1661 C CE  . LYS A 1 223 ? -7.150  -21.778 -5.265  1.00 168.51 ? 223 LYS A CE  1 
ATOM 1662 N NZ  . LYS A 1 223 ? -8.141  -21.221 -6.226  1.00 171.00 ? 223 LYS A NZ  1 
ATOM 1663 N N   . ASN A 1 224 ? -2.844  -25.125 -5.592  1.00 177.03 ? 224 ASN A N   1 
ATOM 1664 C CA  . ASN A 1 224 ? -2.797  -26.589 -5.562  1.00 176.63 ? 224 ASN A CA  1 
ATOM 1665 C C   . ASN A 1 224 ? -1.821  -27.137 -6.603  1.00 177.25 ? 224 ASN A C   1 
ATOM 1666 O O   . ASN A 1 224 ? -2.049  -28.197 -7.187  1.00 176.27 ? 224 ASN A O   1 
ATOM 1667 C CB  . ASN A 1 224 ? -4.187  -27.206 -5.746  1.00 176.02 ? 224 ASN A CB  1 
ATOM 1668 C CG  . ASN A 1 224 ? -5.151  -26.799 -4.655  1.00 177.30 ? 224 ASN A CG  1 
ATOM 1669 O OD1 . ASN A 1 224 ? -5.181  -27.395 -3.580  1.00 178.60 ? 224 ASN A OD1 1 
ATOM 1670 N ND2 . ASN A 1 224 ? -5.950  -25.774 -4.928  1.00 176.11 ? 224 ASN A ND2 1 
ATOM 1671 N N   . GLY A 1 225 ? -0.728  -26.414 -6.836  1.00 176.27 ? 225 GLY A N   1 
ATOM 1672 C CA  . GLY A 1 225 ? 0.346   -26.883 -7.683  1.00 174.10 ? 225 GLY A CA  1 
ATOM 1673 C C   . GLY A 1 225 ? 0.318   -26.381 -9.111  1.00 175.86 ? 225 GLY A C   1 
ATOM 1674 O O   . GLY A 1 225 ? 1.334   -26.502 -9.808  1.00 176.79 ? 225 GLY A O   1 
ATOM 1675 N N   . GLU A 1 226 ? -0.800  -25.825 -9.569  1.00 178.47 ? 226 GLU A N   1 
ATOM 1676 C CA  . GLU A 1 226 ? -0.907  -25.321 -10.937 1.00 176.65 ? 226 GLU A CA  1 
ATOM 1677 C C   . GLU A 1 226 ? -0.217  -23.965 -10.990 1.00 175.91 ? 226 GLU A C   1 
ATOM 1678 O O   . GLU A 1 226 ? -0.837  -22.918 -10.807 1.00 177.00 ? 226 GLU A O   1 
ATOM 1679 C CB  . GLU A 1 226 ? -2.366  -25.236 -11.366 1.00 177.74 ? 226 GLU A CB  1 
ATOM 1680 C CG  . GLU A 1 226 ? -2.948  -26.561 -11.827 1.00 178.24 ? 226 GLU A CG  1 
ATOM 1681 C CD  . GLU A 1 226 ? -3.398  -27.436 -10.673 1.00 178.18 ? 226 GLU A CD  1 
ATOM 1682 O OE1 . GLU A 1 226 ? -3.260  -27.008 -9.508  1.00 177.54 ? 226 GLU A OE1 1 
ATOM 1683 O OE2 . GLU A 1 226 ? -3.890  -28.554 -10.932 1.00 178.43 ? 226 GLU A OE2 1 
ATOM 1684 N N   . ILE A 1 227 ? 1.086   -23.988 -11.245 1.00 146.22 ? 227 ILE A N   1 
ATOM 1685 C CA  . ILE A 1 227 ? 1.896   -22.778 -11.201 1.00 145.86 ? 227 ILE A CA  1 
ATOM 1686 C C   . ILE A 1 227 ? 1.642   -21.952 -12.454 1.00 144.71 ? 227 ILE A C   1 
ATOM 1687 O O   . ILE A 1 227 ? 1.756   -22.452 -13.578 1.00 143.15 ? 227 ILE A O   1 
ATOM 1688 C CB  . ILE A 1 227 ? 3.383   -23.130 -11.062 1.00 142.18 ? 227 ILE A CB  1 
ATOM 1689 C CG1 . ILE A 1 227 ? 3.640   -23.783 -9.706  1.00 142.36 ? 227 ILE A CG1 1 
ATOM 1690 C CG2 . ILE A 1 227 ? 4.236   -21.888 -11.228 1.00 143.99 ? 227 ILE A CG2 1 
ATOM 1691 C CD1 . ILE A 1 227 ? 5.072   -24.188 -9.484  1.00 141.70 ? 227 ILE A CD1 1 
ATOM 1692 N N   . THR A 1 228 ? 1.299   -20.680 -12.261 1.00 147.86 ? 228 THR A N   1 
ATOM 1693 C CA  . THR A 1 228 ? 1.043   -19.767 -13.364 1.00 147.28 ? 228 THR A CA  1 
ATOM 1694 C C   . THR A 1 228 ? 1.651   -18.410 -13.044 1.00 147.89 ? 228 THR A C   1 
ATOM 1695 O O   . THR A 1 228 ? 1.823   -18.042 -11.880 1.00 150.68 ? 228 THR A O   1 
ATOM 1696 C CB  . THR A 1 228 ? -0.457  -19.616 -13.639 1.00 147.81 ? 228 THR A CB  1 
ATOM 1697 O OG1 . THR A 1 228 ? -1.167  -19.562 -12.395 1.00 148.26 ? 228 THR A OG1 1 
ATOM 1698 C CG2 . THR A 1 228 ? -0.969  -20.788 -14.458 1.00 145.00 ? 228 THR A CG2 1 
ATOM 1699 N N   . LEU A 1 229 ? 1.969   -17.664 -14.097 1.00 130.23 ? 229 LEU A N   1 
ATOM 1700 C CA  . LEU A 1 229 ? 2.564   -16.340 -13.980 1.00 128.75 ? 229 LEU A CA  1 
ATOM 1701 C C   . LEU A 1 229 ? 1.616   -15.308 -14.570 1.00 125.36 ? 229 LEU A C   1 
ATOM 1702 O O   . LEU A 1 229 ? 1.185   -15.442 -15.720 1.00 129.14 ? 229 LEU A O   1 
ATOM 1703 C CB  . LEU A 1 229 ? 3.917   -16.280 -14.690 1.00 128.89 ? 229 LEU A CB  1 
ATOM 1704 C CG  . LEU A 1 229 ? 4.999   -17.225 -14.168 1.00 126.87 ? 229 LEU A CG  1 
ATOM 1705 C CD1 . LEU A 1 229 ? 6.368   -16.786 -14.652 1.00 127.10 ? 229 LEU A CD1 1 
ATOM 1706 C CD2 . LEU A 1 229 ? 4.968   -17.281 -12.659 1.00 126.85 ? 229 LEU A CD2 1 
ATOM 1707 N N   . PHE A 1 230 ? 1.306   -14.278 -13.790 1.00 133.00 ? 230 PHE A N   1 
ATOM 1708 C CA  . PHE A 1 230 ? 0.372   -13.239 -14.186 1.00 136.57 ? 230 PHE A CA  1 
ATOM 1709 C C   . PHE A 1 230 ? 1.008   -11.875 -13.969 1.00 138.31 ? 230 PHE A C   1 
ATOM 1710 O O   . PHE A 1 230 ? 1.926   -11.715 -13.160 1.00 140.45 ? 230 PHE A O   1 
ATOM 1711 C CB  . PHE A 1 230 ? -0.934  -13.321 -13.387 1.00 138.77 ? 230 PHE A CB  1 
ATOM 1712 C CG  . PHE A 1 230 ? -1.721  -14.570 -13.635 1.00 138.80 ? 230 PHE A CG  1 
ATOM 1713 C CD1 . PHE A 1 230 ? -1.770  -15.137 -14.894 1.00 139.07 ? 230 PHE A CD1 1 
ATOM 1714 C CD2 . PHE A 1 230 ? -2.410  -15.181 -12.603 1.00 135.73 ? 230 PHE A CD2 1 
ATOM 1715 C CE1 . PHE A 1 230 ? -2.494  -16.287 -15.123 1.00 139.13 ? 230 PHE A CE1 1 
ATOM 1716 C CE2 . PHE A 1 230 ? -3.135  -16.332 -12.825 1.00 137.66 ? 230 PHE A CE2 1 
ATOM 1717 C CZ  . PHE A 1 230 ? -3.178  -16.887 -14.086 1.00 142.12 ? 230 PHE A CZ  1 
ATOM 1718 N N   . ALA A 1 231 ? 0.501   -10.887 -14.694 1.00 141.99 ? 231 ALA A N   1 
ATOM 1719 C CA  . ALA A 1 231 ? 0.896   -9.501  -14.490 1.00 143.59 ? 231 ALA A CA  1 
ATOM 1720 C C   . ALA A 1 231 ? 0.001   -8.895  -13.415 1.00 145.81 ? 231 ALA A C   1 
ATOM 1721 O O   . ALA A 1 231 ? -1.228  -8.908  -13.544 1.00 144.43 ? 231 ALA A O   1 
ATOM 1722 C CB  . ALA A 1 231 ? 0.797   -8.707  -15.790 1.00 141.83 ? 231 ALA A CB  1 
ATOM 1723 N N   . SER A 1 232 ? 0.613   -8.376  -12.358 1.00 158.87 ? 232 SER A N   1 
ATOM 1724 C CA  . SER A 1 232 ? -0.115  -7.807  -11.232 1.00 158.25 ? 232 SER A CA  1 
ATOM 1725 C C   . SER A 1 232 ? -0.247  -6.303  -11.417 1.00 161.57 ? 232 SER A C   1 
ATOM 1726 O O   . SER A 1 232 ? 0.747   -5.614  -11.670 1.00 162.30 ? 232 SER A O   1 
ATOM 1727 C CB  . SER A 1 232 ? 0.592   -8.115  -9.912  1.00 155.48 ? 232 SER A CB  1 
ATOM 1728 O OG  . SER A 1 232 ? 1.977   -7.832  -9.995  1.00 157.40 ? 232 SER A OG  1 
ATOM 1729 N N   . GLN A 1 233 ? -1.469  -5.800  -11.288 1.00 172.28 ? 233 GLN A N   1 
ATOM 1730 C CA  . GLN A 1 233 ? -1.726  -4.374  -11.438 1.00 171.40 ? 233 GLN A CA  1 
ATOM 1731 C C   . GLN A 1 233 ? -1.692  -3.673  -10.085 1.00 170.14 ? 233 GLN A C   1 
ATOM 1732 O O   . GLN A 1 233 ? -1.269  -4.253  -9.085  1.00 166.92 ? 233 GLN A O   1 
ATOM 1733 C CB  . GLN A 1 233 ? -3.073  -4.143  -12.123 1.00 169.77 ? 233 GLN A CB  1 
ATOM 1734 C CG  . GLN A 1 233 ? -3.318  -2.705  -12.541 1.00 170.72 ? 233 GLN A CG  1 
ATOM 1735 C CD  . GLN A 1 233 ? -4.590  -2.547  -13.349 1.00 172.09 ? 233 GLN A CD  1 
ATOM 1736 O OE1 . GLN A 1 233 ? -5.254  -3.529  -13.680 1.00 171.50 ? 233 GLN A OE1 1 
ATOM 1737 N NE2 . GLN A 1 233 ? -4.936  -1.306  -13.672 1.00 171.38 ? 233 GLN A NE2 1 
# 
